data_6M13
#
_entry.id   6M13
#
_cell.length_a   59.450
_cell.length_b   111.360
_cell.length_c   263.860
_cell.angle_alpha   90.000
_cell.angle_beta   90.000
_cell.angle_gamma   90.000
#
_symmetry.space_group_name_H-M   'P 21 21 21'
#
loop_
_entity.id
_entity.type
_entity.pdbx_description
1 polymer 'Ribonuclease L'
2 non-polymer 5-[(Z)-(5-fluoranyl-2-oxidanylidene-1H-indol-3-ylidene)methyl]-2,4-dimethyl-N-(2-pyrrolidin-1-ylethyl)-1H-pyrrole-3-carboxamide
3 non-polymer '[[(2R,3R,4R,5R)-5-(6-aminopurin-9-yl)-4-[[(2R,3R,4R,5R)-5-(6-aminopurin-9-yl)-4-[[(2R,3S,4R,5R)-5-(6-aminopurin-9-yl)-3,4-dihydroxy-oxolan-2-yl]methoxy-hydroxy-phosphoryl]oxy-3-hydroxy-oxolan-2-yl]methoxy-hydroxy-phosphoryl]oxy-3-hydroxy-oxolan-2-yl]methoxy-hydroxy-phosphoryl] phosphono hydrogen phosphate'
4 non-polymer 'PHOSPHATE ION'
5 water water
#
_entity_poly.entity_id   1
_entity_poly.type   'polypeptide(L)'
_entity_poly.pdbx_seq_one_letter_code
;GAMDPASLEEMLTQAVQEADIEQVRQLLERGADANFQEEEWGWSPLHSAVQMDSEDLVALLLKHGADPCLRKRNGATPFI
IAGITGNVRLLQLLLPNVEDVNECDVNGFTAFMEAAVYGRVEALRFLYENGADVNMHRKTKQDQERIRKGGATALMDAAE
KGHVGVVTILLHAMKAEVDARDNMGRNALVYALLNPDDGKAKAITRLLLDHGADVNVRGEGSKTPLILAVERKNLDLVQM
LLEQEQIEVNDTDREGKTALLLAVELRLEEIAKLLCHRGASTNCGDLVAIARRNYDSDLVKFLRLHKAGEDFRPPAENWK
PQSSRWGEALKHLHRIWRPMIGKLKIFIDEEYKIADTAEGGIYLGLYEDQEVAVKRFSEGSTRGQQEVSCLQSSRANDNV
VTFYGSESDGSCLHVCLALCEYTLQEHLANHRGDAVPNEEDESARNILSSLFKAIGELHRSGYSHQDLQPQNILIDSKNG
TFLADFDKSIKWAEDPQKIKRDLEALGLLVLYVVKKGDISFETLKNQSFEEVIQGSPDEETRDLIHHLFHPGDNVEDRLS
SLLAHPFFWSWESRYRTLRDVGNESDIKTRNQNSRILQLLQPGTSELSTSFAQWTTKIDSFVMEEMNAYYKKISKKKKAK
HTNEGNLYQDTLGDLLKFIRNLGEHINEQKNKKMKSIIGEPSQYFQEKFPDLVMYVYTKLQNTEYMKHFPKTHNPNK
;
_entity_poly.pdbx_strand_id   a,b
#
# COMPACT_ATOMS: atom_id res chain seq x y z
N SER A 7 -13.24 3.96 -45.20
CA SER A 7 -14.69 3.61 -45.18
C SER A 7 -15.15 2.55 -46.22
N LEU A 8 -14.21 2.02 -47.02
CA LEU A 8 -14.47 0.92 -47.94
C LEU A 8 -14.05 -0.42 -47.33
N GLU A 9 -12.81 -0.52 -46.89
CA GLU A 9 -12.34 -1.69 -46.16
C GLU A 9 -13.16 -1.88 -44.89
N GLU A 10 -13.61 -0.77 -44.31
CA GLU A 10 -14.50 -0.82 -43.14
C GLU A 10 -15.74 -1.68 -43.32
N MET A 11 -16.39 -1.58 -44.49
CA MET A 11 -17.56 -2.41 -44.76
C MET A 11 -17.19 -3.77 -45.32
N LEU A 12 -15.96 -3.92 -45.82
CA LEU A 12 -15.43 -5.29 -46.02
C LEU A 12 -15.29 -6.01 -44.69
N THR A 13 -14.67 -5.33 -43.71
CA THR A 13 -14.56 -5.92 -42.37
C THR A 13 -15.97 -6.20 -41.80
N GLN A 14 -16.86 -5.23 -41.96
CA GLN A 14 -18.21 -5.35 -41.43
C GLN A 14 -18.96 -6.47 -42.12
N ALA A 15 -18.73 -6.64 -43.42
CA ALA A 15 -19.42 -7.66 -44.21
C ALA A 15 -18.99 -9.06 -43.82
N VAL A 16 -17.70 -9.24 -43.54
CA VAL A 16 -17.20 -10.56 -43.14
C VAL A 16 -17.72 -11.02 -41.77
N GLN A 17 -17.92 -10.09 -40.84
CA GLN A 17 -18.48 -10.42 -39.52
C GLN A 17 -19.96 -10.76 -39.58
N GLU A 18 -20.72 -10.08 -40.45
CA GLU A 18 -22.13 -10.43 -40.67
C GLU A 18 -22.26 -11.70 -41.52
N ALA A 19 -21.16 -12.16 -42.11
CA ALA A 19 -21.17 -13.35 -42.99
C ALA A 19 -22.13 -13.20 -44.19
N ASP A 20 -22.13 -11.99 -44.75
CA ASP A 20 -22.83 -11.69 -46.00
C ASP A 20 -21.88 -11.93 -47.20
N ILE A 21 -21.96 -13.11 -47.79
CA ILE A 21 -20.93 -13.57 -48.71
C ILE A 21 -20.91 -12.80 -50.03
N GLU A 22 -22.09 -12.50 -50.57
CA GLU A 22 -22.17 -11.75 -51.83
C GLU A 22 -21.49 -10.38 -51.71
N GLN A 23 -21.81 -9.67 -50.63
CA GLN A 23 -21.21 -8.36 -50.40
C GLN A 23 -19.68 -8.47 -50.29
N VAL A 24 -19.16 -9.57 -49.76
CA VAL A 24 -17.70 -9.78 -49.71
C VAL A 24 -17.13 -9.92 -51.11
N ARG A 25 -17.83 -10.68 -51.96
CA ARG A 25 -17.43 -10.79 -53.37
C ARG A 25 -17.48 -9.43 -54.07
N GLN A 26 -18.54 -8.67 -53.82
CA GLN A 26 -18.75 -7.39 -54.52
C GLN A 26 -17.58 -6.44 -54.26
N LEU A 27 -17.16 -6.40 -53.01
CA LEU A 27 -16.15 -5.43 -52.58
C LEU A 27 -14.76 -5.84 -52.98
N LEU A 28 -14.52 -7.14 -53.09
CA LEU A 28 -13.23 -7.60 -53.67
C LEU A 28 -13.18 -7.30 -55.17
N GLU A 29 -14.30 -7.54 -55.86
CA GLU A 29 -14.44 -7.09 -57.25
C GLU A 29 -14.26 -5.56 -57.35
N ARG A 30 -14.77 -4.85 -56.34
CA ARG A 30 -14.65 -3.39 -56.30
C ARG A 30 -13.27 -2.86 -55.94
N GLY A 31 -12.35 -3.70 -55.48
CA GLY A 31 -10.98 -3.31 -55.15
C GLY A 31 -10.63 -3.19 -53.67
N ALA A 32 -11.47 -3.74 -52.78
CA ALA A 32 -11.19 -3.67 -51.35
C ALA A 32 -9.98 -4.54 -50.99
N ASP A 33 -9.07 -3.97 -50.20
CA ASP A 33 -7.83 -4.68 -49.85
C ASP A 33 -8.15 -5.77 -48.83
N ALA A 34 -7.80 -7.01 -49.18
CA ALA A 34 -8.06 -8.16 -48.32
C ALA A 34 -6.96 -8.38 -47.25
N ASN A 35 -5.82 -7.69 -47.41
CA ASN A 35 -4.76 -7.69 -46.40
C ASN A 35 -4.73 -6.41 -45.57
N PHE A 36 -5.87 -5.76 -45.47
CA PHE A 36 -6.07 -4.63 -44.56
C PHE A 36 -5.99 -5.10 -43.12
N GLN A 37 -5.15 -4.45 -42.32
CA GLN A 37 -5.07 -4.76 -40.89
C GLN A 37 -5.51 -3.54 -40.11
N GLU A 38 -6.53 -3.72 -39.28
CA GLU A 38 -6.93 -2.69 -38.32
C GLU A 38 -5.80 -2.47 -37.32
N GLU A 39 -5.47 -1.22 -37.07
CA GLU A 39 -4.24 -0.84 -36.37
C GLU A 39 -4.19 -1.16 -34.88
N GLU A 40 -5.36 -1.31 -34.25
CA GLU A 40 -5.39 -1.56 -32.80
C GLU A 40 -4.77 -2.92 -32.48
N TRP A 41 -5.29 -3.98 -33.09
CA TRP A 41 -4.88 -5.35 -32.82
C TRP A 41 -4.38 -6.16 -34.02
N GLY A 42 -4.47 -5.60 -35.22
CA GLY A 42 -3.90 -6.24 -36.43
C GLY A 42 -4.75 -7.31 -37.12
N TRP A 43 -6.05 -7.33 -36.85
CA TRP A 43 -6.91 -8.38 -37.40
C TRP A 43 -7.13 -8.10 -38.88
N SER A 44 -6.92 -9.15 -39.67
CA SER A 44 -7.22 -9.19 -41.09
C SER A 44 -8.60 -9.81 -41.30
N PRO A 45 -9.23 -9.52 -42.45
CA PRO A 45 -10.47 -10.25 -42.79
C PRO A 45 -10.26 -11.76 -42.90
N LEU A 46 -9.07 -12.18 -43.30
CA LEU A 46 -8.75 -13.62 -43.33
C LEU A 46 -8.58 -14.20 -41.92
N HIS A 47 -7.91 -13.45 -41.03
CA HIS A 47 -7.89 -13.79 -39.61
C HIS A 47 -9.32 -13.96 -39.05
N SER A 48 -10.15 -12.94 -39.25
CA SER A 48 -11.53 -12.95 -38.72
C SER A 48 -12.40 -14.03 -39.35
N ALA A 49 -12.11 -14.40 -40.59
CA ALA A 49 -12.86 -15.45 -41.28
C ALA A 49 -12.59 -16.82 -40.67
N VAL A 50 -11.30 -17.12 -40.46
CA VAL A 50 -10.92 -18.39 -39.84
C VAL A 50 -11.50 -18.52 -38.42
N GLN A 51 -11.48 -17.43 -37.64
CA GLN A 51 -12.03 -17.45 -36.28
C GLN A 51 -13.54 -17.72 -36.22
N MET A 52 -14.29 -17.29 -37.22
CA MET A 52 -15.76 -17.47 -37.20
C MET A 52 -16.21 -18.78 -37.86
N ASP A 53 -15.23 -19.57 -38.33
CA ASP A 53 -15.49 -20.83 -39.02
C ASP A 53 -16.51 -20.68 -40.15
N SER A 54 -16.07 -20.02 -41.21
CA SER A 54 -16.83 -19.99 -42.47
C SER A 54 -15.85 -20.21 -43.61
N GLU A 55 -15.74 -21.46 -44.07
CA GLU A 55 -14.85 -21.83 -45.20
C GLU A 55 -15.19 -21.09 -46.46
N ASP A 56 -16.50 -20.84 -46.71
CA ASP A 56 -16.90 -20.03 -47.88
C ASP A 56 -16.15 -18.68 -47.97
N LEU A 57 -16.07 -18.01 -46.81
CA LEU A 57 -15.34 -16.75 -46.69
C LEU A 57 -13.83 -16.90 -46.75
N VAL A 58 -13.32 -18.02 -46.23
CA VAL A 58 -11.88 -18.31 -46.29
C VAL A 58 -11.47 -18.49 -47.75
N ALA A 59 -12.35 -19.12 -48.54
CA ALA A 59 -12.08 -19.43 -49.94
C ALA A 59 -12.08 -18.17 -50.80
N LEU A 60 -13.11 -17.33 -50.63
CA LEU A 60 -13.23 -16.12 -51.44
C LEU A 60 -12.11 -15.14 -51.20
N LEU A 61 -11.66 -15.02 -49.96
CA LEU A 61 -10.55 -14.13 -49.63
C LEU A 61 -9.23 -14.65 -50.18
N LEU A 62 -9.01 -15.96 -50.06
CA LEU A 62 -7.83 -16.58 -50.67
C LEU A 62 -7.84 -16.52 -52.20
N LYS A 63 -9.04 -16.55 -52.78
CA LYS A 63 -9.24 -16.30 -54.21
C LYS A 63 -8.67 -14.96 -54.67
N HIS A 64 -8.68 -13.95 -53.79
CA HIS A 64 -8.24 -12.61 -54.10
C HIS A 64 -6.87 -12.21 -53.51
N GLY A 65 -6.00 -13.20 -53.30
CA GLY A 65 -4.59 -12.96 -52.96
C GLY A 65 -4.25 -12.58 -51.52
N ALA A 66 -5.19 -12.74 -50.60
CA ALA A 66 -4.95 -12.46 -49.19
C ALA A 66 -3.90 -13.43 -48.62
N ASP A 67 -2.85 -12.87 -48.01
CA ASP A 67 -1.73 -13.65 -47.48
C ASP A 67 -2.14 -14.44 -46.24
N PRO A 68 -1.94 -15.76 -46.25
CA PRO A 68 -2.30 -16.58 -45.08
C PRO A 68 -1.23 -16.72 -43.99
N CYS A 69 -0.08 -16.07 -44.16
CA CYS A 69 0.92 -15.93 -43.11
C CYS A 69 1.11 -14.45 -42.73
N LEU A 70 0.02 -13.68 -42.80
CA LEU A 70 0.05 -12.29 -42.34
C LEU A 70 -0.20 -12.28 -40.85
N ARG A 71 0.59 -11.51 -40.10
CA ARG A 71 0.59 -11.60 -38.64
C ARG A 71 -0.09 -10.42 -38.02
N LYS A 72 -0.92 -10.68 -37.01
CA LYS A 72 -1.59 -9.62 -36.23
C LYS A 72 -0.69 -9.18 -35.08
N ARG A 73 -1.17 -8.41 -34.11
CA ARG A 73 -0.29 -7.79 -33.11
C ARG A 73 0.56 -8.82 -32.34
N ASN A 74 -0.06 -9.92 -31.94
CA ASN A 74 0.64 -10.97 -31.23
C ASN A 74 1.41 -11.93 -32.12
N GLY A 75 1.55 -11.62 -33.42
CA GLY A 75 2.30 -12.45 -34.34
C GLY A 75 1.60 -13.65 -34.91
N ALA A 76 0.36 -13.92 -34.50
CA ALA A 76 -0.46 -15.01 -35.01
C ALA A 76 -0.85 -14.81 -36.47
N THR A 77 -0.79 -15.91 -37.22
CA THR A 77 -1.23 -16.00 -38.61
C THR A 77 -2.59 -16.70 -38.65
N PRO A 78 -3.37 -16.50 -39.71
CA PRO A 78 -4.66 -17.18 -39.80
C PRO A 78 -4.55 -18.70 -39.89
N PHE A 79 -3.36 -19.21 -40.20
CA PHE A 79 -3.08 -20.63 -40.05
C PHE A 79 -3.08 -21.08 -38.59
N ILE A 80 -2.33 -20.38 -37.75
CA ILE A 80 -2.29 -20.65 -36.29
C ILE A 80 -3.66 -20.47 -35.65
N ILE A 81 -4.42 -19.46 -36.11
CA ILE A 81 -5.81 -19.29 -35.66
C ILE A 81 -6.70 -20.45 -36.05
N ALA A 82 -6.33 -21.15 -37.13
CA ALA A 82 -7.11 -22.32 -37.56
C ALA A 82 -7.00 -23.47 -36.59
N GLY A 83 -5.84 -23.60 -35.95
CA GLY A 83 -5.67 -24.56 -34.85
C GLY A 83 -6.69 -24.42 -33.74
N ILE A 84 -7.01 -23.17 -33.41
CA ILE A 84 -8.00 -22.85 -32.38
C ILE A 84 -9.40 -23.21 -32.86
N THR A 85 -9.74 -22.90 -34.11
CA THR A 85 -11.07 -23.19 -34.61
C THR A 85 -11.30 -24.69 -34.69
N GLY A 86 -10.26 -25.42 -35.08
CA GLY A 86 -10.29 -26.89 -35.18
C GLY A 86 -11.20 -27.51 -36.25
N ASN A 87 -11.48 -26.70 -37.27
CA ASN A 87 -12.03 -27.20 -38.52
C ASN A 87 -10.87 -27.52 -39.48
N VAL A 88 -10.79 -28.78 -39.90
CA VAL A 88 -9.67 -29.27 -40.69
C VAL A 88 -9.61 -28.79 -42.15
N ARG A 89 -10.78 -28.53 -42.72
CA ARG A 89 -10.87 -28.07 -44.11
C ARG A 89 -10.33 -26.66 -44.30
N LEU A 90 -10.40 -25.83 -43.24
CA LEU A 90 -9.70 -24.54 -43.22
C LEU A 90 -8.18 -24.72 -43.25
N LEU A 91 -7.69 -25.68 -42.49
CA LEU A 91 -6.25 -26.00 -42.46
C LEU A 91 -5.75 -26.55 -43.80
N GLN A 92 -6.63 -27.32 -44.47
CA GLN A 92 -6.36 -27.82 -45.82
C GLN A 92 -6.18 -26.65 -46.79
N LEU A 93 -7.09 -25.68 -46.72
CA LEU A 93 -7.10 -24.55 -47.63
C LEU A 93 -5.87 -23.62 -47.52
N LEU A 94 -5.27 -23.53 -46.34
CA LEU A 94 -4.15 -22.62 -46.11
C LEU A 94 -2.77 -23.25 -46.17
N LEU A 95 -2.68 -24.56 -45.93
CA LEU A 95 -1.37 -25.25 -45.90
C LEU A 95 -0.53 -25.08 -47.19
N PRO A 96 -1.16 -25.16 -48.40
CA PRO A 96 -0.38 -24.93 -49.61
C PRO A 96 0.42 -23.63 -49.65
N ASN A 97 -0.01 -22.61 -48.89
CA ASN A 97 0.70 -21.32 -48.90
C ASN A 97 1.71 -21.09 -47.76
N VAL A 98 1.82 -22.02 -46.81
CA VAL A 98 2.50 -21.71 -45.54
C VAL A 98 3.91 -22.25 -45.59
N GLU A 99 4.88 -21.35 -45.43
CA GLU A 99 6.31 -21.69 -45.53
C GLU A 99 6.74 -22.74 -44.51
N ASP A 100 6.35 -22.54 -43.25
CA ASP A 100 6.63 -23.47 -42.16
C ASP A 100 5.35 -23.74 -41.38
N VAL A 101 5.10 -25.01 -41.09
CA VAL A 101 3.90 -25.41 -40.34
C VAL A 101 4.07 -25.19 -38.82
N ASN A 102 5.33 -25.06 -38.37
CA ASN A 102 5.67 -24.73 -36.98
C ASN A 102 5.91 -23.23 -36.80
N GLU A 103 5.32 -22.41 -37.65
CA GLU A 103 5.38 -20.95 -37.44
C GLU A 103 4.69 -20.64 -36.13
N CYS A 104 5.24 -19.69 -35.38
CA CYS A 104 4.71 -19.36 -34.05
C CYS A 104 4.36 -17.89 -33.95
N ASP A 105 3.54 -17.54 -32.98
CA ASP A 105 3.27 -16.14 -32.66
C ASP A 105 4.37 -15.59 -31.75
N VAL A 106 4.24 -14.33 -31.33
CA VAL A 106 5.28 -13.69 -30.53
C VAL A 106 5.52 -14.39 -29.18
N ASN A 107 4.52 -15.11 -28.67
CA ASN A 107 4.65 -15.86 -27.42
C ASN A 107 4.99 -17.35 -27.62
N GLY A 108 5.26 -17.75 -28.87
CA GLY A 108 5.68 -19.12 -29.19
C GLY A 108 4.58 -20.14 -29.50
N PHE A 109 3.34 -19.69 -29.65
CA PHE A 109 2.23 -20.60 -29.91
C PHE A 109 2.16 -21.01 -31.38
N THR A 110 2.02 -22.31 -31.62
CA THR A 110 1.88 -22.89 -32.94
C THR A 110 0.46 -23.36 -33.12
N ALA A 111 0.11 -23.62 -34.37
CA ALA A 111 -1.20 -24.13 -34.70
C ALA A 111 -1.47 -25.47 -33.99
N PHE A 112 -0.41 -26.26 -33.76
CA PHE A 112 -0.58 -27.55 -33.11
C PHE A 112 -0.89 -27.40 -31.64
N MET A 113 -0.15 -26.52 -30.96
CA MET A 113 -0.45 -26.13 -29.57
C MET A 113 -1.88 -25.60 -29.38
N GLU A 114 -2.28 -24.71 -30.29
CA GLU A 114 -3.62 -24.15 -30.22
C GLU A 114 -4.68 -25.19 -30.42
N ALA A 115 -4.39 -26.24 -31.19
CA ALA A 115 -5.29 -27.40 -31.27
C ALA A 115 -5.31 -28.16 -29.96
N ALA A 116 -4.14 -28.26 -29.31
CA ALA A 116 -4.08 -28.92 -27.99
C ALA A 116 -4.79 -28.12 -26.91
N VAL A 117 -4.61 -26.79 -26.93
CA VAL A 117 -5.25 -25.90 -25.95
C VAL A 117 -6.76 -25.96 -26.07
N TYR A 118 -7.28 -25.88 -27.29
CA TYR A 118 -8.75 -25.87 -27.48
C TYR A 118 -9.35 -27.26 -27.66
N GLY A 119 -8.54 -28.30 -27.48
CA GLY A 119 -9.02 -29.67 -27.45
C GLY A 119 -9.58 -30.15 -28.77
N ARG A 120 -8.95 -29.74 -29.85
CA ARG A 120 -9.43 -30.01 -31.21
C ARG A 120 -8.72 -31.26 -31.73
N VAL A 121 -9.34 -32.40 -31.47
CA VAL A 121 -8.80 -33.72 -31.77
C VAL A 121 -8.55 -33.96 -33.28
N GLU A 122 -9.53 -33.62 -34.08
CA GLU A 122 -9.49 -33.87 -35.52
C GLU A 122 -8.39 -33.01 -36.16
N ALA A 123 -8.29 -31.75 -35.74
CA ALA A 123 -7.26 -30.84 -36.23
C ALA A 123 -5.87 -31.25 -35.80
N LEU A 124 -5.71 -31.77 -34.59
CA LEU A 124 -4.33 -32.12 -34.12
C LEU A 124 -3.77 -33.31 -34.88
N ARG A 125 -4.62 -34.27 -35.24
CA ARG A 125 -4.22 -35.38 -36.12
C ARG A 125 -3.72 -34.88 -37.50
N PHE A 126 -4.50 -34.04 -38.15
CA PHE A 126 -4.14 -33.46 -39.45
C PHE A 126 -2.73 -32.88 -39.44
N LEU A 127 -2.50 -31.97 -38.51
CA LEU A 127 -1.22 -31.29 -38.39
C LEU A 127 -0.10 -32.24 -38.02
N TYR A 128 -0.43 -33.29 -37.26
CA TYR A 128 0.58 -34.31 -36.93
C TYR A 128 1.14 -34.99 -38.16
N GLU A 129 0.25 -35.41 -39.05
CA GLU A 129 0.63 -36.04 -40.31
C GLU A 129 1.43 -35.12 -41.24
N ASN A 130 1.18 -33.81 -41.11
CA ASN A 130 1.71 -32.79 -42.01
C ASN A 130 2.97 -32.11 -41.48
N GLY A 131 3.65 -32.72 -40.52
CA GLY A 131 4.99 -32.26 -40.09
C GLY A 131 5.05 -31.40 -38.84
N ALA A 132 3.93 -31.29 -38.12
CA ALA A 132 3.93 -30.51 -36.87
C ALA A 132 4.86 -31.16 -35.84
N ASP A 133 5.66 -30.33 -35.17
CA ASP A 133 6.50 -30.79 -34.07
C ASP A 133 5.65 -30.92 -32.80
N VAL A 134 5.60 -32.12 -32.24
CA VAL A 134 4.76 -32.45 -31.11
C VAL A 134 5.40 -32.00 -29.79
N ASN A 135 6.72 -32.10 -29.70
CA ASN A 135 7.49 -31.79 -28.49
C ASN A 135 8.16 -30.43 -28.61
N MET A 136 7.43 -29.47 -29.12
CA MET A 136 8.02 -28.15 -29.32
C MET A 136 7.84 -27.34 -28.06
N HIS A 137 8.88 -26.65 -27.59
CA HIS A 137 8.74 -25.70 -26.50
C HIS A 137 8.47 -24.32 -27.07
N ARG A 138 7.76 -23.48 -26.33
CA ARG A 138 7.42 -22.13 -26.79
C ARG A 138 8.59 -21.17 -26.61
N LYS A 139 9.07 -20.56 -27.69
CA LYS A 139 10.09 -19.51 -27.62
C LYS A 139 9.36 -18.17 -27.59
N THR A 140 9.62 -17.39 -26.55
CA THR A 140 8.92 -16.13 -26.36
C THR A 140 9.89 -14.97 -26.43
N LYS A 141 9.39 -13.76 -26.25
CA LYS A 141 10.22 -12.56 -26.21
C LYS A 141 11.20 -12.58 -25.04
N GLN A 142 12.29 -11.84 -25.19
CA GLN A 142 13.39 -11.80 -24.22
C GLN A 142 12.99 -11.34 -22.82
N ASP A 143 12.05 -10.41 -22.71
CA ASP A 143 11.56 -9.97 -21.40
C ASP A 143 10.91 -11.11 -20.65
N GLN A 144 10.14 -11.94 -21.34
CA GLN A 144 9.44 -13.05 -20.74
C GLN A 144 10.33 -14.25 -20.39
N GLU A 145 11.41 -14.44 -21.16
CA GLU A 145 12.32 -15.54 -20.91
C GLU A 145 13.23 -15.27 -19.74
N ARG A 146 13.60 -14.01 -19.55
CA ARG A 146 14.46 -13.63 -18.41
C ARG A 146 13.75 -13.76 -17.05
N ILE A 147 12.43 -13.81 -17.08
CA ILE A 147 11.65 -14.19 -15.90
C ILE A 147 11.16 -15.64 -15.99
N ARG A 148 11.84 -16.44 -16.81
CA ARG A 148 11.64 -17.87 -16.90
C ARG A 148 10.21 -18.28 -17.25
N LYS A 149 9.54 -17.46 -18.06
CA LYS A 149 8.24 -17.85 -18.59
C LYS A 149 8.43 -18.48 -19.97
N GLY A 150 7.39 -19.17 -20.43
CA GLY A 150 7.43 -19.86 -21.71
C GLY A 150 8.09 -21.22 -21.56
N GLY A 151 8.29 -21.86 -22.70
CA GLY A 151 8.83 -23.21 -22.77
C GLY A 151 7.82 -24.35 -22.61
N ALA A 152 6.52 -24.04 -22.63
CA ALA A 152 5.51 -25.07 -22.44
C ALA A 152 5.29 -25.83 -23.74
N THR A 153 4.65 -26.99 -23.64
CA THR A 153 4.45 -27.88 -24.77
C THR A 153 2.98 -28.19 -24.93
N ALA A 154 2.63 -28.83 -26.04
CA ALA A 154 1.27 -29.19 -26.32
C ALA A 154 0.64 -30.10 -25.26
N LEU A 155 1.45 -30.98 -24.69
CA LEU A 155 0.94 -31.90 -23.66
C LEU A 155 0.57 -31.16 -22.37
N MET A 156 1.43 -30.24 -21.97
CA MET A 156 1.18 -29.37 -20.79
C MET A 156 -0.09 -28.54 -20.96
N ASP A 157 -0.31 -28.01 -22.17
CA ASP A 157 -1.55 -27.28 -22.46
C ASP A 157 -2.77 -28.20 -22.41
N ALA A 158 -2.63 -29.40 -22.98
CA ALA A 158 -3.72 -30.36 -22.95
C ALA A 158 -4.02 -30.80 -21.53
N ALA A 159 -2.96 -31.04 -20.75
CA ALA A 159 -3.14 -31.51 -19.37
C ALA A 159 -3.85 -30.44 -18.51
N GLU A 160 -3.43 -29.18 -18.64
CA GLU A 160 -3.97 -28.11 -17.82
C GLU A 160 -5.45 -27.87 -18.08
N LYS A 161 -5.81 -27.82 -19.37
CA LYS A 161 -7.22 -27.63 -19.71
C LYS A 161 -8.08 -28.87 -19.58
N GLY A 162 -7.48 -29.99 -19.19
CA GLY A 162 -8.22 -31.19 -18.83
C GLY A 162 -8.71 -32.04 -19.99
N HIS A 163 -8.21 -31.79 -21.20
CA HIS A 163 -8.68 -32.52 -22.39
C HIS A 163 -8.06 -33.90 -22.38
N VAL A 164 -8.84 -34.87 -21.91
CA VAL A 164 -8.37 -36.24 -21.77
C VAL A 164 -8.15 -36.89 -23.15
N GLY A 165 -9.07 -36.63 -24.07
CA GLY A 165 -8.96 -37.10 -25.44
C GLY A 165 -7.61 -36.77 -26.04
N VAL A 166 -7.23 -35.51 -25.92
CA VAL A 166 -6.00 -35.00 -26.53
C VAL A 166 -4.74 -35.58 -25.86
N VAL A 167 -4.78 -35.78 -24.54
CA VAL A 167 -3.59 -36.27 -23.85
C VAL A 167 -3.29 -37.71 -24.23
N THR A 168 -4.33 -38.54 -24.29
CA THR A 168 -4.22 -39.95 -24.68
C THR A 168 -3.53 -40.08 -26.08
N ILE A 169 -4.09 -39.39 -27.05
CA ILE A 169 -3.58 -39.40 -28.42
C ILE A 169 -2.12 -38.95 -28.49
N LEU A 170 -1.80 -37.85 -27.80
CA LEU A 170 -0.45 -37.31 -27.81
C LEU A 170 0.60 -38.32 -27.31
N LEU A 171 0.29 -38.97 -26.19
CA LEU A 171 1.26 -39.87 -25.57
C LEU A 171 1.38 -41.16 -26.38
N HIS A 172 0.24 -41.70 -26.81
CA HIS A 172 0.20 -43.02 -27.44
C HIS A 172 0.52 -42.94 -28.93
N ALA A 173 -0.32 -42.19 -29.67
CA ALA A 173 -0.18 -42.07 -31.12
C ALA A 173 0.99 -41.20 -31.62
N MET A 174 1.36 -40.15 -30.86
CA MET A 174 2.20 -39.08 -31.39
C MET A 174 3.59 -38.91 -30.73
N LYS A 175 3.99 -39.89 -29.91
CA LYS A 175 5.36 -39.94 -29.35
C LYS A 175 5.65 -38.69 -28.49
N ALA A 176 4.64 -38.18 -27.79
CA ALA A 176 4.83 -36.99 -26.95
C ALA A 176 5.74 -37.30 -25.75
N GLU A 177 6.73 -36.44 -25.50
CA GLU A 177 7.57 -36.54 -24.30
C GLU A 177 6.76 -36.15 -23.08
N VAL A 178 6.68 -37.04 -22.11
CA VAL A 178 5.84 -36.80 -20.93
C VAL A 178 6.56 -35.96 -19.88
N ASP A 179 7.87 -36.12 -19.77
CA ASP A 179 8.64 -35.37 -18.80
C ASP A 179 9.38 -34.16 -19.39
N ALA A 180 8.91 -33.65 -20.54
CA ALA A 180 9.34 -32.35 -21.03
C ALA A 180 9.04 -31.27 -19.98
N ARG A 181 9.95 -30.31 -19.85
CA ARG A 181 9.82 -29.24 -18.87
C ARG A 181 9.77 -27.90 -19.58
N ASP A 182 9.07 -26.95 -18.95
CA ASP A 182 9.10 -25.54 -19.38
C ASP A 182 10.28 -24.80 -18.74
N ASN A 183 10.46 -23.52 -19.06
CA ASN A 183 11.61 -22.77 -18.55
C ASN A 183 11.59 -22.62 -17.02
N MET A 184 10.42 -22.67 -16.41
CA MET A 184 10.36 -22.59 -14.95
C MET A 184 10.64 -23.94 -14.28
N GLY A 185 10.57 -25.02 -15.05
CA GLY A 185 10.87 -26.39 -14.58
C GLY A 185 9.68 -27.29 -14.38
N ARG A 186 8.52 -26.86 -14.85
CA ARG A 186 7.27 -27.60 -14.66
C ARG A 186 7.07 -28.67 -15.75
N ASN A 187 6.46 -29.78 -15.35
CA ASN A 187 6.07 -30.87 -16.23
C ASN A 187 4.56 -30.81 -16.48
N ALA A 188 4.07 -31.75 -17.27
CA ALA A 188 2.63 -31.81 -17.54
C ALA A 188 1.87 -32.31 -16.31
N LEU A 189 2.55 -33.03 -15.42
CA LEU A 189 1.91 -33.53 -14.19
C LEU A 189 1.39 -32.40 -13.29
N VAL A 190 2.22 -31.37 -13.10
CA VAL A 190 1.80 -30.25 -12.27
C VAL A 190 0.68 -29.43 -12.95
N TYR A 191 0.78 -29.26 -14.26
CA TYR A 191 -0.32 -28.65 -15.03
C TYR A 191 -1.63 -29.43 -14.85
N ALA A 192 -1.51 -30.76 -14.86
CA ALA A 192 -2.66 -31.64 -14.73
C ALA A 192 -3.34 -31.47 -13.38
N LEU A 193 -2.55 -31.37 -12.33
CA LEU A 193 -3.07 -31.27 -10.96
C LEU A 193 -3.71 -29.92 -10.60
N LEU A 194 -3.60 -28.92 -11.46
CA LEU A 194 -4.24 -27.65 -11.23
C LEU A 194 -5.63 -27.55 -11.83
N ASN A 195 -6.07 -28.56 -12.59
CA ASN A 195 -7.38 -28.47 -13.23
C ASN A 195 -8.52 -28.69 -12.19
N PRO A 196 -9.52 -27.80 -12.14
CA PRO A 196 -10.58 -27.94 -11.13
C PRO A 196 -11.45 -29.22 -11.21
N ASP A 197 -11.64 -29.79 -12.39
CA ASP A 197 -12.47 -30.99 -12.52
C ASP A 197 -11.75 -32.24 -12.05
N ASP A 198 -12.32 -32.92 -11.03
CA ASP A 198 -11.65 -34.08 -10.43
C ASP A 198 -11.54 -35.25 -11.40
N GLY A 199 -12.62 -35.54 -12.11
CA GLY A 199 -12.63 -36.63 -13.07
C GLY A 199 -11.51 -36.56 -14.09
N LYS A 200 -11.51 -35.47 -14.86
CA LYS A 200 -10.50 -35.25 -15.89
C LYS A 200 -9.08 -35.19 -15.30
N ALA A 201 -8.94 -34.62 -14.11
CA ALA A 201 -7.66 -34.62 -13.43
C ALA A 201 -7.21 -36.04 -13.10
N LYS A 202 -8.14 -36.87 -12.63
CA LYS A 202 -7.83 -38.27 -12.27
C LYS A 202 -7.30 -39.07 -13.48
N ALA A 203 -8.00 -38.95 -14.61
CA ALA A 203 -7.61 -39.69 -15.81
C ALA A 203 -6.22 -39.28 -16.33
N ILE A 204 -5.99 -37.98 -16.38
CA ILE A 204 -4.79 -37.43 -16.99
C ILE A 204 -3.59 -37.76 -16.13
N THR A 205 -3.73 -37.69 -14.80
CA THR A 205 -2.59 -37.98 -13.95
C THR A 205 -2.19 -39.46 -14.12
N ARG A 206 -3.18 -40.34 -14.20
CA ARG A 206 -2.93 -41.76 -14.44
C ARG A 206 -2.08 -42.00 -15.70
N LEU A 207 -2.53 -41.44 -16.82
CA LEU A 207 -1.78 -41.55 -18.07
C LEU A 207 -0.33 -41.09 -17.92
N LEU A 208 -0.16 -39.85 -17.45
CA LEU A 208 1.15 -39.23 -17.34
C LEU A 208 2.07 -40.04 -16.42
N LEU A 209 1.51 -40.60 -15.34
CA LEU A 209 2.30 -41.42 -14.42
C LEU A 209 2.86 -42.69 -15.08
N ASP A 210 2.00 -43.42 -15.78
CA ASP A 210 2.39 -44.66 -16.43
C ASP A 210 3.45 -44.48 -17.53
N HIS A 211 3.50 -43.29 -18.14
CA HIS A 211 4.53 -42.98 -19.13
C HIS A 211 5.86 -42.53 -18.53
N GLY A 212 5.88 -42.28 -17.21
CA GLY A 212 7.10 -41.90 -16.50
C GLY A 212 7.27 -40.39 -16.28
N ALA A 213 6.16 -39.74 -15.96
CA ALA A 213 6.22 -38.33 -15.52
C ALA A 213 6.86 -38.27 -14.14
N ASP A 214 7.91 -37.46 -14.00
CA ASP A 214 8.55 -37.22 -12.70
C ASP A 214 7.49 -36.67 -11.73
N VAL A 215 7.51 -37.21 -10.52
CA VAL A 215 6.57 -36.82 -9.48
C VAL A 215 7.26 -35.94 -8.41
N ASN A 216 8.57 -35.78 -8.50
CA ASN A 216 9.33 -34.90 -7.62
C ASN A 216 9.77 -33.68 -8.41
N VAL A 217 8.78 -32.82 -8.69
CA VAL A 217 9.02 -31.61 -9.47
C VAL A 217 8.24 -30.48 -8.80
N ARG A 218 8.64 -29.25 -9.10
CA ARG A 218 8.17 -28.09 -8.36
C ARG A 218 7.42 -27.09 -9.23
N GLY A 219 6.21 -26.75 -8.80
CA GLY A 219 5.36 -25.78 -9.49
C GLY A 219 5.33 -24.43 -8.79
N GLU A 220 4.20 -23.72 -8.91
CA GLU A 220 4.01 -22.45 -8.19
C GLU A 220 4.16 -22.67 -6.68
N GLY A 221 4.78 -21.72 -5.99
CA GLY A 221 4.97 -21.83 -4.55
C GLY A 221 5.94 -22.92 -4.11
N SER A 222 6.72 -23.43 -5.07
CA SER A 222 7.62 -24.57 -4.84
C SER A 222 6.87 -25.84 -4.34
N LYS A 223 5.59 -25.95 -4.73
CA LYS A 223 4.74 -27.03 -4.31
C LYS A 223 5.04 -28.26 -5.17
N THR A 224 4.95 -29.42 -4.55
CA THR A 224 5.09 -30.68 -5.22
C THR A 224 3.72 -31.11 -5.74
N PRO A 225 3.71 -32.12 -6.64
CA PRO A 225 2.45 -32.73 -7.04
C PRO A 225 1.61 -33.25 -5.88
N LEU A 226 2.26 -33.87 -4.89
CA LEU A 226 1.53 -34.46 -3.75
C LEU A 226 0.87 -33.36 -2.93
N ILE A 227 1.61 -32.30 -2.64
CA ILE A 227 1.06 -31.16 -1.91
C ILE A 227 -0.17 -30.58 -2.62
N LEU A 228 -0.07 -30.43 -3.93
CA LEU A 228 -1.21 -29.93 -4.74
C LEU A 228 -2.42 -30.84 -4.61
N ALA A 229 -2.18 -32.15 -4.55
CA ALA A 229 -3.26 -33.13 -4.39
C ALA A 229 -3.90 -33.07 -3.01
N VAL A 230 -3.10 -32.76 -1.99
CA VAL A 230 -3.64 -32.64 -0.64
C VAL A 230 -4.47 -31.38 -0.49
N GLU A 231 -3.94 -30.25 -0.97
CA GLU A 231 -4.67 -28.97 -0.93
C GLU A 231 -5.96 -29.04 -1.73
N ARG A 232 -6.01 -29.91 -2.74
CA ARG A 232 -7.23 -30.12 -3.52
C ARG A 232 -8.29 -30.95 -2.77
N LYS A 233 -7.87 -31.67 -1.73
CA LYS A 233 -8.76 -32.52 -0.88
C LYS A 233 -9.21 -33.77 -1.61
N ASN A 234 -8.34 -34.37 -2.42
CA ASN A 234 -8.71 -35.51 -3.27
C ASN A 234 -7.84 -36.71 -2.94
N LEU A 235 -8.41 -37.64 -2.20
CA LEU A 235 -7.67 -38.83 -1.76
C LEU A 235 -7.22 -39.71 -2.91
N ASP A 236 -7.95 -39.71 -4.01
CA ASP A 236 -7.61 -40.52 -5.18
C ASP A 236 -6.26 -40.14 -5.80
N LEU A 237 -6.09 -38.86 -6.07
CA LEU A 237 -4.84 -38.36 -6.64
C LEU A 237 -3.68 -38.56 -5.64
N VAL A 238 -3.98 -38.61 -4.35
CA VAL A 238 -2.97 -38.89 -3.33
C VAL A 238 -2.50 -40.34 -3.48
N GLN A 239 -3.45 -41.27 -3.59
CA GLN A 239 -3.12 -42.72 -3.79
C GLN A 239 -2.27 -42.96 -5.06
N MET A 240 -2.66 -42.33 -6.16
CA MET A 240 -1.96 -42.52 -7.44
C MET A 240 -0.50 -42.10 -7.35
N LEU A 241 -0.23 -41.01 -6.65
CA LEU A 241 1.12 -40.46 -6.55
C LEU A 241 1.87 -41.22 -5.47
N LEU A 242 1.21 -41.70 -4.44
CA LEU A 242 1.82 -42.61 -3.46
C LEU A 242 2.23 -44.00 -4.00
N GLU A 243 1.70 -44.42 -5.14
CA GLU A 243 1.99 -45.74 -5.70
C GLU A 243 3.44 -45.80 -6.16
N GLN A 244 3.96 -44.69 -6.67
CA GLN A 244 5.39 -44.56 -7.00
C GLN A 244 6.11 -44.53 -5.68
N GLU A 245 7.21 -45.31 -5.57
CA GLU A 245 7.94 -45.35 -4.32
C GLU A 245 9.10 -44.37 -4.24
N GLN A 246 9.58 -43.89 -5.39
CA GLN A 246 10.69 -42.93 -5.40
C GLN A 246 10.24 -41.49 -5.11
N ILE A 247 8.93 -41.29 -4.89
CA ILE A 247 8.41 -40.01 -4.42
C ILE A 247 8.91 -39.65 -3.02
N GLU A 248 9.23 -38.38 -2.82
CA GLU A 248 9.73 -37.86 -1.55
C GLU A 248 8.58 -37.32 -0.73
N VAL A 249 8.14 -38.08 0.26
CA VAL A 249 6.95 -37.71 1.01
C VAL A 249 7.22 -36.55 1.97
N ASN A 250 8.47 -36.39 2.36
CA ASN A 250 8.88 -35.31 3.25
C ASN A 250 9.55 -34.18 2.46
N ASP A 251 8.90 -33.75 1.38
CA ASP A 251 9.26 -32.52 0.69
C ASP A 251 8.44 -31.39 1.25
N THR A 252 9.03 -30.20 1.25
CA THR A 252 8.37 -29.04 1.82
C THR A 252 8.30 -27.90 0.82
N ASP A 253 7.17 -27.18 0.78
CA ASP A 253 6.98 -26.04 -0.15
C ASP A 253 7.76 -24.79 0.30
N ARG A 254 7.50 -23.62 -0.28
CA ARG A 254 8.16 -22.37 0.12
C ARG A 254 7.89 -22.03 1.56
N GLU A 255 6.66 -22.23 2.02
CA GLU A 255 6.29 -21.81 3.39
C GLU A 255 6.87 -22.73 4.47
N GLY A 256 7.55 -23.81 4.09
CA GLY A 256 8.08 -24.79 5.04
C GLY A 256 7.09 -25.88 5.45
N LYS A 257 5.91 -25.94 4.81
CA LYS A 257 4.89 -26.91 5.14
C LYS A 257 5.03 -28.19 4.31
N THR A 258 4.72 -29.32 4.93
CA THR A 258 4.86 -30.65 4.29
C THR A 258 3.48 -31.20 3.95
N ALA A 259 3.44 -32.21 3.10
CA ALA A 259 2.14 -32.71 2.63
C ALA A 259 1.22 -33.20 3.77
N LEU A 260 1.82 -33.88 4.74
CA LEU A 260 1.10 -34.33 5.92
C LEU A 260 0.53 -33.20 6.76
N LEU A 261 1.37 -32.21 7.02
CA LEU A 261 1.02 -31.05 7.84
C LEU A 261 -0.26 -30.39 7.31
N LEU A 262 -0.26 -30.15 6.00
CA LEU A 262 -1.41 -29.54 5.36
C LEU A 262 -2.65 -30.38 5.49
N ALA A 263 -2.49 -31.71 5.38
CA ALA A 263 -3.62 -32.64 5.51
C ALA A 263 -4.24 -32.56 6.89
N VAL A 264 -3.40 -32.48 7.91
CA VAL A 264 -3.91 -32.32 9.27
C VAL A 264 -4.60 -30.96 9.42
N GLU A 265 -3.91 -29.90 8.99
CA GLU A 265 -4.46 -28.53 9.00
C GLU A 265 -5.80 -28.43 8.26
N LEU A 266 -5.91 -29.15 7.14
CA LEU A 266 -7.10 -29.12 6.29
C LEU A 266 -8.24 -30.06 6.71
N ARG A 267 -8.10 -30.76 7.84
CA ARG A 267 -9.20 -31.57 8.40
C ARG A 267 -9.49 -32.82 7.57
N LEU A 268 -8.43 -33.55 7.21
CA LEU A 268 -8.56 -34.68 6.27
C LEU A 268 -7.98 -35.95 6.87
N GLU A 269 -8.84 -36.67 7.59
CA GLU A 269 -8.50 -37.86 8.34
C GLU A 269 -7.93 -38.99 7.45
N GLU A 270 -8.73 -39.34 6.46
CA GLU A 270 -8.43 -40.40 5.49
C GLU A 270 -7.07 -40.15 4.87
N ILE A 271 -6.83 -38.91 4.42
CA ILE A 271 -5.60 -38.53 3.74
C ILE A 271 -4.41 -38.53 4.72
N ALA A 272 -4.64 -38.07 5.94
CA ALA A 272 -3.58 -38.03 6.95
C ALA A 272 -3.07 -39.43 7.28
N LYS A 273 -3.98 -40.32 7.64
CA LYS A 273 -3.64 -41.73 7.97
C LYS A 273 -2.84 -42.40 6.84
N LEU A 274 -3.37 -42.28 5.61
CA LEU A 274 -2.71 -42.87 4.44
C LEU A 274 -1.28 -42.32 4.24
N LEU A 275 -1.09 -41.03 4.52
CA LEU A 275 0.22 -40.41 4.40
C LEU A 275 1.20 -40.97 5.43
N CYS A 276 0.75 -41.16 6.68
CA CYS A 276 1.61 -41.71 7.73
C CYS A 276 2.03 -43.14 7.39
N HIS A 277 1.05 -43.91 6.91
CA HIS A 277 1.28 -45.30 6.50
C HIS A 277 2.14 -45.46 5.25
N ARG A 278 2.67 -44.35 4.70
CA ARG A 278 3.63 -44.37 3.62
C ARG A 278 4.92 -43.63 3.92
N GLY A 279 5.21 -43.45 5.20
CA GLY A 279 6.49 -42.94 5.67
C GLY A 279 6.58 -41.43 5.90
N ALA A 280 5.42 -40.77 5.98
CA ALA A 280 5.40 -39.32 6.20
C ALA A 280 5.85 -39.01 7.62
N SER A 281 6.95 -38.27 7.76
CA SER A 281 7.48 -37.89 9.06
C SER A 281 6.50 -36.98 9.82
N THR A 282 6.46 -37.17 11.13
CA THR A 282 5.62 -36.37 12.01
C THR A 282 6.45 -35.31 12.74
N ASN A 283 7.65 -35.00 12.24
CA ASN A 283 8.50 -33.94 12.79
C ASN A 283 8.46 -32.67 11.92
N CYS A 284 7.26 -32.36 11.43
CA CYS A 284 7.03 -31.17 10.62
C CYS A 284 6.19 -30.14 11.37
N GLY A 285 5.68 -30.46 12.57
CA GLY A 285 4.62 -29.66 13.18
C GLY A 285 3.79 -30.45 14.18
N ASP A 286 3.08 -29.75 15.05
CA ASP A 286 2.45 -30.42 16.19
C ASP A 286 1.05 -30.80 15.79
N LEU A 287 0.96 -31.99 15.18
CA LEU A 287 -0.26 -32.38 14.50
C LEU A 287 -1.46 -32.55 15.43
N VAL A 288 -1.21 -33.02 16.64
CA VAL A 288 -2.32 -33.34 17.54
C VAL A 288 -2.96 -32.06 18.05
N ALA A 289 -2.16 -31.04 18.34
CA ALA A 289 -2.68 -29.71 18.67
C ALA A 289 -3.57 -29.17 17.56
N ILE A 290 -3.12 -29.38 16.32
CA ILE A 290 -3.85 -28.96 15.13
C ILE A 290 -5.15 -29.75 14.94
N ALA A 291 -5.09 -31.06 15.14
CA ALA A 291 -6.30 -31.89 15.01
C ALA A 291 -7.24 -31.63 16.16
N ARG A 292 -6.69 -31.40 17.36
CA ARG A 292 -7.50 -31.08 18.53
C ARG A 292 -8.27 -29.80 18.30
N ARG A 293 -7.59 -28.80 17.73
CA ARG A 293 -8.19 -27.50 17.39
C ARG A 293 -9.31 -27.63 16.38
N ASN A 294 -9.17 -28.60 15.47
CA ASN A 294 -10.18 -28.89 14.45
C ASN A 294 -11.33 -29.78 14.96
N TYR A 295 -11.28 -30.18 16.23
CA TYR A 295 -12.26 -31.07 16.83
C TYR A 295 -12.40 -32.40 16.06
N ASP A 296 -11.29 -32.97 15.59
CA ASP A 296 -11.30 -34.31 15.04
C ASP A 296 -10.74 -35.28 16.09
N SER A 297 -11.59 -35.62 17.06
CA SER A 297 -11.31 -36.70 18.04
C SER A 297 -10.63 -37.95 17.46
N ASP A 298 -11.13 -38.47 16.35
CA ASP A 298 -10.61 -39.73 15.79
C ASP A 298 -9.19 -39.60 15.28
N LEU A 299 -8.87 -38.45 14.70
CA LEU A 299 -7.51 -38.21 14.17
C LEU A 299 -6.53 -37.95 15.30
N VAL A 300 -6.97 -37.32 16.39
CA VAL A 300 -6.15 -37.09 17.57
C VAL A 300 -5.71 -38.44 18.12
N LYS A 301 -6.68 -39.35 18.23
CA LYS A 301 -6.41 -40.73 18.68
C LYS A 301 -5.38 -41.41 17.77
N PHE A 302 -5.56 -41.28 16.45
CA PHE A 302 -4.66 -41.92 15.49
C PHE A 302 -3.21 -41.42 15.63
N LEU A 303 -3.05 -40.11 15.63
CA LEU A 303 -1.71 -39.52 15.75
C LEU A 303 -1.09 -39.92 17.10
N ARG A 304 -1.94 -39.98 18.14
CA ARG A 304 -1.50 -40.45 19.45
C ARG A 304 -1.11 -41.92 19.46
N LEU A 305 -1.94 -42.77 18.86
CA LEU A 305 -1.62 -44.22 18.84
C LEU A 305 -0.38 -44.49 17.98
N HIS A 306 -0.10 -43.62 17.00
CA HIS A 306 1.13 -43.71 16.20
C HIS A 306 2.27 -42.94 16.82
N LYS A 307 2.03 -42.25 17.93
CA LYS A 307 3.04 -41.33 18.43
C LYS A 307 4.13 -42.05 19.23
N ALA A 308 5.39 -41.77 18.89
CA ALA A 308 6.55 -42.22 19.69
C ALA A 308 7.18 -41.00 20.40
N GLY A 309 6.68 -40.73 21.60
CA GLY A 309 7.09 -39.55 22.38
C GLY A 309 6.08 -38.42 22.18
N PRO A 314 8.81 -27.61 18.20
CA PRO A 314 8.43 -26.21 18.02
C PRO A 314 9.60 -25.33 17.53
N PRO A 315 9.32 -24.24 16.81
CA PRO A 315 10.39 -23.36 16.30
C PRO A 315 11.09 -22.52 17.42
N ALA A 316 11.72 -21.41 17.02
CA ALA A 316 12.08 -20.34 17.95
C ALA A 316 11.42 -19.04 17.49
N GLU A 317 10.93 -18.25 18.45
CA GLU A 317 10.14 -17.04 18.14
C GLU A 317 11.07 -15.84 17.95
N ASN A 318 11.48 -15.62 16.73
CA ASN A 318 12.24 -14.45 16.29
C ASN A 318 11.58 -13.04 16.37
N TRP A 319 10.31 -12.98 15.99
CA TRP A 319 9.61 -11.78 15.53
C TRP A 319 9.49 -10.74 16.62
N LYS A 320 9.75 -9.48 16.25
CA LYS A 320 9.74 -8.37 17.19
C LYS A 320 8.86 -7.24 16.63
N PRO A 321 7.97 -6.69 17.46
CA PRO A 321 7.15 -5.57 17.00
C PRO A 321 7.93 -4.26 17.10
N GLN A 322 7.56 -3.28 16.27
CA GLN A 322 8.17 -1.96 16.36
C GLN A 322 7.42 -1.02 17.28
N SER A 323 6.12 -1.22 17.45
CA SER A 323 5.34 -0.38 18.37
C SER A 323 5.64 -0.81 19.79
N SER A 324 5.80 0.17 20.67
CA SER A 324 6.06 -0.13 22.07
C SER A 324 4.76 -0.13 22.90
N ARG A 325 3.83 0.75 22.56
CA ARG A 325 2.50 0.71 23.19
C ARG A 325 1.77 -0.61 22.92
N TRP A 326 1.81 -1.07 21.68
CA TRP A 326 1.09 -2.28 21.26
C TRP A 326 1.99 -3.51 21.17
N GLY A 327 3.26 -3.39 21.57
CA GLY A 327 4.24 -4.48 21.42
C GLY A 327 3.82 -5.82 22.00
N GLU A 328 3.41 -5.81 23.27
CA GLU A 328 3.10 -7.08 23.96
C GLU A 328 1.88 -7.79 23.39
N ALA A 329 0.88 -7.04 22.95
CA ALA A 329 -0.31 -7.67 22.34
C ALA A 329 0.01 -8.25 20.96
N LEU A 330 0.88 -7.58 20.20
CA LEU A 330 1.25 -8.07 18.87
C LEU A 330 2.10 -9.31 18.96
N LYS A 331 3.02 -9.34 19.92
CA LYS A 331 3.77 -10.58 20.20
C LYS A 331 2.84 -11.76 20.47
N HIS A 332 1.77 -11.52 21.21
CA HIS A 332 0.76 -12.56 21.44
C HIS A 332 0.01 -12.95 20.17
N LEU A 333 -0.44 -11.97 19.40
CA LEU A 333 -1.16 -12.26 18.16
C LEU A 333 -0.27 -13.00 17.15
N HIS A 334 1.02 -12.66 17.11
CA HIS A 334 1.94 -13.39 16.26
C HIS A 334 2.10 -14.86 16.68
N ARG A 335 2.01 -15.13 17.97
CA ARG A 335 2.28 -16.48 18.49
C ARG A 335 1.07 -17.41 18.31
N ILE A 336 -0.13 -16.90 18.50
CA ILE A 336 -1.33 -17.74 18.39
C ILE A 336 -1.58 -18.15 16.95
N TRP A 337 -2.48 -19.10 16.78
CA TRP A 337 -2.89 -19.52 15.46
C TRP A 337 -4.19 -18.83 15.15
N ARG A 338 -4.29 -18.33 13.93
CA ARG A 338 -5.50 -17.77 13.39
C ARG A 338 -5.60 -18.13 11.93
N PRO A 339 -6.82 -18.26 11.41
CA PRO A 339 -6.97 -18.37 9.97
C PRO A 339 -6.68 -17.04 9.32
N MET A 340 -6.13 -17.09 8.12
CA MET A 340 -5.82 -15.90 7.38
C MET A 340 -7.04 -15.43 6.59
N ILE A 341 -7.24 -14.12 6.54
CA ILE A 341 -8.20 -13.52 5.61
C ILE A 341 -7.36 -12.84 4.53
N GLY A 342 -7.15 -13.55 3.42
CA GLY A 342 -6.17 -13.12 2.44
C GLY A 342 -4.81 -13.00 3.08
N LYS A 343 -4.27 -11.78 3.14
CA LYS A 343 -2.96 -11.53 3.72
C LYS A 343 -3.04 -11.02 5.16
N LEU A 344 -4.25 -11.04 5.75
CA LEU A 344 -4.50 -10.45 7.06
C LEU A 344 -4.69 -11.53 8.13
N LYS A 345 -3.99 -11.35 9.24
CA LYS A 345 -4.16 -12.16 10.43
C LYS A 345 -4.71 -11.28 11.56
N ILE A 346 -5.89 -11.59 12.04
CA ILE A 346 -6.59 -10.81 13.03
C ILE A 346 -7.42 -11.72 13.95
N PHE A 347 -7.56 -11.30 15.21
CA PHE A 347 -8.39 -11.99 16.18
C PHE A 347 -9.26 -10.99 16.90
N ILE A 348 -10.57 -11.14 16.81
CA ILE A 348 -11.50 -10.21 17.43
C ILE A 348 -11.66 -10.56 18.92
N ASP A 349 -10.89 -9.86 19.75
CA ASP A 349 -10.88 -10.02 21.20
C ASP A 349 -10.43 -8.69 21.82
N GLU A 350 -10.90 -8.40 23.02
CA GLU A 350 -10.62 -7.10 23.66
C GLU A 350 -9.13 -6.87 23.88
N GLU A 351 -8.36 -7.95 24.03
CA GLU A 351 -6.91 -7.79 24.18
C GLU A 351 -6.27 -7.10 22.97
N TYR A 352 -6.84 -7.30 21.79
CA TYR A 352 -6.27 -6.77 20.56
C TYR A 352 -7.04 -5.58 20.02
N LYS A 353 -7.89 -4.98 20.83
CA LYS A 353 -8.74 -3.88 20.39
C LYS A 353 -8.03 -2.55 20.64
N ILE A 354 -8.05 -1.69 19.64
CA ILE A 354 -7.42 -0.38 19.72
C ILE A 354 -8.43 0.65 20.16
N ALA A 355 -9.61 0.64 19.54
CA ALA A 355 -10.63 1.64 19.75
C ALA A 355 -12.01 1.19 19.25
N ASP A 356 -13.04 1.97 19.58
CA ASP A 356 -14.44 1.68 19.20
C ASP A 356 -14.85 2.57 18.06
N THR A 357 -15.72 2.07 17.18
CA THR A 357 -16.16 2.84 16.01
C THR A 357 -17.66 2.81 15.85
N ALA A 358 -18.12 3.55 14.84
CA ALA A 358 -19.51 3.58 14.43
C ALA A 358 -19.99 2.25 13.83
N GLU A 359 -19.08 1.45 13.29
CA GLU A 359 -19.38 0.05 12.93
C GLU A 359 -18.10 -0.76 12.88
N GLY A 360 -17.85 -1.63 13.87
CA GLY A 360 -16.84 -2.67 13.71
C GLY A 360 -15.65 -2.67 14.65
N GLY A 361 -15.17 -1.49 15.06
CA GLY A 361 -14.02 -1.38 15.97
C GLY A 361 -12.70 -1.33 15.22
N ILE A 362 -11.66 -0.86 15.92
CA ILE A 362 -10.30 -0.86 15.39
C ILE A 362 -9.52 -1.90 16.14
N TYR A 363 -8.94 -2.88 15.42
CA TYR A 363 -8.19 -3.96 16.05
C TYR A 363 -6.79 -4.08 15.48
N LEU A 364 -5.85 -4.52 16.32
CA LEU A 364 -4.52 -4.85 15.87
C LEU A 364 -4.62 -6.02 14.92
N GLY A 365 -3.71 -6.06 13.94
CA GLY A 365 -3.66 -7.08 12.95
C GLY A 365 -2.24 -7.26 12.45
N LEU A 366 -2.04 -8.29 11.63
CA LEU A 366 -0.80 -8.47 10.91
C LEU A 366 -1.14 -8.63 9.43
N TYR A 367 -0.56 -7.77 8.61
CA TYR A 367 -0.76 -7.80 7.17
C TYR A 367 0.60 -8.02 6.53
N GLU A 368 0.76 -9.14 5.80
CA GLU A 368 2.05 -9.57 5.24
C GLU A 368 3.13 -9.55 6.31
N ASP A 369 2.74 -10.02 7.49
CA ASP A 369 3.60 -10.00 8.67
C ASP A 369 4.03 -8.63 9.20
N GLN A 370 3.41 -7.56 8.68
CA GLN A 370 3.65 -6.21 9.18
C GLN A 370 2.49 -5.88 10.10
N GLU A 371 2.79 -5.15 11.17
CA GLU A 371 1.77 -4.72 12.12
C GLU A 371 0.89 -3.63 11.54
N VAL A 372 -0.42 -3.74 11.72
CA VAL A 372 -1.35 -2.74 11.23
C VAL A 372 -2.54 -2.58 12.15
N ALA A 373 -3.28 -1.50 11.94
CA ALA A 373 -4.57 -1.24 12.57
C ALA A 373 -5.63 -1.58 11.57
N VAL A 374 -6.66 -2.31 12.01
CA VAL A 374 -7.63 -2.87 11.11
C VAL A 374 -9.00 -2.29 11.44
N LYS A 375 -9.50 -1.47 10.53
CA LYS A 375 -10.81 -0.88 10.68
C LYS A 375 -11.80 -1.74 9.89
N ARG A 376 -12.85 -2.19 10.58
CA ARG A 376 -13.79 -3.16 10.02
C ARG A 376 -15.11 -2.52 9.61
N PHE A 377 -15.63 -2.93 8.48
CA PHE A 377 -16.96 -2.54 8.06
C PHE A 377 -17.72 -3.79 7.59
N SER A 378 -19.04 -3.64 7.49
CA SER A 378 -19.86 -4.63 6.78
C SER A 378 -19.45 -4.53 5.31
N GLU A 379 -19.38 -5.66 4.63
CA GLU A 379 -18.83 -5.67 3.26
C GLU A 379 -19.67 -4.85 2.29
N GLY A 380 -20.95 -4.59 2.64
CA GLY A 380 -21.79 -3.71 1.86
C GLY A 380 -21.74 -2.22 2.18
N SER A 381 -21.22 -1.89 3.38
CA SER A 381 -21.20 -0.52 3.91
C SER A 381 -20.78 0.53 2.90
N THR A 382 -21.60 1.55 2.74
CA THR A 382 -21.22 2.75 1.98
C THR A 382 -20.00 3.44 2.63
N ARG A 383 -20.00 3.49 3.97
CA ARG A 383 -18.89 4.04 4.70
C ARG A 383 -17.55 3.32 4.37
N GLY A 384 -17.58 2.01 4.38
CA GLY A 384 -16.43 1.17 4.01
C GLY A 384 -15.96 1.43 2.59
N GLN A 385 -16.89 1.74 1.68
CA GLN A 385 -16.53 2.08 0.30
C GLN A 385 -15.84 3.41 0.16
N GLN A 386 -16.35 4.43 0.86
CA GLN A 386 -15.72 5.77 0.76
C GLN A 386 -14.34 5.80 1.45
N GLU A 387 -14.15 4.98 2.48
CA GLU A 387 -12.90 4.96 3.21
C GLU A 387 -11.85 4.44 2.25
N VAL A 388 -12.12 3.30 1.62
CA VAL A 388 -11.16 2.65 0.74
C VAL A 388 -10.89 3.51 -0.50
N SER A 389 -11.92 4.11 -1.05
CA SER A 389 -11.75 4.95 -2.23
C SER A 389 -10.84 6.15 -1.95
N CYS A 390 -11.04 6.81 -0.81
CA CYS A 390 -10.21 7.95 -0.42
C CYS A 390 -8.79 7.52 -0.03
N LEU A 391 -8.66 6.42 0.71
CA LEU A 391 -7.34 5.90 1.02
C LEU A 391 -6.53 5.52 -0.23
N GLN A 392 -7.16 4.89 -1.22
CA GLN A 392 -6.42 4.49 -2.39
C GLN A 392 -5.97 5.66 -3.30
N SER A 393 -6.58 6.83 -3.15
CA SER A 393 -6.12 8.05 -3.83
C SER A 393 -5.11 8.87 -3.02
N SER A 394 -4.76 8.42 -1.82
CA SER A 394 -3.99 9.22 -0.88
C SER A 394 -2.60 8.66 -0.60
N ARG A 395 -2.22 7.64 -1.35
CA ARG A 395 -0.96 6.94 -1.16
C ARG A 395 0.28 7.84 -1.25
N ALA A 396 0.23 8.91 -2.03
CA ALA A 396 1.30 9.96 -2.05
C ALA A 396 1.17 11.07 -1.03
N ASN A 397 0.09 11.11 -0.26
CA ASN A 397 -0.04 12.12 0.78
C ASN A 397 0.78 11.62 2.01
N ASP A 398 1.93 12.25 2.25
CA ASP A 398 2.79 11.87 3.39
C ASP A 398 2.11 11.97 4.77
N ASN A 399 1.18 12.89 4.93
CA ASN A 399 0.55 13.12 6.22
C ASN A 399 -0.84 12.49 6.31
N VAL A 400 -1.07 11.44 5.54
CA VAL A 400 -2.25 10.59 5.71
C VAL A 400 -1.76 9.21 6.06
N VAL A 401 -2.49 8.53 6.92
CA VAL A 401 -2.02 7.28 7.47
C VAL A 401 -1.83 6.29 6.32
N THR A 402 -0.75 5.53 6.38
CA THR A 402 -0.39 4.65 5.29
C THR A 402 -1.40 3.52 5.15
N PHE A 403 -1.78 3.23 3.90
CA PHE A 403 -2.79 2.25 3.59
C PHE A 403 -2.16 1.00 3.01
N TYR A 404 -2.21 -0.09 3.78
CA TYR A 404 -1.63 -1.37 3.34
C TYR A 404 -2.51 -2.06 2.34
N GLY A 405 -3.78 -2.20 2.65
CA GLY A 405 -4.70 -2.89 1.77
C GLY A 405 -6.01 -3.21 2.48
N SER A 406 -6.95 -3.76 1.71
CA SER A 406 -8.24 -4.18 2.21
C SER A 406 -8.44 -5.67 1.92
N GLU A 407 -9.07 -6.37 2.86
CA GLU A 407 -9.33 -7.79 2.72
C GLU A 407 -10.78 -8.02 3.12
N SER A 408 -11.50 -8.82 2.36
CA SER A 408 -12.86 -9.14 2.71
C SER A 408 -13.01 -10.63 2.95
N ASP A 409 -13.86 -11.00 3.87
CA ASP A 409 -14.24 -12.40 4.04
C ASP A 409 -15.67 -12.46 3.51
N GLY A 410 -16.40 -13.51 3.85
CA GLY A 410 -17.82 -13.53 3.55
C GLY A 410 -18.51 -12.17 3.64
N SER A 411 -18.34 -11.49 4.76
CA SER A 411 -19.21 -10.36 5.03
C SER A 411 -18.62 -9.21 5.81
N CYS A 412 -17.31 -9.05 5.78
CA CYS A 412 -16.67 -8.01 6.52
C CYS A 412 -15.49 -7.48 5.73
N LEU A 413 -15.56 -6.18 5.44
CA LEU A 413 -14.47 -5.48 4.77
C LEU A 413 -13.47 -5.03 5.84
N HIS A 414 -12.26 -5.59 5.81
CA HIS A 414 -11.18 -5.19 6.68
C HIS A 414 -10.29 -4.22 5.95
N VAL A 415 -10.15 -3.00 6.51
CA VAL A 415 -9.23 -1.99 6.00
C VAL A 415 -8.01 -1.92 6.93
N CYS A 416 -6.83 -2.21 6.38
CA CYS A 416 -5.60 -2.29 7.18
C CYS A 416 -4.73 -1.03 6.99
N LEU A 417 -4.37 -0.39 8.09
CA LEU A 417 -3.67 0.88 8.07
C LEU A 417 -2.42 0.82 8.93
N ALA A 418 -1.51 1.73 8.69
CA ALA A 418 -0.34 1.85 9.54
C ALA A 418 -0.76 2.05 10.99
N LEU A 419 -0.08 1.33 11.87
CA LEU A 419 -0.34 1.43 13.30
C LEU A 419 0.42 2.62 13.85
N CYS A 420 -0.28 3.50 14.54
CA CYS A 420 0.35 4.64 15.18
C CYS A 420 0.30 4.48 16.67
N GLU A 421 1.17 5.23 17.38
CA GLU A 421 1.27 5.09 18.83
C GLU A 421 0.02 5.68 19.51
N TYR A 422 -0.19 6.98 19.33
CA TYR A 422 -1.16 7.73 20.08
C TYR A 422 -2.05 8.58 19.19
N THR A 423 -3.25 8.83 19.69
CA THR A 423 -4.13 9.88 19.18
C THR A 423 -3.50 11.22 19.51
N LEU A 424 -3.89 12.25 18.77
CA LEU A 424 -3.54 13.62 19.10
C LEU A 424 -3.83 13.94 20.57
N GLN A 425 -5.06 13.69 21.01
CA GLN A 425 -5.50 13.85 22.41
C GLN A 425 -4.56 13.17 23.42
N GLU A 426 -4.23 11.93 23.21
CA GLU A 426 -3.37 11.20 24.14
C GLU A 426 -1.96 11.85 24.09
N HIS A 427 -1.52 12.21 22.90
CA HIS A 427 -0.19 12.73 22.72
C HIS A 427 -0.02 14.08 23.44
N LEU A 428 -1.05 14.92 23.36
CA LEU A 428 -1.01 16.19 24.07
C LEU A 428 -1.01 16.02 25.59
N ALA A 429 -1.76 15.03 26.07
CA ALA A 429 -1.78 14.70 27.49
C ALA A 429 -0.40 14.23 27.99
N ASN A 430 0.26 13.34 27.26
CA ASN A 430 1.61 12.83 27.65
C ASN A 430 2.68 13.90 27.71
N HIS A 431 2.58 14.89 26.84
CA HIS A 431 3.57 15.97 26.77
C HIS A 431 3.11 17.26 27.41
N ARG A 432 2.03 17.20 28.19
CA ARG A 432 1.42 18.41 28.73
C ARG A 432 2.29 19.05 29.73
N GLY A 433 3.03 18.25 30.52
CA GLY A 433 4.01 18.79 31.49
C GLY A 433 5.43 18.99 31.00
N ASP A 434 5.68 19.05 29.69
CA ASP A 434 7.06 19.19 29.17
C ASP A 434 7.59 20.61 29.24
N ALA A 435 6.74 21.59 28.93
CA ALA A 435 7.17 22.99 28.82
C ALA A 435 6.68 23.81 30.01
N VAL A 436 7.42 24.88 30.31
CA VAL A 436 6.98 25.80 31.35
C VAL A 436 5.86 26.67 30.74
N PRO A 437 4.96 27.20 31.58
CA PRO A 437 3.80 27.99 31.14
C PRO A 437 3.96 28.95 29.97
N ASN A 438 5.01 29.78 29.94
CA ASN A 438 5.09 30.84 28.93
C ASN A 438 6.17 30.71 27.86
N GLU A 439 6.53 29.48 27.49
CA GLU A 439 7.53 29.28 26.45
C GLU A 439 6.91 29.08 25.08
N GLU A 440 7.69 29.37 24.05
CA GLU A 440 7.27 29.24 22.68
C GLU A 440 6.90 27.79 22.34
N ASP A 441 5.75 27.62 21.65
CA ASP A 441 5.23 26.27 21.41
C ASP A 441 5.52 25.83 19.99
N GLU A 442 6.74 25.34 19.79
CA GLU A 442 7.17 24.75 18.52
C GLU A 442 6.27 23.56 18.13
N SER A 443 5.90 22.77 19.10
CA SER A 443 5.20 21.51 18.82
C SER A 443 3.80 21.78 18.19
N ALA A 444 3.09 22.80 18.63
CA ALA A 444 1.84 23.18 18.06
C ALA A 444 2.01 23.54 16.59
N ARG A 445 3.08 24.26 16.25
CA ARG A 445 3.36 24.58 14.84
C ARG A 445 3.59 23.35 13.98
N ASN A 446 4.36 22.36 14.48
CA ASN A 446 4.67 21.19 13.67
C ASN A 446 3.44 20.37 13.42
N ILE A 447 2.70 20.13 14.47
CA ILE A 447 1.44 19.39 14.36
C ILE A 447 0.50 20.08 13.35
N LEU A 448 0.34 21.39 13.49
CA LEU A 448 -0.64 22.09 12.67
C LEU A 448 -0.20 22.24 11.21
N SER A 449 1.09 22.50 10.98
CA SER A 449 1.59 22.55 9.60
C SER A 449 1.47 21.21 8.91
N SER A 450 1.73 20.12 9.64
CA SER A 450 1.45 18.78 9.12
C SER A 450 -0.02 18.62 8.71
N LEU A 451 -0.96 19.05 9.57
CA LEU A 451 -2.38 18.95 9.25
C LEU A 451 -2.75 19.79 8.04
N PHE A 452 -2.24 21.02 7.96
CA PHE A 452 -2.53 21.87 6.84
C PHE A 452 -2.11 21.21 5.53
N LYS A 453 -0.93 20.62 5.51
CA LYS A 453 -0.45 19.90 4.33
C LYS A 453 -1.33 18.72 4.05
N ALA A 454 -1.58 17.94 5.08
CA ALA A 454 -2.45 16.77 4.91
C ALA A 454 -3.84 17.12 4.26
N ILE A 455 -4.53 18.09 4.82
CA ILE A 455 -5.84 18.44 4.36
C ILE A 455 -5.77 19.15 2.99
N GLY A 456 -4.73 19.95 2.81
CA GLY A 456 -4.51 20.63 1.52
C GLY A 456 -4.29 19.63 0.38
N GLU A 457 -3.50 18.60 0.63
CA GLU A 457 -3.22 17.58 -0.36
C GLU A 457 -4.42 16.71 -0.60
N LEU A 458 -5.16 16.42 0.45
CA LEU A 458 -6.43 15.70 0.30
C LEU A 458 -7.43 16.47 -0.61
N HIS A 459 -7.49 17.80 -0.50
CA HIS A 459 -8.36 18.60 -1.35
C HIS A 459 -7.89 18.59 -2.82
N ARG A 460 -6.59 18.76 -3.06
CA ARG A 460 -6.02 18.60 -4.40
C ARG A 460 -6.29 17.20 -4.96
N SER A 461 -6.43 16.21 -4.12
CA SER A 461 -6.77 14.84 -4.50
C SER A 461 -8.25 14.74 -4.91
N GLY A 462 -9.04 15.80 -4.67
CA GLY A 462 -10.49 15.79 -4.92
C GLY A 462 -11.34 15.29 -3.77
N TYR A 463 -10.81 15.27 -2.56
CA TYR A 463 -11.53 14.70 -1.41
C TYR A 463 -11.58 15.66 -0.23
N SER A 464 -12.67 15.58 0.54
CA SER A 464 -12.81 16.33 1.78
C SER A 464 -13.16 15.39 2.89
N HIS A 465 -12.60 15.61 4.08
CA HIS A 465 -12.67 14.65 5.16
C HIS A 465 -14.02 14.60 5.84
N GLN A 466 -14.59 15.75 6.13
CA GLN A 466 -15.94 15.90 6.68
C GLN A 466 -16.13 15.60 8.13
N ASP A 467 -15.08 15.22 8.83
CA ASP A 467 -15.21 14.91 10.27
C ASP A 467 -13.87 15.03 10.95
N LEU A 468 -13.28 16.21 10.85
CA LEU A 468 -11.96 16.46 11.42
C LEU A 468 -12.07 16.73 12.91
N GLN A 469 -11.46 15.85 13.72
CA GLN A 469 -11.44 16.00 15.16
C GLN A 469 -10.23 15.30 15.75
N PRO A 470 -9.90 15.55 17.03
CA PRO A 470 -8.64 15.03 17.54
C PRO A 470 -8.48 13.53 17.60
N GLN A 471 -9.57 12.80 17.60
CA GLN A 471 -9.46 11.32 17.58
C GLN A 471 -9.18 10.77 16.17
N ASN A 472 -9.38 11.56 15.12
CA ASN A 472 -9.00 11.22 13.75
C ASN A 472 -7.59 11.62 13.38
N ILE A 473 -6.76 11.99 14.35
CA ILE A 473 -5.43 12.44 14.08
C ILE A 473 -4.47 11.64 14.94
N LEU A 474 -3.50 10.97 14.31
CA LEU A 474 -2.65 10.01 15.00
C LEU A 474 -1.19 10.43 14.96
N ILE A 475 -0.46 10.09 16.02
CA ILE A 475 0.95 10.43 16.17
C ILE A 475 1.79 9.15 16.20
N ASP A 476 2.82 9.09 15.38
CA ASP A 476 3.63 7.86 15.31
C ASP A 476 4.78 7.95 16.31
N SER A 477 5.61 6.91 16.33
CA SER A 477 6.73 6.82 17.29
C SER A 477 7.73 7.97 17.16
N LYS A 478 7.85 8.55 15.96
CA LYS A 478 8.75 9.67 15.67
C LYS A 478 8.05 11.05 15.73
N ASN A 479 6.93 11.16 16.46
CA ASN A 479 6.19 12.42 16.59
C ASN A 479 5.64 13.03 15.28
N GLY A 480 5.52 12.22 14.23
CA GLY A 480 4.82 12.66 13.03
C GLY A 480 3.29 12.58 13.20
N THR A 481 2.58 13.55 12.65
CA THR A 481 1.15 13.67 12.71
C THR A 481 0.54 13.19 11.40
N PHE A 482 -0.51 12.38 11.51
CA PHE A 482 -1.16 11.75 10.37
C PHE A 482 -2.65 11.88 10.51
N LEU A 483 -3.32 12.12 9.40
CA LEU A 483 -4.77 12.15 9.35
C LEU A 483 -5.29 10.76 9.07
N ALA A 484 -6.34 10.36 9.76
CA ALA A 484 -6.98 9.08 9.48
C ALA A 484 -8.51 9.21 9.46
N ASP A 485 -9.17 8.09 9.24
CA ASP A 485 -10.65 7.94 9.31
C ASP A 485 -11.50 8.64 8.24
N PHE A 486 -11.45 8.15 7.02
CA PHE A 486 -12.13 8.74 5.88
C PHE A 486 -13.49 8.10 5.50
N ASP A 487 -14.22 7.55 6.44
CA ASP A 487 -15.47 6.88 6.15
C ASP A 487 -16.62 7.84 5.82
N LYS A 488 -16.54 9.07 6.30
CA LYS A 488 -17.54 10.10 5.94
C LYS A 488 -17.01 11.09 4.89
N SER A 489 -15.92 10.75 4.19
CA SER A 489 -15.27 11.66 3.26
C SER A 489 -16.07 11.66 2.00
N ILE A 490 -15.91 12.69 1.17
CA ILE A 490 -16.65 12.84 -0.08
C ILE A 490 -15.74 13.40 -1.14
N LYS A 491 -16.05 13.05 -2.38
CA LYS A 491 -15.46 13.75 -3.53
C LYS A 491 -16.12 15.10 -3.59
N TRP A 492 -15.38 16.16 -3.28
CA TRP A 492 -15.98 17.47 -3.04
C TRP A 492 -16.51 18.16 -4.27
N ALA A 493 -16.22 17.66 -5.48
CA ALA A 493 -16.92 18.21 -6.67
C ALA A 493 -18.45 18.04 -6.56
N GLU A 494 -18.90 16.95 -5.94
CA GLU A 494 -20.32 16.76 -5.64
C GLU A 494 -20.96 17.92 -4.88
N ASP A 495 -20.20 18.66 -4.07
CA ASP A 495 -20.68 19.85 -3.38
C ASP A 495 -19.49 20.65 -2.90
N PRO A 496 -18.88 21.49 -3.77
CA PRO A 496 -17.60 22.16 -3.39
C PRO A 496 -17.66 23.04 -2.13
N GLN A 497 -18.86 23.39 -1.73
CA GLN A 497 -19.05 24.24 -0.59
C GLN A 497 -18.94 23.52 0.75
N LYS A 498 -18.91 22.20 0.78
CA LYS A 498 -18.71 21.47 2.04
C LYS A 498 -17.24 21.34 2.43
N ILE A 499 -16.32 21.83 1.61
CA ILE A 499 -14.95 21.99 2.01
C ILE A 499 -14.82 22.90 3.21
N LYS A 500 -15.67 23.90 3.29
CA LYS A 500 -15.65 24.85 4.41
C LYS A 500 -15.77 24.17 5.78
N ARG A 501 -16.43 23.02 5.84
CA ARG A 501 -16.52 22.29 7.08
C ARG A 501 -15.14 21.80 7.53
N ASP A 502 -14.32 21.34 6.58
CA ASP A 502 -12.92 20.99 6.88
C ASP A 502 -12.12 22.16 7.40
N LEU A 503 -12.27 23.31 6.75
CA LEU A 503 -11.57 24.53 7.16
C LEU A 503 -12.01 25.01 8.53
N GLU A 504 -13.29 24.81 8.86
CA GLU A 504 -13.79 25.25 10.16
C GLU A 504 -13.22 24.36 11.26
N ALA A 505 -13.21 23.06 11.02
CA ALA A 505 -12.70 22.14 11.98
C ALA A 505 -11.17 22.38 12.16
N LEU A 506 -10.48 22.77 11.09
CA LEU A 506 -9.10 23.17 11.20
C LEU A 506 -8.92 24.32 12.17
N GLY A 507 -9.78 25.31 12.08
CA GLY A 507 -9.71 26.48 12.95
C GLY A 507 -9.95 26.06 14.40
N LEU A 508 -10.86 25.12 14.64
CA LEU A 508 -11.06 24.64 15.99
C LEU A 508 -9.84 23.82 16.46
N LEU A 509 -9.24 23.04 15.55
CA LEU A 509 -8.06 22.26 15.86
C LEU A 509 -6.86 23.18 16.15
N VAL A 510 -6.82 24.32 15.49
CA VAL A 510 -5.76 25.31 15.77
C VAL A 510 -5.83 25.68 17.25
N LEU A 511 -7.03 26.10 17.69
CA LEU A 511 -7.23 26.50 19.07
C LEU A 511 -6.98 25.34 20.01
N TYR A 512 -7.48 24.15 19.65
CA TYR A 512 -7.34 22.96 20.44
C TYR A 512 -5.85 22.67 20.72
N VAL A 513 -5.02 22.69 19.69
CA VAL A 513 -3.61 22.36 19.82
C VAL A 513 -2.83 23.47 20.51
N VAL A 514 -3.12 24.72 20.20
CA VAL A 514 -2.50 25.86 20.88
C VAL A 514 -2.78 25.85 22.39
N LYS A 515 -3.99 25.45 22.77
CA LYS A 515 -4.35 25.29 24.20
C LYS A 515 -3.84 23.99 24.80
N LYS A 516 -2.97 23.27 24.11
CA LYS A 516 -2.34 22.03 24.57
C LYS A 516 -3.31 20.96 24.99
N GLY A 517 -4.51 21.00 24.43
CA GLY A 517 -5.57 20.05 24.76
C GLY A 517 -6.28 20.26 26.07
N ASP A 518 -6.10 21.42 26.70
CA ASP A 518 -6.81 21.71 27.99
C ASP A 518 -8.28 21.97 27.82
N ILE A 519 -8.63 22.51 26.67
CA ILE A 519 -10.00 22.70 26.28
C ILE A 519 -10.42 21.49 25.46
N SER A 520 -11.55 20.88 25.82
CA SER A 520 -12.07 19.74 25.07
C SER A 520 -12.52 20.21 23.69
N PHE A 521 -12.55 19.28 22.75
CA PHE A 521 -13.00 19.58 21.41
C PHE A 521 -14.51 19.78 21.40
N GLU A 522 -15.24 19.00 22.21
CA GLU A 522 -16.69 19.17 22.38
C GLU A 522 -17.03 20.58 22.84
N THR A 523 -16.28 21.11 23.82
CA THR A 523 -16.49 22.50 24.26
C THR A 523 -16.37 23.46 23.09
N LEU A 524 -15.34 23.25 22.27
CA LEU A 524 -14.99 24.17 21.19
C LEU A 524 -16.00 24.15 20.07
N LYS A 525 -16.57 23.00 19.75
CA LYS A 525 -17.64 22.88 18.74
C LYS A 525 -18.94 23.55 19.21
N ASN A 526 -19.13 23.64 20.52
CA ASN A 526 -20.31 24.29 21.10
C ASN A 526 -20.13 25.78 21.27
N GLN A 527 -18.99 26.30 20.84
CA GLN A 527 -18.77 27.75 20.91
C GLN A 527 -19.12 28.34 19.58
N SER A 528 -19.48 29.62 19.58
CA SER A 528 -19.69 30.33 18.33
C SER A 528 -18.34 30.81 17.81
N PHE A 529 -18.33 31.26 16.55
CA PHE A 529 -17.12 31.78 15.95
C PHE A 529 -16.47 32.88 16.82
N GLU A 530 -17.28 33.83 17.28
CA GLU A 530 -16.77 34.95 18.07
C GLU A 530 -16.20 34.46 19.43
N GLU A 531 -16.81 33.44 20.01
CA GLU A 531 -16.28 32.87 21.25
C GLU A 531 -14.94 32.16 21.02
N VAL A 532 -14.79 31.47 19.89
CA VAL A 532 -13.53 30.82 19.54
C VAL A 532 -12.38 31.83 19.35
N ILE A 533 -12.68 32.97 18.73
CA ILE A 533 -11.68 34.03 18.53
C ILE A 533 -11.28 34.66 19.86
N GLN A 534 -12.24 34.88 20.76
CA GLN A 534 -11.96 35.44 22.07
C GLN A 534 -11.06 34.52 22.93
N GLY A 535 -11.29 33.22 22.81
CA GLY A 535 -10.51 32.23 23.55
C GLY A 535 -9.10 32.04 23.04
N SER A 536 -8.75 32.72 21.94
CA SER A 536 -7.42 32.61 21.38
C SER A 536 -6.43 33.42 22.20
N PRO A 537 -5.25 32.85 22.51
CA PRO A 537 -4.26 33.60 23.31
C PRO A 537 -3.49 34.69 22.59
N ASP A 538 -3.47 34.74 21.26
CA ASP A 538 -2.69 35.76 20.57
C ASP A 538 -3.34 36.18 19.25
N GLU A 539 -2.85 37.27 18.68
CA GLU A 539 -3.37 37.85 17.44
C GLU A 539 -3.03 37.05 16.17
N GLU A 540 -1.93 36.30 16.21
CA GLU A 540 -1.58 35.43 15.10
C GLU A 540 -2.61 34.32 14.99
N THR A 541 -2.91 33.70 16.11
CA THR A 541 -3.90 32.62 16.16
C THR A 541 -5.26 33.14 15.77
N ARG A 542 -5.59 34.35 16.23
CA ARG A 542 -6.89 34.94 15.94
C ARG A 542 -7.03 35.17 14.46
N ASP A 543 -6.04 35.80 13.86
CA ASP A 543 -6.04 36.07 12.43
C ASP A 543 -6.10 34.78 11.62
N LEU A 544 -5.37 33.75 12.02
CA LEU A 544 -5.33 32.50 11.27
C LEU A 544 -6.70 31.84 11.28
N ILE A 545 -7.28 31.71 12.47
CA ILE A 545 -8.62 31.08 12.59
C ILE A 545 -9.66 31.83 11.77
N HIS A 546 -9.57 33.14 11.77
CA HIS A 546 -10.41 34.00 10.97
C HIS A 546 -10.36 33.63 9.51
N HIS A 547 -9.15 33.53 8.97
CA HIS A 547 -8.95 33.14 7.57
C HIS A 547 -9.37 31.72 7.23
N LEU A 548 -9.49 30.85 8.23
CA LEU A 548 -10.04 29.50 7.99
C LEU A 548 -11.58 29.48 7.99
N PHE A 549 -12.21 30.32 8.80
CA PHE A 549 -13.66 30.47 8.75
C PHE A 549 -14.15 31.35 7.60
N HIS A 550 -13.29 32.23 7.07
CA HIS A 550 -13.62 33.12 5.96
C HIS A 550 -12.56 32.96 4.89
N PRO A 551 -12.49 31.78 4.28
CA PRO A 551 -11.47 31.52 3.32
C PRO A 551 -11.70 32.34 2.09
N GLY A 552 -10.79 32.23 1.13
CA GLY A 552 -10.99 32.89 -0.15
C GLY A 552 -11.76 31.95 -1.05
N ASP A 553 -11.18 31.62 -2.19
CA ASP A 553 -11.79 30.65 -3.08
C ASP A 553 -10.68 29.91 -3.77
N ASN A 554 -10.46 28.66 -3.39
CA ASN A 554 -9.37 27.90 -3.97
C ASN A 554 -9.49 26.39 -4.02
N VAL A 555 -9.00 25.86 -5.15
CA VAL A 555 -8.97 24.44 -5.44
C VAL A 555 -7.71 23.89 -4.81
N GLU A 556 -7.77 23.69 -3.50
CA GLU A 556 -6.65 23.20 -2.70
C GLU A 556 -5.33 23.98 -2.85
N ASP A 557 -5.44 25.29 -2.99
CA ASP A 557 -4.31 26.17 -2.99
C ASP A 557 -4.34 26.97 -1.71
N ARG A 558 -5.52 27.24 -1.20
CA ARG A 558 -5.73 28.03 -0.02
C ARG A 558 -4.88 27.61 1.19
N LEU A 559 -4.93 26.34 1.54
CA LEU A 559 -4.21 25.87 2.71
C LEU A 559 -2.69 26.04 2.66
N SER A 560 -2.06 25.77 1.52
CA SER A 560 -0.62 25.95 1.39
C SER A 560 -0.21 27.42 1.56
N SER A 561 -1.07 28.31 1.14
CA SER A 561 -0.82 29.75 1.26
C SER A 561 -0.74 30.21 2.71
N LEU A 562 -1.64 29.72 3.53
CA LEU A 562 -1.65 30.03 4.95
C LEU A 562 -0.44 29.42 5.69
N LEU A 563 0.31 28.50 5.10
CA LEU A 563 1.56 28.06 5.68
C LEU A 563 2.59 29.17 5.76
N ALA A 564 2.40 30.25 5.01
CA ALA A 564 3.23 31.46 5.12
C ALA A 564 2.80 32.47 6.15
N HIS A 565 1.73 32.17 6.85
CA HIS A 565 1.18 33.06 7.85
C HIS A 565 2.10 33.14 9.08
N PRO A 566 2.18 34.32 9.70
CA PRO A 566 3.10 34.47 10.80
C PRO A 566 2.82 33.59 12.03
N PHE A 567 1.64 32.99 12.12
CA PHE A 567 1.44 31.93 13.08
C PHE A 567 2.55 30.83 13.02
N PHE A 568 2.98 30.48 11.81
CA PHE A 568 3.98 29.46 11.62
C PHE A 568 5.40 30.04 11.60
N TRP A 569 5.57 31.33 11.89
CA TRP A 569 6.89 31.92 12.03
C TRP A 569 7.33 31.79 13.47
N SER A 570 8.56 31.34 13.67
CA SER A 570 9.14 31.27 15.01
C SER A 570 9.30 32.64 15.59
N TRP A 571 9.55 32.70 16.88
CA TRP A 571 9.77 33.98 17.55
C TRP A 571 11.01 34.68 17.03
N GLU A 572 12.07 33.92 16.73
CA GLU A 572 13.26 34.54 16.16
C GLU A 572 12.98 35.12 14.79
N SER A 573 12.30 34.35 13.94
CA SER A 573 11.94 34.83 12.60
C SER A 573 11.04 36.10 12.64
N ARG A 574 10.11 36.17 13.58
CA ARG A 574 9.27 37.35 13.72
C ARG A 574 10.12 38.58 14.05
N TYR A 575 10.91 38.43 15.11
CA TYR A 575 11.93 39.44 15.49
C TYR A 575 12.92 39.77 14.34
N ARG A 576 13.35 38.77 13.61
CA ARG A 576 14.22 39.00 12.46
C ARG A 576 13.57 39.81 11.36
N THR A 577 12.27 39.60 11.12
CA THR A 577 11.58 40.35 10.05
C THR A 577 11.34 41.80 10.44
N LEU A 578 11.03 42.05 11.73
CA LEU A 578 10.83 43.40 12.20
C LEU A 578 12.15 44.16 12.18
N ARG A 579 13.26 43.48 12.50
CA ARG A 579 14.58 44.09 12.40
C ARG A 579 14.94 44.42 10.96
N ASP A 580 14.66 43.51 10.04
CA ASP A 580 15.02 43.71 8.64
C ASP A 580 14.20 44.83 7.98
N VAL A 581 12.91 44.92 8.33
CA VAL A 581 12.09 46.00 7.79
C VAL A 581 12.58 47.33 8.35
N GLY A 582 12.83 47.36 9.65
CA GLY A 582 13.37 48.57 10.31
C GLY A 582 14.79 48.99 9.89
N ASN A 583 15.42 48.26 8.98
CA ASN A 583 16.70 48.61 8.42
C ASN A 583 16.59 49.16 7.01
N GLU A 584 15.39 49.24 6.45
CA GLU A 584 15.21 49.89 5.15
C GLU A 584 15.62 51.37 5.24
N SER A 585 16.37 51.82 4.24
CA SER A 585 16.88 53.20 4.17
C SER A 585 15.83 54.25 4.50
N ASP A 586 14.65 54.11 3.91
CA ASP A 586 13.64 55.13 4.04
C ASP A 586 12.91 55.13 5.38
N ILE A 587 13.17 54.13 6.22
CA ILE A 587 12.68 54.14 7.60
C ILE A 587 13.68 54.84 8.52
N LYS A 588 14.96 54.62 8.28
CA LYS A 588 16.01 55.24 9.10
C LYS A 588 16.13 56.74 8.83
N THR A 589 15.89 57.15 7.59
CA THR A 589 15.89 58.58 7.23
C THR A 589 14.52 59.25 7.37
N ARG A 590 13.52 58.51 7.84
CA ARG A 590 12.17 59.02 8.01
C ARG A 590 11.61 59.70 6.74
N ASN A 591 11.99 59.18 5.56
CA ASN A 591 11.47 59.69 4.30
C ASN A 591 10.00 59.31 4.17
N GLN A 592 9.10 60.24 4.50
CA GLN A 592 7.67 59.92 4.62
C GLN A 592 6.94 59.83 3.28
N ASN A 593 7.53 60.34 2.20
CA ASN A 593 6.98 60.09 0.87
C ASN A 593 7.32 58.70 0.34
N SER A 594 8.24 58.00 1.01
CA SER A 594 8.74 56.70 0.53
C SER A 594 7.65 55.68 0.29
N ARG A 595 7.93 54.73 -0.57
CA ARG A 595 6.97 53.66 -0.82
C ARG A 595 6.67 52.79 0.43
N ILE A 596 7.71 52.44 1.20
CA ILE A 596 7.54 51.63 2.39
C ILE A 596 6.64 52.29 3.45
N LEU A 597 6.87 53.57 3.71
CA LEU A 597 6.13 54.27 4.74
C LEU A 597 4.74 54.64 4.32
N GLN A 598 4.51 54.79 3.02
CA GLN A 598 3.16 54.92 2.49
C GLN A 598 2.39 53.61 2.66
N LEU A 599 3.10 52.48 2.58
CA LEU A 599 2.50 51.15 2.79
C LEU A 599 2.16 50.92 4.23
N LEU A 600 2.98 51.44 5.14
CA LEU A 600 2.63 51.33 6.56
C LEU A 600 1.76 52.51 6.97
N GLN A 601 1.25 53.25 5.98
CA GLN A 601 0.49 54.46 6.19
C GLN A 601 -0.46 54.70 7.35
N PRO A 602 -1.57 53.94 7.45
CA PRO A 602 -2.48 54.19 8.56
C PRO A 602 -1.93 53.71 9.89
N GLU A 606 -9.90 52.09 11.09
CA GLU A 606 -8.90 51.38 11.86
C GLU A 606 -9.40 51.12 13.29
N LEU A 607 -8.48 50.85 14.20
CA LEU A 607 -8.80 50.45 15.58
C LEU A 607 -7.55 50.62 16.48
N SER A 608 -7.42 51.80 17.09
CA SER A 608 -6.27 52.08 17.96
C SER A 608 -5.41 50.82 18.24
N THR A 609 -4.21 50.82 17.70
CA THR A 609 -3.28 49.74 17.92
C THR A 609 -2.52 49.97 19.20
N SER A 610 -2.07 48.88 19.79
CA SER A 610 -1.24 48.94 20.99
C SER A 610 0.10 49.66 20.84
N PHE A 611 0.52 49.98 19.63
CA PHE A 611 1.77 50.70 19.40
C PHE A 611 1.55 52.17 18.97
N ALA A 612 0.29 52.61 18.94
CA ALA A 612 0.02 54.05 18.96
C ALA A 612 0.48 54.57 20.32
N GLN A 613 1.16 55.71 20.31
CA GLN A 613 1.89 56.19 21.52
C GLN A 613 2.72 55.04 22.14
N TRP A 614 3.63 54.48 21.35
CA TRP A 614 4.45 53.35 21.81
C TRP A 614 5.63 53.78 22.67
N THR A 615 6.13 54.99 22.44
CA THR A 615 7.27 55.50 23.23
C THR A 615 6.92 55.69 24.70
N THR A 616 5.64 55.78 25.01
CA THR A 616 5.23 55.89 26.41
C THR A 616 5.18 54.52 27.09
N LYS A 617 4.94 53.46 26.33
CA LYS A 617 4.84 52.11 26.90
C LYS A 617 6.18 51.44 27.16
N ILE A 618 7.28 52.05 26.74
CA ILE A 618 8.60 51.47 26.98
C ILE A 618 9.22 52.11 28.22
N ASP A 619 9.91 51.28 29.00
CA ASP A 619 10.71 51.71 30.15
C ASP A 619 11.50 53.00 29.83
N SER A 620 11.43 53.95 30.75
CA SER A 620 11.96 55.29 30.51
C SER A 620 13.49 55.36 30.52
N PHE A 621 14.14 54.44 31.22
CA PHE A 621 15.60 54.37 31.16
C PHE A 621 16.06 53.90 29.79
N VAL A 622 15.38 52.91 29.25
CA VAL A 622 15.73 52.33 27.95
C VAL A 622 15.45 53.39 26.87
N MET A 623 14.34 54.11 27.01
CA MET A 623 13.97 55.13 26.05
C MET A 623 15.01 56.26 26.04
N GLU A 624 15.45 56.69 27.22
CA GLU A 624 16.43 57.75 27.35
C GLU A 624 17.74 57.35 26.66
N GLU A 625 18.27 56.17 26.98
CA GLU A 625 19.56 55.78 26.46
C GLU A 625 19.58 55.48 24.97
N MET A 626 18.47 55.00 24.41
CA MET A 626 18.45 54.73 22.98
C MET A 626 18.71 56.05 22.27
N ASN A 627 18.04 57.09 22.72
CA ASN A 627 18.18 58.42 22.13
C ASN A 627 19.65 58.93 22.28
N ALA A 628 20.35 58.90 21.16
CA ALA A 628 21.76 59.28 21.13
C ALA A 628 22.14 59.64 19.72
N LEU A 647 14.06 62.10 19.69
CA LEU A 647 13.70 62.10 18.28
C LEU A 647 12.91 60.86 17.85
N TYR A 648 12.84 59.81 18.69
CA TYR A 648 11.90 58.71 18.44
C TYR A 648 10.46 59.20 18.56
N GLN A 649 9.73 59.17 17.44
CA GLN A 649 8.33 59.57 17.44
C GLN A 649 7.41 58.36 17.58
N ASP A 650 6.12 58.61 17.76
CA ASP A 650 5.11 57.53 17.88
C ASP A 650 4.58 57.08 16.52
N THR A 651 5.49 56.85 15.59
CA THR A 651 5.13 56.29 14.31
C THR A 651 5.49 54.79 14.36
N LEU A 652 4.84 54.02 13.48
CA LEU A 652 5.21 52.64 13.28
C LEU A 652 6.61 52.53 12.72
N GLY A 653 6.93 53.41 11.76
CA GLY A 653 8.24 53.43 11.16
C GLY A 653 9.34 53.58 12.20
N ASP A 654 9.11 54.46 13.17
CA ASP A 654 10.09 54.71 14.22
C ASP A 654 10.22 53.55 15.20
N LEU A 655 9.16 52.76 15.37
CA LEU A 655 9.23 51.58 16.23
C LEU A 655 10.01 50.45 15.57
N LEU A 656 9.86 50.29 14.27
CA LEU A 656 10.65 49.29 13.54
C LEU A 656 12.13 49.70 13.51
N LYS A 657 12.38 51.00 13.36
CA LYS A 657 13.74 51.52 13.49
C LYS A 657 14.27 51.26 14.91
N PHE A 658 13.40 51.44 15.89
CA PHE A 658 13.75 51.19 17.27
C PHE A 658 14.16 49.72 17.43
N ILE A 659 13.37 48.82 16.86
CA ILE A 659 13.63 47.39 16.97
C ILE A 659 14.91 46.97 16.24
N ARG A 660 15.11 47.53 15.05
CA ARG A 660 16.33 47.30 14.32
C ARG A 660 17.57 47.74 15.11
N ASN A 661 17.50 48.92 15.72
CA ASN A 661 18.66 49.49 16.44
C ASN A 661 18.98 48.67 17.66
N LEU A 662 17.96 48.38 18.46
CA LEU A 662 18.15 47.59 19.67
C LEU A 662 18.73 46.24 19.33
N GLY A 663 18.24 45.63 18.25
CA GLY A 663 18.70 44.32 17.81
C GLY A 663 20.20 44.28 17.60
N GLU A 664 20.72 45.34 17.00
CA GLU A 664 22.14 45.39 16.63
C GLU A 664 23.06 45.64 17.83
N HIS A 665 22.60 46.40 18.81
CA HIS A 665 23.50 46.89 19.87
C HIS A 665 23.21 46.35 21.28
N ILE A 666 22.16 45.53 21.40
CA ILE A 666 21.71 45.05 22.71
C ILE A 666 22.79 44.29 23.46
N ASN A 667 23.67 43.58 22.76
CA ASN A 667 24.66 42.72 23.42
C ASN A 667 25.97 43.41 23.82
N GLU A 668 26.15 44.69 23.46
CA GLU A 668 27.38 45.40 23.78
C GLU A 668 27.49 45.66 25.29
N GLN A 669 28.73 45.79 25.76
CA GLN A 669 29.04 46.16 27.15
C GLN A 669 28.30 47.42 27.60
N LYS A 670 28.29 48.41 26.71
CA LYS A 670 27.62 49.70 26.91
C LYS A 670 26.10 49.62 27.27
N ASN A 671 25.44 48.49 26.99
CA ASN A 671 24.00 48.39 27.09
C ASN A 671 23.52 47.32 28.06
N LYS A 672 24.36 46.85 28.96
CA LYS A 672 24.02 45.70 29.78
C LYS A 672 22.84 45.92 30.72
N LYS A 673 22.64 47.15 31.18
CA LYS A 673 21.46 47.48 32.00
C LYS A 673 20.18 47.46 31.16
N MET A 674 20.26 48.02 29.96
CA MET A 674 19.20 47.91 28.96
C MET A 674 18.84 46.43 28.72
N LYS A 675 19.85 45.61 28.45
CA LYS A 675 19.68 44.17 28.22
C LYS A 675 18.96 43.45 29.35
N SER A 676 19.22 43.87 30.60
CA SER A 676 18.57 43.24 31.75
C SER A 676 17.09 43.63 31.87
N ILE A 677 16.79 44.87 31.51
CA ILE A 677 15.40 45.34 31.56
C ILE A 677 14.57 44.70 30.44
N ILE A 678 15.19 44.47 29.30
CA ILE A 678 14.49 43.93 28.14
C ILE A 678 14.28 42.41 28.23
N GLY A 679 15.30 41.68 28.70
CA GLY A 679 15.29 40.23 28.61
C GLY A 679 15.46 39.84 27.16
N GLU A 680 14.87 38.70 26.77
CA GLU A 680 14.90 38.25 25.38
C GLU A 680 14.05 39.25 24.53
N PRO A 681 14.68 39.92 23.55
CA PRO A 681 13.97 41.02 22.90
C PRO A 681 12.75 40.67 22.05
N SER A 682 12.78 39.53 21.36
CA SER A 682 11.64 39.11 20.55
C SER A 682 10.34 38.98 21.37
N GLN A 683 10.46 38.32 22.51
CA GLN A 683 9.34 38.15 23.43
C GLN A 683 8.92 39.47 24.04
N TYR A 684 9.87 40.38 24.25
CA TYR A 684 9.57 41.70 24.81
C TYR A 684 8.58 42.46 23.93
N PHE A 685 8.95 42.64 22.67
CA PHE A 685 8.14 43.44 21.73
C PHE A 685 6.81 42.80 21.42
N GLN A 686 6.80 41.49 21.29
CA GLN A 686 5.56 40.76 21.06
C GLN A 686 4.58 40.87 22.23
N GLU A 687 5.06 40.77 23.47
CA GLU A 687 4.19 40.90 24.69
C GLU A 687 3.68 42.34 24.85
N LYS A 688 4.59 43.30 24.69
CA LYS A 688 4.27 44.70 24.77
C LYS A 688 3.35 45.20 23.62
N PHE A 689 3.54 44.63 22.43
CA PHE A 689 2.81 45.03 21.24
C PHE A 689 2.32 43.77 20.51
N PRO A 690 1.23 43.15 21.00
CA PRO A 690 0.79 41.86 20.44
C PRO A 690 0.30 41.92 18.99
N ASP A 691 -0.20 43.08 18.55
CA ASP A 691 -0.71 43.24 17.20
C ASP A 691 0.38 43.71 16.22
N LEU A 692 1.62 43.87 16.68
CA LEU A 692 2.67 44.44 15.83
C LEU A 692 2.95 43.55 14.62
N VAL A 693 3.33 42.31 14.88
CA VAL A 693 3.74 41.38 13.81
C VAL A 693 2.64 41.24 12.75
N MET A 694 1.41 41.07 13.20
CA MET A 694 0.28 40.94 12.28
C MET A 694 0.03 42.18 11.48
N TYR A 695 0.18 43.35 12.12
CA TYR A 695 -0.02 44.61 11.43
C TYR A 695 0.99 44.77 10.29
N VAL A 696 2.26 44.51 10.57
CA VAL A 696 3.32 44.61 9.56
C VAL A 696 3.07 43.58 8.46
N TYR A 697 2.69 42.36 8.86
CA TYR A 697 2.39 41.32 7.87
C TYR A 697 1.27 41.75 6.92
N THR A 698 0.17 42.26 7.47
CA THR A 698 -0.94 42.68 6.64
C THR A 698 -0.58 43.84 5.71
N LYS A 699 0.23 44.78 6.18
CA LYS A 699 0.59 45.92 5.35
C LYS A 699 1.54 45.59 4.19
N LEU A 700 2.38 44.59 4.35
CA LEU A 700 3.42 44.28 3.37
C LEU A 700 3.21 42.96 2.66
N GLN A 701 2.07 42.29 2.86
CA GLN A 701 1.99 40.90 2.46
C GLN A 701 2.06 40.66 0.97
N ASN A 702 1.51 41.56 0.16
CA ASN A 702 1.60 41.36 -1.31
C ASN A 702 2.39 42.47 -1.97
N THR A 703 3.50 42.84 -1.33
CA THR A 703 4.33 43.93 -1.80
C THR A 703 5.74 43.39 -2.04
N GLU A 704 6.60 44.26 -2.54
CA GLU A 704 8.01 43.95 -2.70
C GLU A 704 8.67 43.60 -1.36
N TYR A 705 8.16 44.19 -0.28
CA TYR A 705 8.75 44.03 1.05
C TYR A 705 8.42 42.71 1.72
N MET A 706 7.59 41.91 1.08
CA MET A 706 7.45 40.49 1.36
C MET A 706 8.81 39.81 1.51
N LYS A 707 9.83 40.27 0.80
CA LYS A 707 11.18 39.68 0.88
C LYS A 707 11.76 39.60 2.29
N HIS A 708 11.34 40.48 3.18
CA HIS A 708 11.76 40.42 4.58
C HIS A 708 11.06 39.36 5.42
N PHE A 709 10.01 38.75 4.93
CA PHE A 709 9.39 37.63 5.65
C PHE A 709 10.33 36.45 5.64
N PRO A 710 10.23 35.56 6.65
CA PRO A 710 11.05 34.37 6.62
C PRO A 710 10.68 33.48 5.49
N LYS A 711 11.66 32.71 5.02
CA LYS A 711 11.39 31.72 3.99
C LYS A 711 10.52 30.59 4.56
N THR A 712 9.42 30.25 3.89
CA THR A 712 8.32 29.47 4.52
C THR A 712 8.10 28.09 3.88
N LEU B 8 4.39 -27.53 41.15
CA LEU B 8 4.43 -28.26 39.85
C LEU B 8 3.24 -29.21 39.72
N GLU B 9 2.06 -28.66 39.47
CA GLU B 9 0.86 -29.48 39.21
C GLU B 9 0.35 -29.24 37.79
N GLU B 10 1.11 -29.69 36.82
CA GLU B 10 0.78 -29.51 35.41
C GLU B 10 0.29 -30.84 34.82
N MET B 11 0.10 -31.84 35.67
CA MET B 11 -0.41 -33.14 35.24
C MET B 11 -1.93 -33.21 35.31
N LEU B 12 -2.56 -32.24 35.98
CA LEU B 12 -4.00 -32.21 36.11
C LEU B 12 -4.70 -32.21 34.74
N THR B 13 -3.98 -31.77 33.72
CA THR B 13 -4.48 -31.69 32.38
C THR B 13 -3.59 -32.36 31.34
N GLN B 14 -2.30 -32.53 31.62
CA GLN B 14 -1.47 -33.45 30.80
C GLN B 14 -1.99 -34.88 30.90
N ALA B 15 -2.46 -35.25 32.09
CA ALA B 15 -3.02 -36.60 32.31
C ALA B 15 -4.29 -36.85 31.53
N VAL B 16 -5.16 -35.85 31.46
CA VAL B 16 -6.42 -36.00 30.72
C VAL B 16 -6.22 -36.13 29.19
N GLN B 17 -5.23 -35.45 28.65
CA GLN B 17 -4.96 -35.56 27.20
C GLN B 17 -4.26 -36.87 26.83
N GLU B 18 -3.42 -37.38 27.73
CA GLU B 18 -2.84 -38.72 27.56
C GLU B 18 -3.87 -39.83 27.84
N ALA B 19 -5.04 -39.46 28.40
CA ALA B 19 -6.20 -40.35 28.49
C ALA B 19 -5.96 -41.62 29.29
N ASP B 20 -4.95 -41.63 30.18
CA ASP B 20 -4.76 -42.69 31.15
C ASP B 20 -5.51 -42.19 32.40
N ILE B 21 -6.53 -42.93 32.77
CA ILE B 21 -7.48 -42.54 33.81
C ILE B 21 -6.93 -42.97 35.19
N GLU B 22 -6.02 -43.94 35.20
CA GLU B 22 -5.20 -44.28 36.37
C GLU B 22 -4.62 -43.09 37.13
N GLN B 23 -3.98 -42.17 36.39
CA GLN B 23 -3.34 -40.98 36.99
C GLN B 23 -4.33 -39.83 37.23
N VAL B 24 -5.54 -39.92 36.69
CA VAL B 24 -6.55 -38.87 36.82
C VAL B 24 -7.26 -39.01 38.16
N ARG B 25 -7.75 -40.22 38.44
CA ARG B 25 -8.45 -40.49 39.70
C ARG B 25 -7.52 -40.26 40.90
N GLN B 26 -6.29 -40.75 40.80
CA GLN B 26 -5.29 -40.60 41.86
C GLN B 26 -4.83 -39.14 41.96
N LEU B 27 -4.89 -38.40 40.86
CA LEU B 27 -4.52 -37.01 40.85
C LEU B 27 -5.52 -36.10 41.56
N LEU B 28 -6.78 -36.53 41.55
CA LEU B 28 -7.85 -35.78 42.17
C LEU B 28 -7.70 -35.72 43.70
N GLU B 29 -7.23 -36.83 44.27
CA GLU B 29 -6.99 -36.92 45.70
C GLU B 29 -5.53 -36.61 46.05
N ARG B 30 -4.85 -35.81 45.23
CA ARG B 30 -3.43 -35.49 45.42
C ARG B 30 -3.22 -33.99 45.22
N GLY B 31 -4.03 -33.19 45.92
CA GLY B 31 -3.90 -31.72 45.94
C GLY B 31 -3.92 -31.14 44.51
N ALA B 32 -5.07 -31.33 43.86
CA ALA B 32 -5.26 -30.88 42.48
C ALA B 32 -6.73 -30.61 42.18
N ASP B 33 -7.00 -29.52 41.45
CA ASP B 33 -8.36 -29.12 41.12
C ASP B 33 -8.82 -29.68 39.78
N ALA B 34 -10.13 -29.63 39.56
CA ALA B 34 -10.78 -30.08 38.35
C ALA B 34 -11.42 -28.99 37.50
N ASN B 35 -11.72 -27.84 38.09
CA ASN B 35 -12.24 -26.69 37.33
C ASN B 35 -11.17 -25.64 37.01
N PHE B 36 -9.90 -26.04 37.09
CA PHE B 36 -8.79 -25.15 36.79
C PHE B 36 -8.80 -24.90 35.29
N GLN B 37 -8.80 -23.61 34.92
CA GLN B 37 -8.80 -23.17 33.54
C GLN B 37 -7.47 -22.54 33.22
N GLU B 38 -6.79 -23.10 32.21
CA GLU B 38 -5.58 -22.50 31.64
C GLU B 38 -5.96 -21.15 31.03
N GLU B 39 -5.18 -20.13 31.35
CA GLU B 39 -5.59 -18.73 31.15
C GLU B 39 -5.64 -18.26 29.70
N GLU B 40 -4.89 -18.91 28.83
CA GLU B 40 -4.78 -18.49 27.45
C GLU B 40 -6.10 -18.63 26.71
N TRP B 41 -6.69 -19.82 26.77
CA TRP B 41 -7.99 -20.07 26.09
C TRP B 41 -9.13 -20.50 27.00
N GLY B 42 -8.83 -20.90 28.24
CA GLY B 42 -9.87 -21.33 29.19
C GLY B 42 -10.25 -22.80 29.17
N TRP B 43 -9.44 -23.67 28.59
CA TRP B 43 -9.79 -25.08 28.51
C TRP B 43 -9.78 -25.76 29.89
N SER B 44 -10.96 -26.25 30.28
CA SER B 44 -11.09 -27.07 31.47
C SER B 44 -10.78 -28.53 31.13
N PRO B 45 -10.36 -29.32 32.12
CA PRO B 45 -10.27 -30.77 31.90
C PRO B 45 -11.62 -31.40 31.48
N LEU B 46 -12.73 -30.84 31.94
CA LEU B 46 -14.05 -31.28 31.49
C LEU B 46 -14.35 -30.90 30.05
N HIS B 47 -13.99 -29.68 29.67
CA HIS B 47 -14.01 -29.25 28.26
C HIS B 47 -13.18 -30.21 27.39
N SER B 48 -11.93 -30.44 27.77
CA SER B 48 -11.02 -31.30 27.00
C SER B 48 -11.45 -32.75 26.95
N ALA B 49 -12.15 -33.21 27.99
CA ALA B 49 -12.66 -34.58 28.03
C ALA B 49 -13.77 -34.77 26.99
N VAL B 50 -14.73 -33.85 26.96
CA VAL B 50 -15.83 -33.94 26.01
C VAL B 50 -15.34 -33.86 24.55
N GLN B 51 -14.35 -33.01 24.27
CA GLN B 51 -13.81 -32.92 22.91
C GLN B 51 -13.11 -34.20 22.42
N MET B 52 -12.51 -34.97 23.33
CA MET B 52 -11.80 -36.21 22.94
C MET B 52 -12.72 -37.45 22.92
N ASP B 53 -14.00 -37.25 23.22
CA ASP B 53 -15.01 -38.31 23.34
C ASP B 53 -14.53 -39.45 24.21
N SER B 54 -14.49 -39.18 25.51
CA SER B 54 -14.15 -40.14 26.53
C SER B 54 -15.25 -40.15 27.60
N GLU B 55 -16.20 -41.09 27.50
CA GLU B 55 -17.27 -41.25 28.50
C GLU B 55 -16.74 -41.52 29.91
N ASP B 56 -15.62 -42.23 30.00
CA ASP B 56 -14.97 -42.53 31.27
C ASP B 56 -14.41 -41.29 31.95
N LEU B 57 -13.73 -40.40 31.21
CA LEU B 57 -13.16 -39.19 31.83
C LEU B 57 -14.17 -38.13 32.21
N VAL B 58 -15.21 -37.99 31.41
CA VAL B 58 -16.31 -37.06 31.76
C VAL B 58 -17.02 -37.55 33.01
N ALA B 59 -17.12 -38.87 33.20
CA ALA B 59 -17.79 -39.44 34.38
C ALA B 59 -16.98 -39.20 35.66
N LEU B 60 -15.68 -39.51 35.62
CA LEU B 60 -14.81 -39.38 36.80
C LEU B 60 -14.75 -37.93 37.29
N LEU B 61 -14.65 -36.99 36.34
CA LEU B 61 -14.49 -35.60 36.68
C LEU B 61 -15.81 -35.03 37.19
N LEU B 62 -16.94 -35.45 36.63
CA LEU B 62 -18.21 -34.90 37.09
C LEU B 62 -18.60 -35.44 38.47
N LYS B 63 -18.11 -36.61 38.86
CA LYS B 63 -18.31 -37.04 40.26
C LYS B 63 -17.20 -36.57 41.20
N HIS B 64 -16.45 -35.57 40.79
CA HIS B 64 -15.63 -34.74 41.69
C HIS B 64 -16.01 -33.26 41.53
N GLY B 65 -17.29 -33.00 41.25
CA GLY B 65 -17.86 -31.64 41.35
C GLY B 65 -17.69 -30.72 40.15
N ALA B 66 -17.07 -31.17 39.06
CA ALA B 66 -16.67 -30.27 37.98
C ALA B 66 -17.89 -29.72 37.25
N ASP B 67 -17.99 -28.40 37.15
CA ASP B 67 -19.20 -27.71 36.68
C ASP B 67 -19.31 -27.84 35.16
N PRO B 68 -20.45 -28.36 34.66
CA PRO B 68 -20.62 -28.51 33.21
C PRO B 68 -21.21 -27.31 32.46
N CYS B 69 -21.43 -26.18 33.14
CA CYS B 69 -21.70 -24.91 32.45
C CYS B 69 -20.55 -23.90 32.62
N LEU B 70 -19.36 -24.40 32.94
CA LEU B 70 -18.14 -23.63 33.03
C LEU B 70 -17.78 -23.12 31.63
N ARG B 71 -17.37 -21.87 31.55
CA ARG B 71 -17.11 -21.23 30.27
C ARG B 71 -15.61 -21.05 30.06
N LYS B 72 -15.22 -21.19 28.81
CA LYS B 72 -13.87 -20.80 28.38
C LYS B 72 -13.98 -19.59 27.44
N ARG B 73 -12.83 -19.16 26.87
CA ARG B 73 -12.70 -17.79 26.32
C ARG B 73 -13.83 -17.39 25.38
N ASN B 74 -14.25 -18.30 24.49
CA ASN B 74 -15.35 -17.98 23.60
C ASN B 74 -16.72 -18.19 24.21
N GLY B 75 -16.81 -18.41 25.51
CA GLY B 75 -18.07 -18.66 26.22
C GLY B 75 -18.68 -20.04 25.97
N ALA B 76 -17.83 -21.01 25.63
CA ALA B 76 -18.32 -22.34 25.30
C ALA B 76 -18.30 -23.20 26.54
N THR B 77 -19.39 -23.95 26.73
CA THR B 77 -19.54 -24.95 27.79
C THR B 77 -19.05 -26.32 27.35
N PRO B 78 -18.81 -27.24 28.31
CA PRO B 78 -18.61 -28.63 27.89
C PRO B 78 -19.88 -29.25 27.28
N PHE B 79 -21.03 -28.68 27.60
CA PHE B 79 -22.27 -29.09 26.96
C PHE B 79 -22.33 -28.77 25.47
N ILE B 80 -22.08 -27.53 25.10
CA ILE B 80 -22.18 -27.13 23.68
C ILE B 80 -21.12 -27.82 22.82
N ILE B 81 -19.93 -27.96 23.36
CA ILE B 81 -18.86 -28.73 22.72
C ILE B 81 -19.21 -30.24 22.62
N ALA B 82 -20.14 -30.72 23.44
CA ALA B 82 -20.69 -32.07 23.21
C ALA B 82 -21.52 -32.13 21.91
N GLY B 83 -22.16 -31.02 21.56
CA GLY B 83 -22.87 -30.88 20.30
C GLY B 83 -22.03 -31.17 19.06
N ILE B 84 -20.73 -30.83 19.11
CA ILE B 84 -19.86 -31.09 17.98
C ILE B 84 -19.45 -32.55 17.95
N THR B 85 -19.01 -33.07 19.08
CA THR B 85 -18.53 -34.46 19.11
C THR B 85 -19.65 -35.44 18.74
N GLY B 86 -20.90 -35.05 19.04
CA GLY B 86 -22.09 -35.75 18.56
C GLY B 86 -22.53 -36.93 19.41
N ASN B 87 -21.67 -37.45 20.29
CA ASN B 87 -22.00 -38.54 21.20
C ASN B 87 -23.14 -38.13 22.13
N VAL B 88 -24.26 -38.84 22.06
CA VAL B 88 -25.50 -38.36 22.70
C VAL B 88 -25.57 -38.74 24.17
N ARG B 89 -24.87 -39.80 24.57
CA ARG B 89 -24.89 -40.20 25.97
C ARG B 89 -23.98 -39.32 26.84
N LEU B 90 -23.09 -38.53 26.24
CA LEU B 90 -22.40 -37.47 27.01
C LEU B 90 -23.32 -36.26 27.12
N LEU B 91 -24.20 -36.05 26.15
CA LEU B 91 -25.23 -35.01 26.26
C LEU B 91 -26.25 -35.35 27.35
N GLN B 92 -26.60 -36.63 27.47
CA GLN B 92 -27.56 -37.03 28.50
C GLN B 92 -26.93 -37.08 29.90
N LEU B 93 -25.62 -37.33 29.99
CA LEU B 93 -24.93 -37.25 31.30
C LEU B 93 -24.86 -35.83 31.86
N LEU B 94 -24.84 -34.81 30.98
CA LEU B 94 -24.64 -33.42 31.43
C LEU B 94 -25.91 -32.57 31.44
N LEU B 95 -26.94 -32.97 30.68
CA LEU B 95 -28.20 -32.20 30.66
C LEU B 95 -28.85 -31.97 32.04
N PRO B 96 -28.88 -33.01 32.91
CA PRO B 96 -29.43 -32.75 34.27
C PRO B 96 -28.79 -31.57 35.02
N ASN B 97 -27.59 -31.18 34.65
CA ASN B 97 -26.86 -30.10 35.32
C ASN B 97 -26.84 -28.75 34.56
N VAL B 98 -27.70 -28.55 33.55
CA VAL B 98 -27.62 -27.36 32.71
C VAL B 98 -28.96 -26.63 32.70
N GLU B 99 -28.95 -25.35 33.07
CA GLU B 99 -30.18 -24.54 33.15
C GLU B 99 -30.93 -24.44 31.82
N ASP B 100 -30.21 -24.14 30.74
CA ASP B 100 -30.83 -23.96 29.42
C ASP B 100 -30.06 -24.74 28.35
N VAL B 101 -30.80 -25.45 27.51
CA VAL B 101 -30.23 -26.16 26.37
C VAL B 101 -29.92 -25.21 25.19
N ASN B 102 -30.54 -24.02 25.19
CA ASN B 102 -30.30 -22.97 24.20
C ASN B 102 -29.20 -21.96 24.61
N GLU B 103 -28.43 -22.30 25.63
CA GLU B 103 -27.34 -21.48 26.08
C GLU B 103 -26.34 -21.27 24.94
N CYS B 104 -25.65 -20.13 24.93
CA CYS B 104 -24.83 -19.71 23.80
C CYS B 104 -23.38 -19.50 24.18
N ASP B 105 -22.49 -19.51 23.18
CA ASP B 105 -21.17 -18.95 23.36
C ASP B 105 -21.19 -17.48 22.94
N VAL B 106 -20.03 -16.81 23.03
CA VAL B 106 -19.96 -15.36 22.76
C VAL B 106 -20.38 -15.01 21.32
N ASN B 107 -20.26 -15.96 20.40
CA ASN B 107 -20.66 -15.78 19.00
C ASN B 107 -22.08 -16.23 18.68
N GLY B 108 -22.80 -16.73 19.68
CA GLY B 108 -24.19 -17.15 19.52
C GLY B 108 -24.44 -18.63 19.32
N PHE B 109 -23.40 -19.47 19.33
CA PHE B 109 -23.53 -20.86 18.96
C PHE B 109 -24.13 -21.71 20.05
N THR B 110 -25.11 -22.53 19.69
CA THR B 110 -25.78 -23.46 20.60
C THR B 110 -25.22 -24.85 20.42
N ALA B 111 -25.53 -25.71 21.36
CA ALA B 111 -25.23 -27.13 21.20
C ALA B 111 -25.96 -27.72 19.97
N PHE B 112 -27.13 -27.16 19.62
CA PHE B 112 -27.91 -27.61 18.49
C PHE B 112 -27.24 -27.29 17.17
N MET B 113 -26.74 -26.06 17.03
CA MET B 113 -26.13 -25.62 15.75
C MET B 113 -24.76 -26.22 15.56
N GLU B 114 -24.01 -26.40 16.62
CA GLU B 114 -22.75 -27.16 16.55
C GLU B 114 -22.97 -28.61 16.10
N ALA B 115 -24.13 -29.17 16.46
CA ALA B 115 -24.55 -30.45 15.89
C ALA B 115 -24.88 -30.32 14.41
N ALA B 116 -25.51 -29.21 14.03
CA ALA B 116 -25.80 -28.93 12.63
C ALA B 116 -24.54 -28.70 11.80
N VAL B 117 -23.59 -27.97 12.35
CA VAL B 117 -22.33 -27.67 11.67
C VAL B 117 -21.55 -28.96 11.41
N TYR B 118 -21.43 -29.81 12.42
CA TYR B 118 -20.63 -31.02 12.30
C TYR B 118 -21.43 -32.24 11.81
N GLY B 119 -22.69 -32.00 11.41
CA GLY B 119 -23.54 -32.99 10.78
C GLY B 119 -23.85 -34.19 11.66
N ARG B 120 -24.06 -33.93 12.95
CA ARG B 120 -24.25 -35.00 13.93
C ARG B 120 -25.77 -35.22 14.11
N VAL B 121 -26.30 -36.11 13.28
CA VAL B 121 -27.74 -36.32 13.13
C VAL B 121 -28.41 -36.85 14.41
N GLU B 122 -27.81 -37.87 15.02
CA GLU B 122 -28.40 -38.50 16.21
C GLU B 122 -28.40 -37.51 17.40
N ALA B 123 -27.33 -36.74 17.55
CA ALA B 123 -27.27 -35.69 18.58
C ALA B 123 -28.31 -34.56 18.33
N LEU B 124 -28.51 -34.21 17.08
CA LEU B 124 -29.46 -33.16 16.71
C LEU B 124 -30.91 -33.47 17.11
N ARG B 125 -31.35 -34.72 16.96
CA ARG B 125 -32.76 -35.04 17.28
C ARG B 125 -32.96 -35.19 18.80
N PHE B 126 -31.95 -35.70 19.53
CA PHE B 126 -31.98 -35.68 21.00
C PHE B 126 -32.30 -34.28 21.52
N LEU B 127 -31.51 -33.30 21.08
CA LEU B 127 -31.68 -31.94 21.52
C LEU B 127 -32.99 -31.35 21.02
N TYR B 128 -33.48 -31.81 19.87
CA TYR B 128 -34.74 -31.29 19.34
C TYR B 128 -35.90 -31.58 20.28
N GLU B 129 -36.03 -32.84 20.69
CA GLU B 129 -37.16 -33.24 21.53
C GLU B 129 -36.94 -32.84 22.99
N ASN B 130 -35.73 -32.37 23.34
CA ASN B 130 -35.48 -31.76 24.65
C ASN B 130 -35.65 -30.23 24.65
N GLY B 131 -36.31 -29.68 23.63
CA GLY B 131 -36.70 -28.28 23.60
C GLY B 131 -35.83 -27.30 22.81
N ALA B 132 -34.75 -27.78 22.20
CA ALA B 132 -33.84 -26.91 21.45
C ALA B 132 -34.55 -26.18 20.31
N ASP B 133 -34.33 -24.88 20.22
CA ASP B 133 -35.01 -24.04 19.24
C ASP B 133 -34.26 -24.14 17.92
N VAL B 134 -34.98 -24.55 16.89
CA VAL B 134 -34.38 -24.84 15.60
C VAL B 134 -34.25 -23.58 14.75
N ASN B 135 -35.13 -22.61 14.94
CA ASN B 135 -35.14 -21.36 14.15
C ASN B 135 -34.50 -20.20 14.85
N MET B 136 -33.57 -20.47 15.74
CA MET B 136 -32.96 -19.43 16.52
C MET B 136 -31.83 -18.80 15.70
N HIS B 137 -31.70 -17.49 15.74
CA HIS B 137 -30.59 -16.82 15.07
C HIS B 137 -29.52 -16.55 16.11
N ARG B 138 -28.26 -16.49 15.70
CA ARG B 138 -27.16 -16.21 16.65
C ARG B 138 -27.13 -14.74 17.13
N LYS B 139 -27.09 -14.59 18.45
CA LYS B 139 -26.86 -13.29 19.08
C LYS B 139 -25.37 -13.22 19.41
N THR B 140 -24.72 -12.19 18.87
CA THR B 140 -23.27 -12.06 19.02
C THR B 140 -22.98 -10.78 19.78
N LYS B 141 -21.67 -10.54 19.99
CA LYS B 141 -21.12 -9.31 20.55
C LYS B 141 -21.53 -8.10 19.71
N GLN B 142 -21.56 -6.94 20.38
CA GLN B 142 -22.05 -5.70 19.75
C GLN B 142 -21.15 -5.20 18.62
N ASP B 143 -19.83 -5.44 18.74
CA ASP B 143 -18.89 -5.11 17.67
C ASP B 143 -19.26 -5.77 16.35
N GLN B 144 -19.56 -7.05 16.42
CA GLN B 144 -19.77 -7.83 15.18
C GLN B 144 -21.19 -7.67 14.66
N GLU B 145 -22.16 -7.29 15.50
CA GLU B 145 -23.50 -6.99 15.00
C GLU B 145 -23.58 -5.67 14.27
N ARG B 146 -22.77 -4.69 14.68
CA ARG B 146 -22.72 -3.38 14.03
C ARG B 146 -22.14 -3.44 12.61
N ILE B 147 -21.41 -4.50 12.31
CA ILE B 147 -20.99 -4.80 10.94
C ILE B 147 -21.82 -5.93 10.35
N ARG B 148 -23.04 -6.11 10.88
CA ARG B 148 -24.05 -7.00 10.30
C ARG B 148 -23.59 -8.46 10.17
N LYS B 149 -22.76 -8.92 11.09
CA LYS B 149 -22.38 -10.31 11.17
C LYS B 149 -23.36 -11.01 12.14
N GLY B 150 -23.33 -12.34 12.14
CA GLY B 150 -24.19 -13.16 13.01
C GLY B 150 -25.58 -13.29 12.45
N GLY B 151 -26.45 -13.89 13.25
CA GLY B 151 -27.84 -14.13 12.84
C GLY B 151 -28.10 -15.40 12.03
N ALA B 152 -27.13 -16.29 11.92
CA ALA B 152 -27.33 -17.48 11.07
C ALA B 152 -28.12 -18.54 11.79
N THR B 153 -28.57 -19.52 11.03
CA THR B 153 -29.51 -20.57 11.46
C THR B 153 -28.78 -21.92 11.52
N ALA B 154 -29.35 -22.88 12.20
CA ALA B 154 -28.89 -24.26 12.07
C ALA B 154 -28.98 -24.80 10.63
N LEU B 155 -30.01 -24.38 9.91
CA LEU B 155 -30.19 -24.74 8.51
C LEU B 155 -29.09 -24.16 7.62
N MET B 156 -28.74 -22.91 7.86
CA MET B 156 -27.66 -22.23 7.13
C MET B 156 -26.33 -22.91 7.33
N ASP B 157 -26.06 -23.36 8.55
CA ASP B 157 -24.86 -24.14 8.83
C ASP B 157 -24.88 -25.49 8.17
N ALA B 158 -26.04 -26.14 8.20
CA ALA B 158 -26.18 -27.44 7.52
C ALA B 158 -26.00 -27.26 6.01
N ALA B 159 -26.59 -26.21 5.46
CA ALA B 159 -26.49 -25.96 4.03
C ALA B 159 -25.03 -25.69 3.58
N GLU B 160 -24.32 -24.86 4.34
CA GLU B 160 -22.95 -24.47 4.01
C GLU B 160 -22.03 -25.68 4.03
N LYS B 161 -22.11 -26.49 5.07
CA LYS B 161 -21.25 -27.66 5.18
C LYS B 161 -21.70 -28.84 4.31
N GLY B 162 -22.82 -28.69 3.60
CA GLY B 162 -23.26 -29.68 2.63
C GLY B 162 -23.94 -30.92 3.19
N HIS B 163 -24.29 -30.90 4.48
CA HIS B 163 -24.88 -32.06 5.13
C HIS B 163 -26.34 -32.19 4.69
N VAL B 164 -26.56 -33.06 3.72
CA VAL B 164 -27.86 -33.21 3.10
C VAL B 164 -28.84 -33.88 4.07
N GLY B 165 -28.36 -34.88 4.81
CA GLY B 165 -29.18 -35.55 5.82
C GLY B 165 -29.80 -34.56 6.77
N VAL B 166 -28.94 -33.71 7.32
CA VAL B 166 -29.33 -32.75 8.33
C VAL B 166 -30.33 -31.70 7.81
N VAL B 167 -30.21 -31.32 6.55
CA VAL B 167 -31.06 -30.28 6.00
C VAL B 167 -32.50 -30.77 5.89
N THR B 168 -32.70 -31.96 5.33
CA THR B 168 -34.07 -32.47 5.12
C THR B 168 -34.77 -32.85 6.41
N ILE B 169 -34.03 -33.35 7.42
CA ILE B 169 -34.61 -33.60 8.74
C ILE B 169 -35.13 -32.27 9.33
N LEU B 170 -34.30 -31.23 9.26
CA LEU B 170 -34.65 -29.91 9.77
C LEU B 170 -35.93 -29.34 9.13
N LEU B 171 -36.01 -29.45 7.81
CA LEU B 171 -37.13 -28.88 7.07
C LEU B 171 -38.43 -29.65 7.32
N HIS B 172 -38.35 -30.97 7.31
CA HIS B 172 -39.52 -31.84 7.32
C HIS B 172 -39.89 -32.45 8.67
N ALA B 173 -38.93 -32.80 9.51
CA ALA B 173 -39.23 -33.24 10.88
C ALA B 173 -39.35 -32.09 11.89
N MET B 174 -38.61 -31.00 11.71
CA MET B 174 -38.40 -30.00 12.79
C MET B 174 -38.95 -28.59 12.51
N LYS B 175 -39.74 -28.44 11.46
CA LYS B 175 -40.40 -27.18 11.12
C LYS B 175 -39.42 -26.00 10.97
N ALA B 176 -38.24 -26.27 10.41
CA ALA B 176 -37.22 -25.25 10.19
C ALA B 176 -37.68 -24.20 9.17
N GLU B 177 -37.54 -22.92 9.50
CA GLU B 177 -37.87 -21.83 8.58
C GLU B 177 -36.85 -21.80 7.45
N VAL B 178 -37.35 -21.85 6.22
CA VAL B 178 -36.48 -22.00 5.06
C VAL B 178 -35.95 -20.65 4.61
N ASP B 179 -36.77 -19.60 4.70
CA ASP B 179 -36.35 -18.26 4.28
C ASP B 179 -35.97 -17.36 5.47
N ALA B 180 -35.60 -17.96 6.60
CA ALA B 180 -34.96 -17.20 7.69
C ALA B 180 -33.68 -16.57 7.16
N ARG B 181 -33.42 -15.33 7.58
CA ARG B 181 -32.28 -14.57 7.12
C ARG B 181 -31.29 -14.39 8.28
N ASP B 182 -30.04 -14.14 7.94
CA ASP B 182 -29.04 -13.67 8.91
C ASP B 182 -29.00 -12.15 8.87
N ASN B 183 -28.20 -11.53 9.72
CA ASN B 183 -28.17 -10.05 9.81
C ASN B 183 -27.70 -9.40 8.51
N MET B 184 -26.91 -10.11 7.72
CA MET B 184 -26.46 -9.62 6.42
C MET B 184 -27.56 -9.65 5.36
N GLY B 185 -28.61 -10.46 5.57
CA GLY B 185 -29.74 -10.59 4.63
C GLY B 185 -29.70 -11.88 3.79
N ARG B 186 -28.84 -12.82 4.19
CA ARG B 186 -28.66 -14.07 3.46
C ARG B 186 -29.60 -15.15 3.97
N ASN B 187 -30.02 -16.05 3.10
CA ASN B 187 -30.80 -17.26 3.50
C ASN B 187 -29.96 -18.51 3.33
N ALA B 188 -30.55 -19.68 3.57
CA ALA B 188 -29.82 -20.94 3.44
C ALA B 188 -29.45 -21.26 2.00
N LEU B 189 -30.22 -20.71 1.04
CA LEU B 189 -29.92 -20.92 -0.37
C LEU B 189 -28.53 -20.41 -0.79
N VAL B 190 -28.20 -19.20 -0.36
CA VAL B 190 -26.90 -18.63 -0.72
C VAL B 190 -25.76 -19.33 0.03
N TYR B 191 -25.99 -19.71 1.28
CA TYR B 191 -25.03 -20.57 2.00
C TYR B 191 -24.77 -21.87 1.25
N ALA B 192 -25.85 -22.46 0.71
CA ALA B 192 -25.76 -23.72 0.00
C ALA B 192 -24.92 -23.60 -1.25
N LEU B 193 -25.12 -22.50 -1.99
CA LEU B 193 -24.43 -22.31 -3.27
C LEU B 193 -22.94 -21.95 -3.16
N LEU B 194 -22.43 -21.73 -1.95
CA LEU B 194 -21.01 -21.49 -1.74
C LEU B 194 -20.25 -22.76 -1.43
N ASN B 195 -20.95 -23.88 -1.30
CA ASN B 195 -20.34 -25.17 -1.01
C ASN B 195 -19.57 -25.71 -2.23
N PRO B 196 -18.29 -26.10 -2.07
CA PRO B 196 -17.53 -26.60 -3.23
C PRO B 196 -18.06 -27.90 -3.88
N ASP B 197 -18.73 -28.77 -3.12
CA ASP B 197 -19.22 -30.04 -3.69
C ASP B 197 -20.48 -29.83 -4.52
N ASP B 198 -20.44 -30.20 -5.80
CA ASP B 198 -21.56 -29.98 -6.72
C ASP B 198 -22.78 -30.82 -6.33
N GLY B 199 -22.54 -32.09 -6.04
CA GLY B 199 -23.60 -33.01 -5.66
C GLY B 199 -24.40 -32.51 -4.46
N LYS B 200 -23.70 -32.33 -3.34
CA LYS B 200 -24.34 -31.82 -2.12
C LYS B 200 -25.02 -30.45 -2.31
N ALA B 201 -24.42 -29.59 -3.11
CA ALA B 201 -25.03 -28.31 -3.43
C ALA B 201 -26.32 -28.51 -4.19
N LYS B 202 -26.33 -29.46 -5.15
CA LYS B 202 -27.52 -29.73 -5.96
C LYS B 202 -28.70 -30.20 -5.10
N ALA B 203 -28.43 -31.14 -4.21
CA ALA B 203 -29.50 -31.71 -3.39
C ALA B 203 -30.11 -30.67 -2.43
N ILE B 204 -29.24 -29.87 -1.82
CA ILE B 204 -29.66 -28.92 -0.80
C ILE B 204 -30.45 -27.79 -1.45
N THR B 205 -30.00 -27.33 -2.60
CA THR B 205 -30.72 -26.29 -3.33
C THR B 205 -32.14 -26.74 -3.65
N ARG B 206 -32.28 -27.98 -4.12
CA ARG B 206 -33.59 -28.59 -4.43
C ARG B 206 -34.52 -28.53 -3.25
N LEU B 207 -34.08 -29.05 -2.11
CA LEU B 207 -34.89 -29.06 -0.89
C LEU B 207 -35.36 -27.64 -0.56
N LEU B 208 -34.41 -26.71 -0.45
CA LEU B 208 -34.73 -25.35 -0.02
C LEU B 208 -35.66 -24.65 -1.01
N LEU B 209 -35.48 -24.91 -2.31
CA LEU B 209 -36.36 -24.33 -3.33
C LEU B 209 -37.81 -24.79 -3.20
N ASP B 210 -38.01 -26.08 -2.99
CA ASP B 210 -39.35 -26.68 -2.91
C ASP B 210 -40.12 -26.17 -1.69
N HIS B 211 -39.41 -25.82 -0.61
CA HIS B 211 -40.05 -25.24 0.57
C HIS B 211 -40.34 -23.74 0.48
N GLY B 212 -39.80 -23.10 -0.55
CA GLY B 212 -40.08 -21.70 -0.86
C GLY B 212 -38.97 -20.71 -0.61
N ALA B 213 -37.72 -21.15 -0.41
CA ALA B 213 -36.57 -20.26 -0.20
C ALA B 213 -36.47 -19.23 -1.31
N ASP B 214 -36.41 -17.95 -0.90
CA ASP B 214 -36.39 -16.85 -1.86
C ASP B 214 -35.15 -16.99 -2.74
N VAL B 215 -35.33 -16.79 -4.03
CA VAL B 215 -34.28 -17.00 -5.02
C VAL B 215 -33.76 -15.69 -5.58
N ASN B 216 -34.40 -14.57 -5.21
CA ASN B 216 -33.83 -13.24 -5.50
C ASN B 216 -33.28 -12.64 -4.19
N VAL B 217 -32.40 -13.41 -3.52
CA VAL B 217 -31.72 -12.98 -2.31
C VAL B 217 -30.44 -12.31 -2.78
N ARG B 218 -29.75 -11.63 -1.88
CA ARG B 218 -28.41 -11.12 -2.16
C ARG B 218 -27.42 -11.63 -1.12
N GLY B 219 -26.31 -12.20 -1.59
CA GLY B 219 -25.15 -12.53 -0.75
C GLY B 219 -24.02 -11.54 -0.93
N GLU B 220 -22.80 -11.99 -0.62
CA GLU B 220 -21.59 -11.18 -0.77
C GLU B 220 -21.44 -10.63 -2.20
N GLY B 221 -21.00 -9.39 -2.29
CA GLY B 221 -20.88 -8.73 -3.59
C GLY B 221 -22.19 -8.36 -4.25
N SER B 222 -23.29 -8.47 -3.51
CA SER B 222 -24.65 -8.34 -4.06
C SER B 222 -24.93 -9.34 -5.19
N LYS B 223 -24.32 -10.52 -5.08
CA LYS B 223 -24.55 -11.60 -6.03
C LYS B 223 -25.87 -12.29 -5.67
N THR B 224 -26.62 -12.69 -6.70
CA THR B 224 -27.83 -13.49 -6.48
C THR B 224 -27.45 -14.96 -6.55
N PRO B 225 -28.36 -15.86 -6.15
CA PRO B 225 -28.14 -17.29 -6.33
C PRO B 225 -27.78 -17.71 -7.76
N LEU B 226 -28.44 -17.12 -8.75
CA LEU B 226 -28.18 -17.46 -10.15
C LEU B 226 -26.77 -17.08 -10.56
N ILE B 227 -26.34 -15.87 -10.22
CA ILE B 227 -24.98 -15.43 -10.51
C ILE B 227 -23.96 -16.35 -9.88
N LEU B 228 -24.18 -16.75 -8.62
CA LEU B 228 -23.29 -17.68 -7.95
C LEU B 228 -23.19 -19.00 -8.69
N ALA B 229 -24.31 -19.46 -9.26
CA ALA B 229 -24.34 -20.71 -10.01
C ALA B 229 -23.62 -20.58 -11.35
N VAL B 230 -23.68 -19.41 -11.97
CA VAL B 230 -22.98 -19.19 -13.23
C VAL B 230 -21.47 -19.09 -13.01
N GLU B 231 -21.05 -18.33 -12.01
CA GLU B 231 -19.63 -18.22 -11.66
C GLU B 231 -19.02 -19.56 -11.25
N ARG B 232 -19.87 -20.44 -10.73
CA ARG B 232 -19.42 -21.79 -10.39
C ARG B 232 -19.26 -22.71 -11.61
N LYS B 233 -19.87 -22.33 -12.74
CA LYS B 233 -19.87 -23.09 -14.02
C LYS B 233 -20.65 -24.39 -13.93
N ASN B 234 -21.81 -24.37 -13.29
CA ASN B 234 -22.64 -25.55 -13.09
C ASN B 234 -24.00 -25.35 -13.76
N LEU B 235 -24.17 -25.98 -14.92
CA LEU B 235 -25.38 -25.88 -15.71
C LEU B 235 -26.63 -26.37 -14.97
N ASP B 236 -26.44 -27.38 -14.12
CA ASP B 236 -27.57 -28.00 -13.43
C ASP B 236 -28.23 -27.03 -12.45
N LEU B 237 -27.43 -26.41 -11.58
CA LEU B 237 -27.93 -25.44 -10.63
C LEU B 237 -28.58 -24.24 -11.33
N VAL B 238 -28.11 -23.92 -12.54
CA VAL B 238 -28.71 -22.86 -13.32
C VAL B 238 -30.14 -23.25 -13.72
N GLN B 239 -30.29 -24.47 -14.26
CA GLN B 239 -31.62 -24.98 -14.68
C GLN B 239 -32.62 -25.05 -13.51
N MET B 240 -32.17 -25.57 -12.36
CA MET B 240 -33.01 -25.64 -11.16
C MET B 240 -33.47 -24.24 -10.74
N LEU B 241 -32.60 -23.23 -10.86
CA LEU B 241 -32.98 -21.88 -10.50
C LEU B 241 -34.00 -21.27 -11.44
N LEU B 242 -33.77 -21.46 -12.74
CA LEU B 242 -34.73 -20.87 -13.73
C LEU B 242 -36.05 -21.65 -13.84
N GLU B 243 -36.19 -22.80 -13.18
CA GLU B 243 -37.49 -23.45 -13.04
C GLU B 243 -38.48 -22.58 -12.26
N GLN B 244 -37.99 -21.79 -11.30
CA GLN B 244 -38.76 -20.67 -10.76
C GLN B 244 -39.04 -19.65 -11.85
N GLU B 245 -40.28 -19.20 -11.93
CA GLU B 245 -40.64 -18.14 -12.88
C GLU B 245 -40.57 -16.74 -12.28
N GLN B 246 -40.64 -16.64 -10.96
CA GLN B 246 -40.62 -15.33 -10.28
C GLN B 246 -39.20 -14.76 -10.17
N ILE B 247 -38.18 -15.57 -10.49
CA ILE B 247 -36.78 -15.13 -10.53
C ILE B 247 -36.55 -14.03 -11.57
N GLU B 248 -35.70 -13.06 -11.24
CA GLU B 248 -35.35 -11.99 -12.17
C GLU B 248 -33.97 -12.28 -12.73
N VAL B 249 -33.93 -12.58 -14.00
CA VAL B 249 -32.69 -13.00 -14.65
C VAL B 249 -31.73 -11.84 -14.87
N ASN B 250 -32.28 -10.63 -14.96
CA ASN B 250 -31.45 -9.44 -15.19
C ASN B 250 -31.07 -8.68 -13.91
N ASP B 251 -31.03 -9.39 -12.77
CA ASP B 251 -30.48 -8.84 -11.54
C ASP B 251 -28.98 -8.74 -11.73
N THR B 252 -28.40 -7.70 -11.15
CA THR B 252 -27.00 -7.40 -11.31
C THR B 252 -26.25 -7.50 -9.96
N ASP B 253 -24.94 -7.66 -10.06
CA ASP B 253 -24.08 -7.58 -8.89
C ASP B 253 -23.61 -6.12 -8.70
N ARG B 254 -22.84 -5.89 -7.62
CA ARG B 254 -22.34 -4.55 -7.28
C ARG B 254 -21.47 -3.96 -8.37
N GLU B 255 -20.68 -4.80 -9.04
CA GLU B 255 -19.93 -4.40 -10.23
C GLU B 255 -20.80 -4.09 -11.45
N GLY B 256 -22.10 -4.29 -11.37
CA GLY B 256 -23.03 -3.89 -12.42
C GLY B 256 -23.28 -4.97 -13.48
N LYS B 257 -22.69 -6.15 -13.33
CA LYS B 257 -22.75 -7.20 -14.35
C LYS B 257 -23.86 -8.18 -13.99
N THR B 258 -24.51 -8.71 -15.03
CA THR B 258 -25.62 -9.65 -14.87
C THR B 258 -25.22 -11.06 -15.20
N ALA B 259 -26.07 -12.00 -14.83
CA ALA B 259 -25.78 -13.41 -14.94
C ALA B 259 -25.38 -13.86 -16.34
N LEU B 260 -26.08 -13.36 -17.35
CA LEU B 260 -25.76 -13.69 -18.74
C LEU B 260 -24.37 -13.21 -19.15
N LEU B 261 -24.09 -11.94 -18.85
CA LEU B 261 -22.83 -11.31 -19.24
C LEU B 261 -21.65 -12.12 -18.71
N LEU B 262 -21.72 -12.52 -17.44
CA LEU B 262 -20.68 -13.33 -16.85
C LEU B 262 -20.51 -14.65 -17.57
N ALA B 263 -21.63 -15.26 -17.94
CA ALA B 263 -21.61 -16.56 -18.65
C ALA B 263 -20.88 -16.42 -19.99
N VAL B 264 -21.16 -15.34 -20.71
CA VAL B 264 -20.46 -15.10 -21.98
C VAL B 264 -18.98 -14.84 -21.72
N GLU B 265 -18.69 -13.94 -20.78
CA GLU B 265 -17.30 -13.65 -20.37
C GLU B 265 -16.52 -14.89 -19.98
N LEU B 266 -17.20 -15.79 -19.25
CA LEU B 266 -16.59 -17.02 -18.74
C LEU B 266 -16.52 -18.19 -19.73
N ARG B 267 -16.96 -18.01 -20.98
CA ARG B 267 -16.82 -19.03 -22.04
C ARG B 267 -17.74 -20.24 -21.79
N LEU B 268 -19.01 -19.96 -21.50
CA LEU B 268 -19.98 -20.99 -21.16
C LEU B 268 -21.22 -20.83 -22.05
N GLU B 269 -21.14 -21.38 -23.26
CA GLU B 269 -22.22 -21.24 -24.23
C GLU B 269 -23.45 -22.03 -23.80
N GLU B 270 -23.24 -23.19 -23.15
CA GLU B 270 -24.32 -23.96 -22.54
C GLU B 270 -25.28 -23.06 -21.76
N ILE B 271 -24.68 -22.35 -20.82
CA ILE B 271 -25.41 -21.62 -19.78
C ILE B 271 -25.89 -20.31 -20.38
N ALA B 272 -25.11 -19.72 -21.27
CA ALA B 272 -25.50 -18.50 -21.96
C ALA B 272 -26.79 -18.71 -22.78
N LYS B 273 -26.79 -19.72 -23.66
CA LYS B 273 -27.98 -20.03 -24.49
C LYS B 273 -29.22 -20.25 -23.64
N LEU B 274 -29.11 -21.09 -22.61
CA LEU B 274 -30.24 -21.35 -21.70
C LEU B 274 -30.77 -20.08 -21.04
N LEU B 275 -29.87 -19.17 -20.69
CA LEU B 275 -30.27 -17.89 -20.09
C LEU B 275 -31.04 -17.01 -21.06
N CYS B 276 -30.60 -16.96 -22.32
CA CYS B 276 -31.28 -16.16 -23.36
C CYS B 276 -32.68 -16.71 -23.61
N HIS B 277 -32.77 -18.04 -23.69
CA HIS B 277 -34.05 -18.74 -23.87
C HIS B 277 -35.00 -18.63 -22.66
N ARG B 278 -34.63 -17.87 -21.63
CA ARG B 278 -35.48 -17.67 -20.45
C ARG B 278 -35.64 -16.18 -20.09
N GLY B 279 -35.41 -15.31 -21.07
CA GLY B 279 -35.74 -13.89 -20.94
C GLY B 279 -34.60 -12.97 -20.55
N ALA B 280 -33.37 -13.48 -20.50
CA ALA B 280 -32.20 -12.67 -20.20
C ALA B 280 -31.97 -11.66 -21.31
N SER B 281 -31.99 -10.37 -20.96
CA SER B 281 -31.69 -9.32 -21.95
C SER B 281 -30.25 -9.39 -22.44
N THR B 282 -30.06 -9.11 -23.71
CA THR B 282 -28.78 -9.24 -24.38
C THR B 282 -28.11 -7.86 -24.55
N ASN B 283 -28.59 -6.86 -23.82
CA ASN B 283 -27.93 -5.53 -23.84
C ASN B 283 -27.36 -5.17 -22.48
N CYS B 284 -26.78 -6.16 -21.81
CA CYS B 284 -26.03 -5.96 -20.57
C CYS B 284 -24.51 -5.85 -20.81
N GLY B 285 -24.13 -5.76 -22.08
CA GLY B 285 -22.74 -5.82 -22.51
C GLY B 285 -22.65 -6.20 -23.98
N ASP B 286 -21.50 -5.93 -24.58
CA ASP B 286 -21.25 -6.25 -25.97
C ASP B 286 -20.84 -7.71 -26.04
N LEU B 287 -21.84 -8.59 -26.02
CA LEU B 287 -21.60 -10.02 -25.82
C LEU B 287 -20.84 -10.66 -26.98
N VAL B 288 -21.09 -10.16 -28.19
CA VAL B 288 -20.51 -10.79 -29.37
C VAL B 288 -19.01 -10.53 -29.40
N ALA B 289 -18.62 -9.28 -29.08
CA ALA B 289 -17.21 -8.91 -28.99
C ALA B 289 -16.50 -9.77 -27.95
N ILE B 290 -17.19 -10.04 -26.84
CA ILE B 290 -16.67 -10.84 -25.75
C ILE B 290 -16.53 -12.31 -26.17
N ALA B 291 -17.54 -12.84 -26.85
CA ALA B 291 -17.48 -14.23 -27.28
C ALA B 291 -16.46 -14.38 -28.42
N ARG B 292 -16.40 -13.39 -29.28
CA ARG B 292 -15.44 -13.38 -30.39
C ARG B 292 -14.02 -13.41 -29.84
N ARG B 293 -13.78 -12.62 -28.80
CA ARG B 293 -12.45 -12.58 -28.18
C ARG B 293 -12.08 -13.87 -27.48
N ASN B 294 -13.09 -14.59 -27.01
CA ASN B 294 -12.91 -15.93 -26.44
C ASN B 294 -12.78 -17.06 -27.50
N TYR B 295 -12.85 -16.71 -28.78
CA TYR B 295 -12.85 -17.67 -29.88
C TYR B 295 -13.99 -18.70 -29.74
N ASP B 296 -15.16 -18.21 -29.35
CA ASP B 296 -16.30 -19.04 -29.04
C ASP B 296 -17.31 -19.00 -30.23
N SER B 297 -16.86 -19.54 -31.36
CA SER B 297 -17.50 -19.39 -32.66
C SER B 297 -18.99 -19.69 -32.65
N ASP B 298 -19.39 -20.82 -32.07
CA ASP B 298 -20.82 -21.19 -32.06
C ASP B 298 -21.64 -20.25 -31.19
N LEU B 299 -21.04 -19.72 -30.12
CA LEU B 299 -21.73 -18.75 -29.26
C LEU B 299 -21.93 -17.38 -29.95
N VAL B 300 -20.94 -16.96 -30.74
CA VAL B 300 -21.05 -15.70 -31.44
C VAL B 300 -22.16 -15.81 -32.44
N LYS B 301 -22.24 -16.94 -33.14
CA LYS B 301 -23.33 -17.21 -34.10
C LYS B 301 -24.69 -17.11 -33.41
N PHE B 302 -24.82 -17.74 -32.24
CA PHE B 302 -26.09 -17.75 -31.51
C PHE B 302 -26.54 -16.32 -31.13
N LEU B 303 -25.62 -15.58 -30.52
CA LEU B 303 -25.95 -14.25 -30.06
C LEU B 303 -26.24 -13.35 -31.26
N ARG B 304 -25.56 -13.59 -32.37
CA ARG B 304 -25.77 -12.82 -33.61
C ARG B 304 -27.19 -12.96 -34.17
N LEU B 305 -27.75 -14.16 -34.14
CA LEU B 305 -29.10 -14.39 -34.64
C LEU B 305 -30.15 -13.59 -33.85
N HIS B 306 -29.88 -13.35 -32.57
CA HIS B 306 -30.74 -12.52 -31.71
C HIS B 306 -30.20 -11.06 -31.73
N ALA B 308 -27.95 -8.69 -31.05
CA ALA B 308 -27.47 -8.87 -29.71
C ALA B 308 -27.19 -7.54 -29.00
N GLY B 309 -25.99 -6.99 -29.20
CA GLY B 309 -25.57 -5.73 -28.57
C GLY B 309 -25.84 -4.52 -29.45
N GLU B 310 -27.02 -4.50 -30.09
CA GLU B 310 -27.40 -3.39 -30.97
C GLU B 310 -27.82 -2.18 -30.15
N ASP B 311 -28.50 -2.42 -29.02
CA ASP B 311 -28.94 -1.34 -28.13
C ASP B 311 -28.12 -1.30 -26.85
N PHE B 312 -26.81 -1.07 -26.99
CA PHE B 312 -25.92 -1.01 -25.84
C PHE B 312 -24.75 -0.06 -26.06
N ARG B 313 -24.55 0.89 -25.15
CA ARG B 313 -23.41 1.80 -25.22
C ARG B 313 -22.43 1.57 -24.09
N PRO B 314 -21.13 1.40 -24.43
CA PRO B 314 -20.11 1.28 -23.39
C PRO B 314 -19.81 2.64 -22.77
N PRO B 315 -19.78 2.74 -21.42
CA PRO B 315 -19.57 4.05 -20.76
C PRO B 315 -18.43 4.87 -21.36
N ALA B 316 -18.63 6.17 -21.55
CA ALA B 316 -17.62 7.03 -22.16
C ALA B 316 -16.41 7.11 -21.22
N GLU B 317 -15.22 7.21 -21.80
CA GLU B 317 -13.97 7.21 -21.04
C GLU B 317 -13.96 8.32 -20.00
N ASN B 318 -14.39 7.96 -18.79
CA ASN B 318 -14.34 8.85 -17.62
C ASN B 318 -13.24 8.32 -16.72
N TRP B 319 -12.02 8.68 -17.10
CA TRP B 319 -10.78 8.31 -16.40
C TRP B 319 -9.64 9.14 -17.00
N LYS B 320 -8.87 9.77 -16.12
CA LYS B 320 -7.78 10.64 -16.52
C LYS B 320 -6.54 10.26 -15.72
N PRO B 321 -5.41 10.10 -16.42
CA PRO B 321 -4.16 9.81 -15.70
C PRO B 321 -3.59 11.09 -15.07
N GLN B 322 -2.77 10.93 -14.05
CA GLN B 322 -2.02 12.03 -13.46
C GLN B 322 -0.69 12.25 -14.13
N SER B 323 -0.08 11.21 -14.67
CA SER B 323 1.24 11.36 -15.31
C SER B 323 1.04 12.01 -16.66
N SER B 324 1.92 12.92 -17.01
CA SER B 324 1.87 13.56 -18.32
C SER B 324 2.79 12.85 -19.34
N ARG B 325 3.93 12.37 -18.89
CA ARG B 325 4.82 11.56 -19.73
C ARG B 325 4.14 10.28 -20.19
N TRP B 326 3.50 9.57 -19.27
CA TRP B 326 2.89 8.28 -19.52
C TRP B 326 1.35 8.38 -19.73
N GLY B 327 0.81 9.59 -19.77
CA GLY B 327 -0.64 9.80 -19.83
C GLY B 327 -1.35 9.10 -20.98
N GLU B 328 -0.84 9.29 -22.18
CA GLU B 328 -1.40 8.74 -23.41
C GLU B 328 -1.47 7.21 -23.40
N ALA B 329 -0.41 6.57 -22.91
CA ALA B 329 -0.36 5.11 -22.89
C ALA B 329 -1.31 4.55 -21.83
N LEU B 330 -1.44 5.25 -20.68
CA LEU B 330 -2.32 4.76 -19.62
C LEU B 330 -3.78 4.88 -20.05
N LYS B 331 -4.12 5.97 -20.71
CA LYS B 331 -5.46 6.10 -21.30
C LYS B 331 -5.80 4.92 -22.21
N HIS B 332 -4.84 4.50 -23.01
CA HIS B 332 -5.02 3.30 -23.85
C HIS B 332 -5.16 2.01 -23.03
N LEU B 333 -4.28 1.80 -22.06
CA LEU B 333 -4.36 0.60 -21.24
C LEU B 333 -5.68 0.55 -20.45
N HIS B 334 -6.17 1.68 -19.99
CA HIS B 334 -7.50 1.70 -19.33
C HIS B 334 -8.64 1.29 -20.28
N ARG B 335 -8.50 1.60 -21.55
CA ARG B 335 -9.52 1.36 -22.56
C ARG B 335 -9.58 -0.10 -23.00
N ILE B 336 -8.42 -0.73 -23.19
CA ILE B 336 -8.39 -2.11 -23.69
C ILE B 336 -8.87 -3.08 -22.66
N TRP B 337 -9.14 -4.30 -23.07
CA TRP B 337 -9.59 -5.33 -22.17
C TRP B 337 -8.40 -6.19 -21.81
N ARG B 338 -8.29 -6.48 -20.50
CA ARG B 338 -7.29 -7.37 -20.01
C ARG B 338 -7.90 -8.20 -18.89
N PRO B 339 -7.40 -9.43 -18.73
CA PRO B 339 -7.72 -10.16 -17.53
C PRO B 339 -6.95 -9.56 -16.36
N MET B 340 -7.52 -9.69 -15.19
CA MET B 340 -6.88 -9.19 -13.98
C MET B 340 -5.90 -10.21 -13.41
N ILE B 341 -4.78 -9.75 -12.91
CA ILE B 341 -3.90 -10.58 -12.07
C ILE B 341 -4.09 -10.05 -10.65
N GLY B 342 -4.97 -10.69 -9.91
CA GLY B 342 -5.43 -10.14 -8.63
C GLY B 342 -6.02 -8.76 -8.83
N LYS B 343 -5.39 -7.73 -8.26
CA LYS B 343 -5.85 -6.36 -8.39
C LYS B 343 -5.08 -5.57 -9.44
N LEU B 344 -4.28 -6.27 -10.26
CA LEU B 344 -3.44 -5.63 -11.26
C LEU B 344 -3.94 -5.85 -12.67
N LYS B 345 -3.96 -4.79 -13.45
CA LYS B 345 -4.26 -4.82 -14.86
C LYS B 345 -3.03 -4.42 -15.65
N ILE B 346 -2.53 -5.33 -16.48
CA ILE B 346 -1.30 -5.11 -17.21
C ILE B 346 -1.34 -5.82 -18.58
N PHE B 347 -0.59 -5.25 -19.53
CA PHE B 347 -0.39 -5.83 -20.82
C PHE B 347 1.07 -5.69 -21.19
N ILE B 348 1.72 -6.80 -21.46
CA ILE B 348 3.13 -6.78 -21.85
C ILE B 348 3.24 -6.52 -23.34
N ASP B 349 3.51 -5.25 -23.69
CA ASP B 349 3.69 -4.77 -25.05
C ASP B 349 4.57 -3.53 -25.01
N GLU B 350 5.31 -3.28 -26.07
CA GLU B 350 6.33 -2.21 -26.03
C GLU B 350 5.75 -0.82 -25.80
N GLU B 351 4.48 -0.63 -26.20
CA GLU B 351 3.80 0.63 -25.97
C GLU B 351 3.73 0.98 -24.48
N TYR B 352 3.64 -0.04 -23.63
CA TYR B 352 3.46 0.16 -22.20
C TYR B 352 4.72 -0.10 -21.41
N LYS B 353 5.88 -0.18 -22.07
CA LYS B 353 7.14 -0.50 -21.43
C LYS B 353 7.83 0.77 -20.99
N ILE B 354 8.28 0.78 -19.74
CA ILE B 354 8.91 1.95 -19.14
C ILE B 354 10.43 1.81 -19.27
N ALA B 355 10.95 0.63 -18.97
CA ALA B 355 12.38 0.41 -18.96
C ALA B 355 12.75 -1.08 -19.03
N ASP B 356 14.04 -1.33 -19.26
CA ASP B 356 14.57 -2.69 -19.21
C ASP B 356 15.21 -2.96 -17.88
N THR B 357 15.03 -4.18 -17.42
CA THR B 357 15.73 -4.70 -16.23
C THR B 357 16.38 -6.02 -16.56
N ALA B 358 17.25 -6.45 -15.66
CA ALA B 358 17.88 -7.77 -15.72
C ALA B 358 16.87 -8.92 -15.55
N GLU B 359 15.68 -8.62 -15.00
CA GLU B 359 14.58 -9.55 -14.90
C GLU B 359 13.25 -8.87 -15.22
N GLY B 360 12.69 -9.16 -16.39
CA GLY B 360 11.28 -8.85 -16.61
C GLY B 360 10.91 -7.50 -17.16
N GLY B 361 11.62 -6.45 -16.75
CA GLY B 361 11.39 -5.08 -17.24
C GLY B 361 10.33 -4.34 -16.45
N ILE B 362 10.22 -3.04 -16.71
CA ILE B 362 9.28 -2.18 -16.01
C ILE B 362 8.18 -1.83 -16.99
N TYR B 363 6.93 -2.12 -16.62
CA TYR B 363 5.77 -1.83 -17.46
C TYR B 363 4.73 -1.03 -16.70
N LEU B 364 3.99 -0.19 -17.44
CA LEU B 364 2.85 0.51 -16.91
C LEU B 364 1.81 -0.51 -16.54
N GLY B 365 1.04 -0.18 -15.51
CA GLY B 365 -0.03 -1.06 -15.00
C GLY B 365 -1.11 -0.22 -14.34
N LEU B 366 -2.21 -0.87 -13.99
CA LEU B 366 -3.26 -0.23 -13.18
C LEU B 366 -3.54 -1.16 -12.00
N TYR B 367 -3.38 -0.65 -10.81
CA TYR B 367 -3.58 -1.41 -9.58
C TYR B 367 -4.65 -0.68 -8.80
N GLU B 368 -5.76 -1.38 -8.51
CA GLU B 368 -6.97 -0.76 -7.91
C GLU B 368 -7.35 0.52 -8.65
N ASP B 369 -7.27 0.46 -9.98
CA ASP B 369 -7.48 1.61 -10.86
C ASP B 369 -6.53 2.78 -10.72
N GLN B 370 -5.44 2.61 -9.97
CA GLN B 370 -4.40 3.62 -9.84
C GLN B 370 -3.30 3.24 -10.81
N GLU B 371 -2.73 4.23 -11.48
CA GLU B 371 -1.57 4.01 -12.32
C GLU B 371 -0.34 3.66 -11.49
N VAL B 372 0.39 2.63 -11.94
CA VAL B 372 1.61 2.21 -11.28
C VAL B 372 2.65 1.73 -12.28
N ALA B 373 3.90 1.63 -11.81
CA ALA B 373 5.00 0.99 -12.53
C ALA B 373 5.12 -0.41 -11.97
N VAL B 374 5.27 -1.40 -12.84
CA VAL B 374 5.20 -2.80 -12.48
C VAL B 374 6.54 -3.43 -12.80
N LYS B 375 7.28 -3.77 -11.75
CA LYS B 375 8.56 -4.42 -11.89
C LYS B 375 8.32 -5.90 -11.75
N ARG B 376 8.80 -6.66 -12.72
CA ARG B 376 8.45 -8.09 -12.83
C ARG B 376 9.64 -8.97 -12.51
N PHE B 377 9.36 -10.04 -11.78
CA PHE B 377 10.37 -11.03 -11.49
C PHE B 377 9.80 -12.43 -11.70
N SER B 378 10.69 -13.43 -11.73
CA SER B 378 10.25 -14.82 -11.64
C SER B 378 9.63 -14.98 -10.26
N GLU B 379 8.58 -15.79 -10.14
CA GLU B 379 7.92 -15.95 -8.85
C GLU B 379 8.86 -16.62 -7.81
N GLY B 380 9.90 -17.30 -8.29
CA GLY B 380 10.93 -17.86 -7.42
C GLY B 380 12.10 -16.94 -7.09
N SER B 381 12.30 -15.92 -7.91
CA SER B 381 13.47 -15.04 -7.83
C SER B 381 13.82 -14.58 -6.43
N THR B 382 15.08 -14.81 -6.05
CA THR B 382 15.59 -14.27 -4.80
C THR B 382 15.60 -12.73 -4.81
N ARG B 383 15.93 -12.15 -5.96
CA ARG B 383 15.94 -10.71 -6.10
C ARG B 383 14.51 -10.12 -5.94
N GLY B 384 13.52 -10.77 -6.50
CA GLY B 384 12.11 -10.40 -6.28
C GLY B 384 11.71 -10.47 -4.81
N GLN B 385 12.25 -11.44 -4.07
CA GLN B 385 11.92 -11.54 -2.63
C GLN B 385 12.56 -10.46 -1.78
N GLN B 386 13.81 -10.10 -2.07
CA GLN B 386 14.44 -9.00 -1.35
C GLN B 386 13.83 -7.64 -1.67
N GLU B 387 13.32 -7.46 -2.90
CA GLU B 387 12.70 -6.20 -3.27
C GLU B 387 11.46 -6.01 -2.42
N VAL B 388 10.60 -7.01 -2.36
CA VAL B 388 9.35 -6.83 -1.59
C VAL B 388 9.60 -6.78 -0.11
N SER B 389 10.56 -7.53 0.39
CA SER B 389 10.92 -7.46 1.82
C SER B 389 11.34 -6.05 2.23
N CYS B 390 12.20 -5.44 1.44
CA CYS B 390 12.68 -4.10 1.73
C CYS B 390 11.58 -3.04 1.49
N LEU B 391 10.81 -3.18 0.42
CA LEU B 391 9.65 -2.29 0.22
C LEU B 391 8.62 -2.35 1.35
N GLN B 392 8.32 -3.53 1.85
CA GLN B 392 7.35 -3.68 2.95
C GLN B 392 7.78 -3.02 4.28
N SER B 393 9.08 -2.89 4.48
CA SER B 393 9.64 -2.20 5.65
C SER B 393 9.89 -0.70 5.44
N SER B 394 9.50 -0.18 4.27
CA SER B 394 9.79 1.20 3.89
C SER B 394 8.54 2.01 3.66
N ARG B 395 7.37 1.46 3.98
CA ARG B 395 6.10 2.16 3.73
C ARG B 395 5.99 3.52 4.44
N ALA B 396 6.68 3.71 5.57
CA ALA B 396 6.79 5.03 6.24
C ALA B 396 7.90 5.93 5.73
N ASN B 397 8.78 5.44 4.86
CA ASN B 397 9.84 6.27 4.33
C ASN B 397 9.27 7.13 3.22
N ASP B 398 9.15 8.42 3.47
CA ASP B 398 8.61 9.37 2.52
C ASP B 398 9.38 9.48 1.23
N ASN B 399 10.69 9.28 1.29
CA ASN B 399 11.56 9.44 0.15
C ASN B 399 11.93 8.13 -0.50
N VAL B 400 11.09 7.10 -0.30
CA VAL B 400 11.19 5.84 -1.04
C VAL B 400 9.92 5.71 -1.88
N VAL B 401 10.06 5.13 -3.06
CA VAL B 401 8.99 5.07 -3.99
C VAL B 401 7.84 4.29 -3.35
N THR B 402 6.61 4.80 -3.51
CA THR B 402 5.47 4.21 -2.81
C THR B 402 5.19 2.82 -3.33
N PHE B 403 4.93 1.90 -2.40
CA PHE B 403 4.69 0.51 -2.72
C PHE B 403 3.21 0.19 -2.57
N TYR B 404 2.56 -0.08 -3.69
CA TYR B 404 1.15 -0.39 -3.71
C TYR B 404 0.93 -1.84 -3.28
N GLY B 405 1.65 -2.77 -3.87
CA GLY B 405 1.41 -4.19 -3.57
C GLY B 405 2.13 -5.09 -4.55
N SER B 406 2.09 -6.39 -4.31
CA SER B 406 2.63 -7.39 -5.21
C SER B 406 1.54 -8.40 -5.60
N GLU B 407 1.60 -8.86 -6.84
CA GLU B 407 0.63 -9.80 -7.37
C GLU B 407 1.35 -10.89 -8.12
N SER B 408 0.93 -12.12 -7.93
CA SER B 408 1.55 -13.22 -8.65
C SER B 408 0.52 -13.92 -9.49
N ASP B 409 0.94 -14.41 -10.63
CA ASP B 409 0.07 -15.27 -11.43
C ASP B 409 0.67 -16.66 -11.28
N GLY B 410 0.35 -17.58 -12.17
CA GLY B 410 1.06 -18.85 -12.19
C GLY B 410 2.54 -18.75 -11.80
N SER B 411 3.28 -17.86 -12.43
CA SER B 411 4.71 -17.91 -12.35
C SER B 411 5.41 -16.59 -12.58
N CYS B 412 4.90 -15.51 -12.02
CA CYS B 412 5.56 -14.21 -12.19
C CYS B 412 5.18 -13.30 -11.08
N LEU B 413 6.16 -12.74 -10.40
CA LEU B 413 5.93 -11.81 -9.30
C LEU B 413 5.87 -10.41 -9.88
N HIS B 414 4.70 -9.77 -9.79
CA HIS B 414 4.53 -8.38 -10.20
C HIS B 414 4.62 -7.51 -8.98
N VAL B 415 5.59 -6.60 -8.96
CA VAL B 415 5.71 -5.60 -7.89
C VAL B 415 5.25 -4.24 -8.42
N CYS B 416 4.23 -3.69 -7.79
CA CYS B 416 3.59 -2.44 -8.28
C CYS B 416 4.01 -1.23 -7.45
N LEU B 417 4.50 -0.20 -8.12
CA LEU B 417 5.07 0.95 -7.46
C LEU B 417 4.51 2.23 -8.02
N ALA B 418 4.66 3.29 -7.24
CA ALA B 418 4.27 4.61 -7.71
C ALA B 418 4.96 4.95 -9.01
N LEU B 419 4.19 5.53 -9.92
CA LEU B 419 4.68 5.95 -11.21
C LEU B 419 5.36 7.29 -11.08
N CYS B 420 6.59 7.39 -11.56
CA CYS B 420 7.30 8.64 -11.54
C CYS B 420 7.56 9.12 -12.94
N GLU B 421 7.82 10.41 -13.10
CA GLU B 421 8.03 11.00 -14.42
C GLU B 421 9.37 10.60 -14.98
N TYR B 422 10.45 11.02 -14.32
CA TYR B 422 11.81 10.92 -14.87
C TYR B 422 12.78 10.31 -13.90
N THR B 423 13.78 9.65 -14.46
CA THR B 423 14.99 9.26 -13.75
C THR B 423 15.75 10.52 -13.35
N LEU B 424 16.56 10.42 -12.30
CA LEU B 424 17.49 11.50 -11.96
C LEU B 424 18.30 11.98 -13.16
N GLN B 425 18.93 11.04 -13.87
CA GLN B 425 19.69 11.32 -15.12
C GLN B 425 18.89 12.11 -16.13
N GLU B 426 17.67 11.68 -16.44
CA GLU B 426 16.86 12.37 -17.42
C GLU B 426 16.55 13.76 -16.90
N HIS B 427 16.20 13.82 -15.61
CA HIS B 427 15.76 15.08 -15.05
C HIS B 427 16.87 16.12 -15.07
N LEU B 428 18.10 15.73 -14.77
CA LEU B 428 19.21 16.68 -14.81
C LEU B 428 19.52 17.14 -16.22
N ALA B 429 19.41 16.24 -17.20
CA ALA B 429 19.51 16.64 -18.62
C ALA B 429 18.46 17.71 -19.04
N ASN B 430 17.19 17.46 -18.70
CA ASN B 430 16.09 18.42 -19.08
C ASN B 430 16.25 19.79 -18.43
N HIS B 431 16.79 19.82 -17.21
CA HIS B 431 16.90 21.10 -16.44
C HIS B 431 18.30 21.66 -16.43
N ARG B 432 19.15 21.17 -17.36
CA ARG B 432 20.55 21.60 -17.43
C ARG B 432 20.67 23.06 -17.74
N GLY B 433 19.74 23.61 -18.54
CA GLY B 433 19.75 25.02 -18.91
C GLY B 433 19.06 26.03 -17.99
N ASP B 434 18.57 25.59 -16.84
CA ASP B 434 17.65 26.41 -16.03
C ASP B 434 18.31 27.49 -15.22
N ALA B 435 19.51 27.24 -14.72
CA ALA B 435 20.25 28.26 -13.95
C ALA B 435 21.29 29.01 -14.80
N VAL B 436 21.49 30.27 -14.44
CA VAL B 436 22.54 31.11 -14.98
C VAL B 436 23.88 30.57 -14.44
N PRO B 437 24.98 30.75 -15.20
CA PRO B 437 26.30 30.22 -14.82
C PRO B 437 26.73 30.32 -13.34
N ASN B 438 26.55 31.49 -12.73
CA ASN B 438 27.03 31.74 -11.35
C ASN B 438 25.91 32.01 -10.36
N GLU B 439 24.81 31.25 -10.45
CA GLU B 439 23.70 31.40 -9.51
C GLU B 439 23.47 30.11 -8.72
N GLU B 440 22.84 30.28 -7.59
CA GLU B 440 22.76 29.25 -6.59
C GLU B 440 21.94 28.06 -7.03
N ASP B 441 22.44 26.84 -6.77
CA ASP B 441 21.77 25.61 -7.16
C ASP B 441 20.95 25.03 -5.98
N GLU B 442 19.75 25.57 -5.82
CA GLU B 442 18.78 25.08 -4.83
C GLU B 442 18.43 23.62 -5.12
N SER B 443 18.31 23.28 -6.39
CA SER B 443 17.78 21.98 -6.77
C SER B 443 18.73 20.84 -6.35
N ALA B 444 20.03 21.05 -6.44
CA ALA B 444 21.01 20.07 -5.99
C ALA B 444 20.83 19.78 -4.51
N ARG B 445 20.61 20.84 -3.71
CA ARG B 445 20.35 20.64 -2.28
C ARG B 445 19.09 19.81 -2.01
N ASN B 446 17.99 20.09 -2.72
CA ASN B 446 16.72 19.39 -2.42
C ASN B 446 16.85 17.93 -2.77
N ILE B 447 17.38 17.65 -3.94
CA ILE B 447 17.60 16.28 -4.35
C ILE B 447 18.48 15.53 -3.34
N LEU B 448 19.60 16.13 -2.95
CA LEU B 448 20.54 15.45 -2.07
C LEU B 448 20.02 15.29 -0.64
N SER B 449 19.39 16.32 -0.11
CA SER B 449 18.78 16.20 1.23
C SER B 449 17.68 15.14 1.26
N SER B 450 16.89 15.05 0.20
CA SER B 450 15.92 13.93 0.10
C SER B 450 16.57 12.59 0.09
N LEU B 451 17.66 12.45 -0.64
CA LEU B 451 18.42 11.15 -0.64
C LEU B 451 19.03 10.85 0.71
N PHE B 452 19.58 11.85 1.38
CA PHE B 452 20.16 11.63 2.71
C PHE B 452 19.11 11.10 3.67
N LYS B 453 17.91 11.70 3.62
CA LYS B 453 16.80 11.25 4.47
C LYS B 453 16.38 9.85 4.05
N ALA B 454 16.26 9.63 2.75
CA ALA B 454 15.86 8.32 2.26
C ALA B 454 16.78 7.21 2.73
N ILE B 455 18.08 7.36 2.50
CA ILE B 455 19.04 6.33 2.86
C ILE B 455 19.17 6.22 4.38
N GLY B 456 19.08 7.36 5.08
CA GLY B 456 19.10 7.35 6.54
C GLY B 456 17.98 6.54 7.15
N GLU B 457 16.75 6.74 6.62
CA GLU B 457 15.58 6.04 7.16
C GLU B 457 15.62 4.58 6.76
N LEU B 458 16.12 4.30 5.56
CA LEU B 458 16.31 2.91 5.15
C LEU B 458 17.28 2.16 6.07
N HIS B 459 18.34 2.81 6.53
CA HIS B 459 19.27 2.20 7.50
C HIS B 459 18.61 1.97 8.86
N ARG B 460 17.87 2.94 9.38
CA ARG B 460 17.10 2.76 10.61
C ARG B 460 16.09 1.61 10.47
N SER B 461 15.60 1.37 9.27
CA SER B 461 14.68 0.27 9.04
C SER B 461 15.43 -1.07 8.95
N GLY B 462 16.77 -1.04 9.03
CA GLY B 462 17.61 -2.25 9.01
C GLY B 462 18.08 -2.71 7.66
N TYR B 463 18.06 -1.82 6.67
CA TYR B 463 18.38 -2.20 5.30
C TYR B 463 19.43 -1.29 4.70
N SER B 464 20.23 -1.86 3.79
CA SER B 464 21.15 -1.10 2.98
C SER B 464 20.86 -1.36 1.49
N HIS B 465 20.97 -0.34 0.67
CA HIS B 465 20.56 -0.44 -0.72
C HIS B 465 21.52 -1.26 -1.60
N GLN B 466 22.82 -0.99 -1.47
CA GLN B 466 23.91 -1.75 -2.12
C GLN B 466 24.10 -1.52 -3.60
N ASP B 467 23.34 -0.61 -4.20
CA ASP B 467 23.46 -0.33 -5.64
C ASP B 467 22.91 1.03 -5.94
N LEU B 468 23.41 2.04 -5.25
CA LEU B 468 22.95 3.41 -5.44
C LEU B 468 23.59 4.03 -6.68
N GLN B 469 22.74 4.38 -7.64
CA GLN B 469 23.15 5.04 -8.84
C GLN B 469 21.99 5.87 -9.39
N PRO B 470 22.28 6.79 -10.32
CA PRO B 470 21.20 7.70 -10.76
C PRO B 470 20.02 7.07 -11.46
N GLN B 471 20.15 5.85 -11.96
CA GLN B 471 19.00 5.16 -12.55
C GLN B 471 18.00 4.61 -11.50
N ASN B 472 18.46 4.43 -10.27
CA ASN B 472 17.64 4.01 -9.14
C ASN B 472 17.00 5.16 -8.37
N ILE B 473 17.03 6.36 -8.93
CA ILE B 473 16.49 7.53 -8.25
C ILE B 473 15.52 8.19 -9.25
N LEU B 474 14.26 8.33 -8.82
CA LEU B 474 13.20 8.82 -9.69
C LEU B 474 12.64 10.15 -9.20
N ILE B 475 12.22 10.97 -10.15
CA ILE B 475 11.63 12.29 -9.83
C ILE B 475 10.15 12.30 -10.24
N ASP B 476 9.27 12.75 -9.34
CA ASP B 476 7.84 12.75 -9.62
C ASP B 476 7.43 14.05 -10.25
N SER B 477 6.13 14.20 -10.54
CA SER B 477 5.64 15.40 -11.27
C SER B 477 5.82 16.69 -10.48
N LYS B 478 5.90 16.59 -9.15
CA LYS B 478 6.16 17.77 -8.30
C LYS B 478 7.64 17.92 -7.90
N ASN B 479 8.56 17.38 -8.67
CA ASN B 479 10.02 17.49 -8.44
C ASN B 479 10.51 16.90 -7.11
N GLY B 480 9.73 16.00 -6.50
CA GLY B 480 10.21 15.22 -5.37
C GLY B 480 11.06 14.05 -5.84
N THR B 481 12.11 13.73 -5.07
CA THR B 481 13.00 12.66 -5.40
C THR B 481 12.69 11.44 -4.55
N PHE B 482 12.74 10.26 -5.16
CA PHE B 482 12.39 9.03 -4.54
C PHE B 482 13.44 8.00 -4.88
N LEU B 483 13.78 7.17 -3.90
CA LEU B 483 14.74 6.09 -4.08
C LEU B 483 13.96 4.87 -4.47
N ALA B 484 14.46 4.12 -5.43
CA ALA B 484 13.81 2.88 -5.84
C ALA B 484 14.83 1.77 -6.03
N ASP B 485 14.33 0.63 -6.47
CA ASP B 485 15.11 -0.55 -6.88
C ASP B 485 15.93 -1.29 -5.83
N PHE B 486 15.24 -1.98 -4.94
CA PHE B 486 15.87 -2.68 -3.82
C PHE B 486 15.99 -4.18 -4.03
N ASP B 487 16.22 -4.64 -5.24
CA ASP B 487 16.42 -6.07 -5.50
C ASP B 487 17.79 -6.56 -5.00
N LYS B 488 18.77 -5.67 -4.88
CA LYS B 488 20.06 -6.05 -4.35
C LYS B 488 20.27 -5.62 -2.89
N SER B 489 19.19 -5.26 -2.17
CA SER B 489 19.35 -4.71 -0.82
C SER B 489 19.65 -5.84 0.16
N ILE B 490 20.15 -5.51 1.34
CA ILE B 490 20.42 -6.53 2.38
C ILE B 490 20.05 -5.97 3.75
N LYS B 491 19.67 -6.85 4.66
CA LYS B 491 19.58 -6.51 6.08
C LYS B 491 21.02 -6.34 6.57
N TRP B 492 21.40 -5.11 6.91
CA TRP B 492 22.79 -4.83 7.30
C TRP B 492 23.17 -5.39 8.66
N ALA B 493 22.21 -5.84 9.46
CA ALA B 493 22.52 -6.42 10.76
C ALA B 493 23.47 -7.64 10.64
N GLU B 494 23.31 -8.44 9.58
CA GLU B 494 24.24 -9.55 9.34
C GLU B 494 25.73 -9.11 9.25
N ASP B 495 25.97 -7.88 8.79
CA ASP B 495 27.31 -7.40 8.49
C ASP B 495 27.26 -5.85 8.47
N PRO B 496 27.26 -5.25 9.68
CA PRO B 496 27.00 -3.81 9.80
C PRO B 496 27.93 -2.88 9.07
N GLN B 497 29.08 -3.38 8.65
CA GLN B 497 30.05 -2.54 7.99
C GLN B 497 29.73 -2.26 6.51
N LYS B 498 28.76 -2.93 5.91
CA LYS B 498 28.53 -2.79 4.48
C LYS B 498 27.63 -1.59 4.13
N ILE B 499 27.10 -0.88 5.13
CA ILE B 499 26.40 0.34 4.82
C ILE B 499 27.36 1.41 4.32
N LYS B 500 28.65 1.31 4.65
CA LYS B 500 29.62 2.27 4.13
C LYS B 500 29.64 2.39 2.61
N ARG B 501 29.30 1.33 1.92
CA ARG B 501 29.27 1.41 0.44
C ARG B 501 28.05 2.21 -0.02
N ASP B 502 26.95 2.23 0.74
CA ASP B 502 25.87 3.22 0.50
C ASP B 502 26.36 4.64 0.66
N LEU B 503 27.11 4.89 1.72
CA LEU B 503 27.62 6.23 1.97
C LEU B 503 28.67 6.64 0.96
N GLU B 504 29.37 5.67 0.37
CA GLU B 504 30.31 5.97 -0.71
C GLU B 504 29.58 6.39 -1.98
N ALA B 505 28.57 5.62 -2.34
CA ALA B 505 27.76 5.94 -3.51
C ALA B 505 27.05 7.31 -3.32
N LEU B 506 26.66 7.62 -2.09
CA LEU B 506 26.16 8.94 -1.79
C LEU B 506 27.17 10.02 -2.11
N GLY B 507 28.45 9.76 -1.76
CA GLY B 507 29.52 10.68 -2.05
C GLY B 507 29.67 10.94 -3.53
N LEU B 508 29.60 9.86 -4.31
CA LEU B 508 29.63 10.00 -5.75
C LEU B 508 28.40 10.75 -6.29
N LEU B 509 27.22 10.45 -5.70
CA LEU B 509 25.97 11.10 -6.12
C LEU B 509 26.00 12.57 -5.80
N VAL B 510 26.68 12.94 -4.70
CA VAL B 510 26.77 14.37 -4.39
C VAL B 510 27.47 15.09 -5.54
N LEU B 511 28.62 14.58 -5.93
CA LEU B 511 29.40 15.21 -7.02
C LEU B 511 28.61 15.15 -8.32
N TYR B 512 27.98 14.00 -8.58
CA TYR B 512 27.17 13.82 -9.79
C TYR B 512 26.08 14.91 -9.92
N VAL B 513 25.34 15.15 -8.84
CA VAL B 513 24.24 16.10 -8.86
C VAL B 513 24.74 17.52 -8.86
N VAL B 514 25.77 17.82 -8.09
CA VAL B 514 26.37 19.17 -8.09
C VAL B 514 26.90 19.54 -9.48
N LYS B 515 27.46 18.57 -10.21
CA LYS B 515 27.90 18.81 -11.59
C LYS B 515 26.79 18.77 -12.60
N LYS B 516 25.53 18.78 -12.15
CA LYS B 516 24.36 18.81 -13.02
C LYS B 516 24.29 17.69 -14.03
N GLY B 517 24.90 16.58 -13.68
CA GLY B 517 24.93 15.41 -14.54
C GLY B 517 25.95 15.42 -15.67
N ASP B 518 26.78 16.44 -15.77
CA ASP B 518 27.75 16.55 -16.89
C ASP B 518 28.88 15.53 -16.85
N ILE B 519 29.29 15.13 -15.65
CA ILE B 519 30.20 14.01 -15.50
C ILE B 519 29.37 12.76 -15.22
N SER B 520 29.62 11.71 -16.00
CA SER B 520 28.87 10.49 -15.92
C SER B 520 29.16 9.79 -14.60
N PHE B 521 28.25 8.90 -14.23
CA PHE B 521 28.38 8.14 -13.03
C PHE B 521 29.42 7.06 -13.21
N GLU B 522 29.49 6.46 -14.40
CA GLU B 522 30.52 5.45 -14.70
C GLU B 522 31.93 6.03 -14.54
N THR B 523 32.13 7.26 -15.03
CA THR B 523 33.39 7.97 -14.83
C THR B 523 33.72 8.06 -13.34
N LEU B 524 32.72 8.43 -12.54
CA LEU B 524 32.92 8.72 -11.12
C LEU B 524 33.22 7.46 -10.31
N LYS B 525 32.61 6.33 -10.67
CA LYS B 525 32.90 5.05 -10.00
C LYS B 525 34.30 4.53 -10.33
N ASN B 526 34.86 4.95 -11.47
CA ASN B 526 36.22 4.59 -11.85
C ASN B 526 37.26 5.55 -11.32
N GLN B 527 36.85 6.57 -10.59
CA GLN B 527 37.80 7.50 -9.97
C GLN B 527 38.06 7.00 -8.56
N SER B 528 39.21 7.39 -8.02
CA SER B 528 39.50 7.11 -6.62
C SER B 528 38.82 8.19 -5.78
N PHE B 529 38.75 7.93 -4.48
CA PHE B 529 38.14 8.89 -3.56
C PHE B 529 38.82 10.26 -3.64
N GLU B 530 40.14 10.27 -3.70
CA GLU B 530 40.89 11.54 -3.80
C GLU B 530 40.60 12.29 -5.11
N GLU B 531 40.44 11.56 -6.19
CA GLU B 531 40.07 12.19 -7.48
C GLU B 531 38.67 12.79 -7.43
N VAL B 532 37.74 12.12 -6.77
CA VAL B 532 36.38 12.63 -6.62
C VAL B 532 36.34 13.95 -5.82
N ILE B 533 37.13 14.02 -4.76
CA ILE B 533 37.18 15.20 -3.89
C ILE B 533 37.79 16.38 -4.63
N GLN B 534 38.85 16.12 -5.41
CA GLN B 534 39.51 17.20 -6.16
C GLN B 534 38.60 17.76 -7.26
N GLY B 535 37.77 16.90 -7.87
CA GLY B 535 36.75 17.34 -8.81
C GLY B 535 35.62 18.22 -8.27
N SER B 536 35.59 18.44 -6.95
CA SER B 536 34.52 19.23 -6.37
C SER B 536 34.75 20.73 -6.59
N PRO B 537 33.70 21.46 -6.98
CA PRO B 537 33.84 22.89 -7.31
C PRO B 537 33.96 23.86 -6.12
N ASP B 538 33.66 23.44 -4.91
CA ASP B 538 33.75 24.35 -3.75
C ASP B 538 34.13 23.56 -2.50
N GLU B 539 34.44 24.26 -1.41
CA GLU B 539 34.90 23.60 -0.18
C GLU B 539 33.78 22.95 0.65
N GLU B 540 32.55 23.44 0.47
CA GLU B 540 31.40 22.80 1.12
C GLU B 540 31.21 21.41 0.54
N THR B 541 31.24 21.32 -0.79
CA THR B 541 31.08 20.04 -1.44
C THR B 541 32.20 19.10 -1.09
N ARG B 542 33.41 19.65 -1.05
CA ARG B 542 34.61 18.85 -0.75
C ARG B 542 34.50 18.26 0.63
N ASP B 543 34.19 19.10 1.60
CA ASP B 543 34.08 18.65 2.98
C ASP B 543 32.99 17.61 3.15
N LEU B 544 31.85 17.82 2.49
CA LEU B 544 30.75 16.88 2.63
C LEU B 544 31.10 15.52 2.08
N ILE B 545 31.62 15.49 0.87
CA ILE B 545 31.99 14.21 0.21
C ILE B 545 33.04 13.47 1.04
N HIS B 546 33.99 14.21 1.59
CA HIS B 546 34.98 13.63 2.50
C HIS B 546 34.33 12.88 3.65
N HIS B 547 33.36 13.52 4.31
CA HIS B 547 32.66 12.89 5.43
C HIS B 547 31.82 11.69 5.05
N LEU B 548 31.43 11.59 3.78
CA LEU B 548 30.75 10.38 3.29
C LEU B 548 31.69 9.23 2.96
N PHE B 549 32.88 9.54 2.45
CA PHE B 549 33.91 8.48 2.25
C PHE B 549 34.63 8.05 3.54
N HIS B 550 34.65 8.90 4.57
CA HIS B 550 35.25 8.54 5.86
C HIS B 550 34.26 8.82 6.98
N PRO B 551 33.25 7.97 7.11
CA PRO B 551 32.19 8.22 8.06
C PRO B 551 32.38 7.59 9.44
N GLY B 552 33.06 6.47 9.52
CA GLY B 552 32.97 5.63 10.73
C GLY B 552 33.79 4.36 10.65
N VAL B 555 29.44 6.61 13.76
CA VAL B 555 29.70 5.70 12.65
C VAL B 555 28.40 5.26 11.99
N GLU B 556 27.26 5.55 12.60
CA GLU B 556 25.97 5.05 12.14
C GLU B 556 25.16 6.15 11.48
N ASP B 557 24.53 7.04 12.28
CA ASP B 557 23.68 8.09 11.74
C ASP B 557 24.46 9.37 11.45
N ARG B 558 25.39 9.22 10.50
CA ARG B 558 26.19 10.31 10.01
C ARG B 558 25.29 11.15 9.12
N LEU B 559 24.42 10.47 8.36
CA LEU B 559 23.51 11.17 7.45
C LEU B 559 22.66 12.26 8.03
N SER B 560 22.07 12.03 9.19
CA SER B 560 21.21 13.03 9.80
C SER B 560 22.02 14.25 10.22
N SER B 561 23.23 13.98 10.73
CA SER B 561 24.10 15.07 11.21
C SER B 561 24.57 15.90 10.03
N LEU B 562 24.93 15.28 8.92
CA LEU B 562 25.34 16.00 7.75
C LEU B 562 24.27 16.88 7.14
N LEU B 563 22.98 16.69 7.48
CA LEU B 563 21.98 17.64 6.97
C LEU B 563 22.16 19.04 7.54
N ALA B 564 22.94 19.16 8.62
CA ALA B 564 23.30 20.46 9.20
C ALA B 564 24.54 21.11 8.61
N HIS B 565 25.17 20.43 7.67
CA HIS B 565 26.40 20.90 7.06
C HIS B 565 26.14 22.13 6.18
N PRO B 566 27.09 23.07 6.13
CA PRO B 566 26.85 24.27 5.35
C PRO B 566 26.62 24.07 3.85
N PHE B 567 26.91 22.91 3.32
CA PHE B 567 26.45 22.58 1.99
C PHE B 567 24.94 22.77 1.79
N PHE B 568 24.16 22.42 2.81
CA PHE B 568 22.71 22.55 2.77
C PHE B 568 22.24 23.89 3.31
N TRP B 569 23.15 24.83 3.58
CA TRP B 569 22.75 26.19 3.95
C TRP B 569 22.62 27.00 2.68
N SER B 570 21.53 27.75 2.55
CA SER B 570 21.37 28.66 1.43
C SER B 570 22.42 29.77 1.51
N TRP B 571 22.58 30.49 0.41
CA TRP B 571 23.52 31.59 0.37
C TRP B 571 23.11 32.72 1.27
N GLU B 572 21.81 32.99 1.42
CA GLU B 572 21.38 34.01 2.36
C GLU B 572 21.76 33.62 3.82
N SER B 573 21.50 32.37 4.16
CA SER B 573 21.79 31.89 5.49
C SER B 573 23.30 31.89 5.80
N ARG B 574 24.12 31.53 4.83
CA ARG B 574 25.59 31.60 4.98
C ARG B 574 26.01 33.04 5.29
N TYR B 575 25.56 33.96 4.44
CA TYR B 575 25.74 35.41 4.68
C TYR B 575 25.17 35.89 6.00
N ARG B 576 24.02 35.40 6.37
CA ARG B 576 23.39 35.79 7.62
C ARG B 576 24.23 35.33 8.83
N THR B 577 24.82 34.15 8.77
CA THR B 577 25.60 33.71 9.93
C THR B 577 26.97 34.44 10.01
N LEU B 578 27.57 34.80 8.88
CA LEU B 578 28.79 35.61 8.89
C LEU B 578 28.52 37.00 9.43
N ARG B 579 27.38 37.56 9.08
CA ARG B 579 26.97 38.85 9.63
C ARG B 579 26.72 38.78 11.14
N ASP B 580 26.06 37.73 11.60
CA ASP B 580 25.71 37.60 13.01
C ASP B 580 26.92 37.31 13.88
N VAL B 581 27.89 36.55 13.38
CA VAL B 581 29.13 36.30 14.12
C VAL B 581 29.89 37.63 14.19
N GLY B 582 29.99 38.33 13.08
CA GLY B 582 30.62 39.66 13.02
C GLY B 582 30.02 40.75 13.86
N ASN B 583 28.85 40.51 14.44
CA ASN B 583 28.19 41.49 15.33
C ASN B 583 28.41 41.17 16.80
N GLU B 584 29.13 40.10 17.12
CA GLU B 584 29.52 39.84 18.52
C GLU B 584 30.35 41.02 19.09
N SER B 585 30.03 41.43 20.31
CA SER B 585 30.75 42.53 20.99
C SER B 585 32.27 42.48 20.86
N ASP B 586 32.82 41.31 21.09
CA ASP B 586 34.25 41.15 21.12
C ASP B 586 34.91 41.16 19.75
N ILE B 587 34.12 41.14 18.68
CA ILE B 587 34.63 41.30 17.32
C ILE B 587 34.66 42.79 16.96
N LYS B 588 33.65 43.52 17.38
CA LYS B 588 33.58 44.96 17.09
C LYS B 588 34.60 45.77 17.91
N THR B 589 34.88 45.32 19.13
CA THR B 589 35.90 45.95 19.97
C THR B 589 37.30 45.37 19.78
N ARG B 590 37.44 44.41 18.87
CA ARG B 590 38.72 43.76 18.59
C ARG B 590 39.39 43.20 19.87
N ASN B 591 38.58 42.76 20.85
CA ASN B 591 39.12 42.19 22.09
C ASN B 591 39.68 40.81 21.78
N GLN B 592 41.00 40.73 21.58
CA GLN B 592 41.59 39.49 21.09
C GLN B 592 41.79 38.41 22.15
N ASN B 593 41.73 38.81 23.41
CA ASN B 593 41.66 37.84 24.52
C ASN B 593 40.29 37.18 24.66
N SER B 594 39.28 37.68 23.95
CA SER B 594 37.92 37.17 24.10
C SER B 594 37.81 35.69 23.76
N ARG B 595 36.77 35.05 24.24
CA ARG B 595 36.52 33.66 23.87
C ARG B 595 36.30 33.45 22.34
N ILE B 596 35.53 34.32 21.71
CA ILE B 596 35.20 34.12 20.28
C ILE B 596 36.46 34.21 19.39
N LEU B 597 37.30 35.19 19.65
CA LEU B 597 38.50 35.37 18.83
C LEU B 597 39.61 34.40 19.18
N GLN B 598 39.60 33.86 20.39
CA GLN B 598 40.43 32.71 20.72
C GLN B 598 39.98 31.45 19.97
N LEU B 599 38.70 31.35 19.67
CA LEU B 599 38.15 30.26 18.84
C LEU B 599 38.53 30.47 17.36
N LEU B 600 38.46 31.70 16.90
CA LEU B 600 38.62 32.01 15.50
C LEU B 600 40.06 32.12 15.00
N GLN B 601 40.89 32.85 15.74
CA GLN B 601 42.19 33.28 15.27
C GLN B 601 43.33 33.11 16.28
N PRO B 602 43.34 31.99 17.00
CA PRO B 602 44.40 31.76 17.98
C PRO B 602 45.76 31.46 17.34
N GLY B 603 46.83 31.50 18.15
CA GLY B 603 48.16 31.04 17.76
C GLY B 603 49.06 32.14 17.27
N THR B 604 49.90 31.82 16.30
CA THR B 604 50.81 32.77 15.68
C THR B 604 50.14 33.65 14.61
N SER B 605 49.20 33.06 13.85
CA SER B 605 48.35 33.78 12.88
C SER B 605 47.40 32.78 12.21
N GLU B 606 46.57 33.26 11.27
CA GLU B 606 45.73 32.38 10.43
C GLU B 606 46.37 32.38 9.05
N LEU B 607 47.30 31.47 8.81
CA LEU B 607 48.07 31.43 7.55
C LEU B 607 47.32 30.67 6.45
N SER B 608 47.79 30.76 5.20
CA SER B 608 47.38 29.86 4.10
C SER B 608 45.85 29.73 3.83
N THR B 609 45.19 30.86 3.79
CA THR B 609 43.77 30.91 3.47
C THR B 609 43.52 32.12 2.65
N SER B 610 42.58 32.04 1.72
CA SER B 610 42.26 33.16 0.85
C SER B 610 41.96 34.48 1.56
N PHE B 611 41.74 34.44 2.88
CA PHE B 611 41.43 35.65 3.62
C PHE B 611 42.59 36.15 4.49
N ALA B 612 43.74 35.49 4.42
CA ALA B 612 44.98 36.12 4.88
C ALA B 612 45.26 37.30 3.97
N GLN B 613 45.66 38.42 4.57
CA GLN B 613 45.66 39.71 3.86
C GLN B 613 44.45 39.91 2.96
N TRP B 614 43.28 39.92 3.59
CA TRP B 614 41.99 40.01 2.88
C TRP B 614 41.67 41.44 2.47
N THR B 615 42.16 42.42 3.23
CA THR B 615 41.94 43.84 2.89
C THR B 615 42.54 44.24 1.54
N THR B 616 43.51 43.48 1.07
CA THR B 616 44.11 43.73 -0.23
C THR B 616 43.26 43.16 -1.37
N LYS B 617 42.50 42.09 -1.10
CA LYS B 617 41.68 41.45 -2.13
C LYS B 617 40.35 42.15 -2.38
N ILE B 618 40.01 43.15 -1.58
CA ILE B 618 38.77 43.89 -1.77
C ILE B 618 39.03 45.15 -2.58
N ASP B 619 38.09 45.46 -3.49
CA ASP B 619 38.16 46.66 -4.34
C ASP B 619 38.49 47.87 -3.48
N SER B 620 39.44 48.69 -3.96
CA SER B 620 40.01 49.77 -3.16
C SER B 620 39.03 50.91 -2.89
N PHE B 621 38.04 51.12 -3.77
CA PHE B 621 37.00 52.11 -3.50
C PHE B 621 36.19 51.74 -2.26
N VAL B 622 35.78 50.46 -2.22
CA VAL B 622 34.87 50.01 -1.19
C VAL B 622 35.66 49.90 0.10
N MET B 623 36.93 49.49 -0.01
CA MET B 623 37.78 49.39 1.18
C MET B 623 37.99 50.74 1.82
N GLU B 624 38.24 51.76 1.00
CA GLU B 624 38.44 53.13 1.50
C GLU B 624 37.20 53.62 2.22
N GLU B 625 36.06 53.54 1.55
CA GLU B 625 34.82 54.14 2.07
C GLU B 625 34.26 53.43 3.30
N MET B 626 34.67 52.18 3.50
CA MET B 626 34.31 51.49 4.71
C MET B 626 35.06 51.99 5.94
N ASN B 627 36.10 52.77 5.75
CA ASN B 627 36.89 53.28 6.86
C ASN B 627 36.21 54.52 7.45
N ALA B 628 35.66 54.36 8.66
CA ALA B 628 35.10 55.48 9.43
C ALA B 628 36.01 55.88 10.63
N GLY B 645 44.79 52.02 16.37
CA GLY B 645 43.86 51.12 15.71
C GLY B 645 42.92 51.86 14.77
N ASN B 646 41.62 51.57 14.90
CA ASN B 646 40.58 52.20 14.09
C ASN B 646 40.81 52.08 12.56
N LEU B 647 41.30 50.92 12.12
CA LEU B 647 41.51 50.63 10.69
C LEU B 647 41.49 49.13 10.51
N TYR B 648 40.57 48.64 9.68
CA TYR B 648 40.34 47.21 9.44
C TYR B 648 41.68 46.50 9.16
N GLN B 649 42.05 45.57 10.04
CA GLN B 649 43.25 44.77 9.92
C GLN B 649 42.97 43.46 9.21
N ASP B 650 44.04 42.70 8.92
CA ASP B 650 43.92 41.42 8.21
C ASP B 650 43.69 40.24 9.15
N THR B 651 42.78 40.43 10.10
CA THR B 651 42.33 39.36 10.95
C THR B 651 41.00 38.84 10.41
N LEU B 652 40.67 37.60 10.77
CA LEU B 652 39.36 37.04 10.46
C LEU B 652 38.28 37.80 11.22
N GLY B 653 38.56 38.17 12.46
CA GLY B 653 37.64 38.97 13.26
C GLY B 653 37.23 40.25 12.56
N ASP B 654 38.21 40.94 11.98
CA ASP B 654 37.92 42.17 11.27
C ASP B 654 37.18 41.96 9.95
N LEU B 655 37.34 40.80 9.33
CA LEU B 655 36.60 40.49 8.11
C LEU B 655 35.12 40.21 8.41
N LEU B 656 34.84 39.53 9.51
CA LEU B 656 33.45 39.29 9.89
C LEU B 656 32.81 40.60 10.33
N LYS B 657 33.56 41.45 11.01
CA LYS B 657 33.09 42.82 11.31
C LYS B 657 32.82 43.58 10.02
N PHE B 658 33.71 43.40 9.04
CA PHE B 658 33.55 44.01 7.74
C PHE B 658 32.23 43.56 7.13
N ILE B 659 31.98 42.25 7.16
CA ILE B 659 30.78 41.68 6.55
C ILE B 659 29.50 42.11 7.28
N ARG B 660 29.54 42.14 8.60
CA ARG B 660 28.44 42.67 9.37
C ARG B 660 28.13 44.11 9.02
N ASN B 661 29.16 44.95 8.93
CA ASN B 661 28.96 46.40 8.70
C ASN B 661 28.40 46.66 7.33
N LEU B 662 28.99 46.02 6.32
CA LEU B 662 28.50 46.15 4.97
C LEU B 662 27.06 45.69 4.87
N GLY B 663 26.72 44.61 5.56
CA GLY B 663 25.39 44.04 5.53
C GLY B 663 24.34 45.05 5.94
N GLU B 664 24.67 45.84 6.97
CA GLU B 664 23.72 46.78 7.53
C GLU B 664 23.50 48.02 6.67
N HIS B 665 24.57 48.48 5.99
CA HIS B 665 24.51 49.78 5.30
C HIS B 665 24.60 49.72 3.78
N ILE B 666 24.68 48.52 3.20
CA ILE B 666 24.90 48.38 1.76
C ILE B 666 23.79 49.03 0.94
N ASN B 667 22.55 49.04 1.44
CA ASN B 667 21.42 49.56 0.64
C ASN B 667 21.12 51.03 0.84
N GLU B 668 21.87 51.71 1.70
CA GLU B 668 21.61 53.12 2.01
C GLU B 668 22.00 54.01 0.82
N GLN B 669 21.31 55.15 0.69
CA GLN B 669 21.47 56.05 -0.46
C GLN B 669 22.92 56.50 -0.66
N LYS B 670 23.57 56.79 0.45
CA LYS B 670 24.98 57.25 0.45
C LYS B 670 26.00 56.24 -0.15
N ASN B 671 25.61 54.98 -0.31
CA ASN B 671 26.55 53.91 -0.67
C ASN B 671 26.11 53.18 -1.96
N LYS B 672 25.38 53.84 -2.83
CA LYS B 672 24.86 53.18 -4.03
C LYS B 672 25.96 52.66 -4.97
N LYS B 673 27.08 53.36 -5.02
CA LYS B 673 28.18 53.00 -5.92
C LYS B 673 28.91 51.73 -5.42
N MET B 674 29.14 51.68 -4.11
CA MET B 674 29.64 50.48 -3.45
C MET B 674 28.74 49.28 -3.77
N LYS B 675 27.42 49.45 -3.60
CA LYS B 675 26.45 48.39 -3.91
C LYS B 675 26.56 47.86 -5.34
N SER B 676 26.87 48.73 -6.29
CA SER B 676 27.01 48.29 -7.69
C SER B 676 28.32 47.53 -7.94
N ILE B 677 29.37 47.88 -7.21
CA ILE B 677 30.65 47.19 -7.34
C ILE B 677 30.55 45.78 -6.69
N ILE B 678 29.81 45.68 -5.61
CA ILE B 678 29.71 44.42 -4.87
C ILE B 678 28.73 43.43 -5.50
N GLY B 679 27.61 43.94 -5.97
CA GLY B 679 26.54 43.08 -6.48
C GLY B 679 25.87 42.46 -5.26
N GLU B 680 25.34 41.25 -5.41
CA GLU B 680 24.73 40.53 -4.29
C GLU B 680 25.87 40.16 -3.30
N PRO B 681 25.79 40.65 -2.05
CA PRO B 681 26.98 40.55 -1.18
C PRO B 681 27.35 39.14 -0.75
N SER B 682 26.39 38.26 -0.53
CA SER B 682 26.69 36.88 -0.15
C SER B 682 27.56 36.17 -1.18
N GLN B 683 27.18 36.30 -2.45
CA GLN B 683 27.91 35.75 -3.57
C GLN B 683 29.31 36.36 -3.68
N TYR B 684 29.43 37.66 -3.36
CA TYR B 684 30.69 38.37 -3.42
C TYR B 684 31.72 37.72 -2.49
N PHE B 685 31.38 37.64 -1.22
CA PHE B 685 32.32 37.14 -0.19
C PHE B 685 32.67 35.68 -0.37
N GLN B 686 31.69 34.88 -0.78
CA GLN B 686 31.93 33.47 -0.98
C GLN B 686 32.93 33.21 -2.13
N GLU B 687 32.79 33.97 -3.23
CA GLU B 687 33.68 33.81 -4.40
C GLU B 687 35.09 34.32 -4.12
N LYS B 688 35.17 35.47 -3.48
CA LYS B 688 36.48 36.03 -3.13
C LYS B 688 37.15 35.31 -1.96
N PHE B 689 36.38 34.70 -1.07
CA PHE B 689 36.93 33.94 0.05
C PHE B 689 36.24 32.58 0.15
N PRO B 690 36.60 31.62 -0.71
CA PRO B 690 35.86 30.35 -0.79
C PRO B 690 35.89 29.49 0.45
N ASP B 691 36.95 29.60 1.24
CA ASP B 691 37.13 28.80 2.43
C ASP B 691 36.51 29.45 3.66
N LEU B 692 35.93 30.65 3.53
CA LEU B 692 35.47 31.42 4.69
C LEU B 692 34.37 30.68 5.44
N VAL B 693 33.26 30.35 4.77
CA VAL B 693 32.11 29.72 5.44
C VAL B 693 32.53 28.43 6.17
N MET B 694 33.29 27.57 5.48
CA MET B 694 33.73 26.34 6.08
C MET B 694 34.68 26.60 7.27
N TYR B 695 35.53 27.61 7.17
CA TYR B 695 36.45 27.94 8.24
C TYR B 695 35.69 28.33 9.50
N VAL B 696 34.73 29.22 9.35
CA VAL B 696 33.89 29.66 10.49
C VAL B 696 33.11 28.47 11.04
N TYR B 697 32.57 27.65 10.14
CA TYR B 697 31.85 26.45 10.56
C TYR B 697 32.71 25.53 11.41
N THR B 698 33.90 25.21 10.93
CA THR B 698 34.78 24.32 11.66
C THR B 698 35.23 24.89 13.00
N LYS B 699 35.44 26.19 13.08
CA LYS B 699 35.88 26.79 14.32
C LYS B 699 34.82 26.88 15.42
N LEU B 700 33.56 27.00 15.02
CA LEU B 700 32.49 27.24 15.97
C LEU B 700 31.52 26.06 16.09
N GLN B 701 31.79 24.93 15.45
CA GLN B 701 30.74 23.95 15.28
C GLN B 701 30.25 23.28 16.56
N ASN B 702 31.11 23.06 17.53
CA ASN B 702 30.65 22.47 18.80
C ASN B 702 30.87 23.42 19.95
N THR B 703 30.53 24.67 19.72
CA THR B 703 30.70 25.71 20.72
C THR B 703 29.36 26.38 20.97
N GLU B 704 29.36 27.30 21.91
CA GLU B 704 28.16 28.09 22.18
C GLU B 704 27.75 28.92 20.95
N TYR B 705 28.73 29.29 20.13
CA TYR B 705 28.48 30.15 18.98
C TYR B 705 27.83 29.45 17.81
N MET B 706 27.66 28.15 17.91
CA MET B 706 26.78 27.37 17.05
C MET B 706 25.40 28.04 16.88
N LYS B 707 24.94 28.78 17.90
CA LYS B 707 23.71 29.61 17.86
C LYS B 707 23.52 30.45 16.60
N HIS B 708 24.61 30.91 16.01
CA HIS B 708 24.55 31.74 14.82
C HIS B 708 24.33 30.95 13.53
N PHE B 709 24.49 29.63 13.56
CA PHE B 709 24.22 28.82 12.37
C PHE B 709 22.70 28.89 12.03
N PRO B 710 22.33 28.64 10.79
CA PRO B 710 20.90 28.63 10.50
C PRO B 710 20.27 27.43 11.13
N LYS B 711 18.99 27.54 11.42
CA LYS B 711 18.23 26.41 11.89
C LYS B 711 18.08 25.38 10.77
N THR B 712 18.38 24.11 11.05
CA THR B 712 18.37 23.02 10.04
C THR B 712 17.22 22.01 10.28
N HIS B 713 17.31 20.76 9.80
CA HIS B 713 16.15 19.83 9.82
C HIS B 713 15.94 19.07 11.15
N ASN B 714 14.69 19.02 11.62
CA ASN B 714 14.31 18.18 12.79
C ASN B 714 13.31 17.11 12.36
#